data_8EPS
#
_entry.id   8EPS
#
_cell.length_a   63.138
_cell.length_b   86.889
_cell.length_c   105.861
_cell.angle_alpha   66.220
_cell.angle_beta   73.160
_cell.angle_gamma   89.320
#
_symmetry.space_group_name_H-M   'P 1'
#
loop_
_entity.id
_entity.type
_entity.pdbx_description
1 polymer 'Acetyl-coenzyme A synthetase'
2 non-polymer "5'-O-{(S)-hydroxy[(prop-2-en-1-yl)oxy]phosphoryl}adenosine"
3 water water
#
_entity_poly.entity_id   1
_entity_poly.type   'polypeptide(L)'
_entity_poly.pdbx_seq_one_letter_code
;MHHHHHHHHENLYFQGKTEVAPGVHHVHPLPDSVPESEDLFAPPPRMQGKEGRPKPHIGPNYESYVKEWAKTVGPNSDEW
WAAKARETLDWYDDFKTVRAGGFEHGDVQWFPEGTLNAAYNCLDRHYYKNPKKTAIIYEADEPSESREVSYEELMQETCR
VANVLKSYGVKKGDAVSIYLPMTWQAAAAFLACARIGAIHSAVFAGFSAESLRDRVNDCECKVLITTDEGRRGGKTIATK
QIVDAALQQCPLVENVLVLRRTGNKVPMTEGRDKWWDEECAKMPAYCPCERMASEDPLFILYTSGSTGKPKGVVHSTAGY
LLGTALTLKYVFDAHPDDRFACMADIGWITGHSYIIYGPLANGITTAVFESTPVYPTPSRYWDFVDKWKATQLYTAPTAI
RLLRRMGEDHVKNHDLSSLRVLGSVGEPINPEAWHWYNDFAGKNQCAIVDTYWMTETGSISIAPLPGAISTKPGSATFPF
FGMDVDIIDPQTGQVLEGNDVEGVLVARRPWPSIARTVYRDHKRYLETYMKPYPGYFFFGDGAARDYDGYMWIKGRVDDV
INVSGHRLSTAEVESALILHKGVAETAVVGCADDLTGQAVYAFVTMKPEFDLKATKEADLSKELAIQVRKVIGPFAAPKK
IYLVSDLPKTRSGKIMRRVLRKIVAGEGDQLGDLSSIADPQIVEEVKQKVTGSA
;
_entity_poly.pdbx_strand_id   A,B,C
#
loop_
_chem_comp.id
_chem_comp.type
_chem_comp.name
_chem_comp.formula
WPO non-polymer 5'-O-{(S)-hydroxy[(prop-2-en-1-yl)oxy]phosphoryl}adenosine 'C13 H18 N5 O7 P'
#
# COMPACT_ATOMS: atom_id res chain seq x y z
N HIS A 25 -42.24 40.08 -18.57
CA HIS A 25 -41.47 38.91 -18.17
C HIS A 25 -41.90 38.41 -16.80
N HIS A 26 -42.03 37.09 -16.68
CA HIS A 26 -42.37 36.49 -15.40
C HIS A 26 -41.22 36.63 -14.40
N VAL A 27 -40.00 36.46 -14.87
CA VAL A 27 -38.81 36.48 -14.01
C VAL A 27 -38.13 37.83 -14.16
N HIS A 28 -37.88 38.50 -13.02
CA HIS A 28 -37.24 39.81 -13.01
C HIS A 28 -35.86 39.73 -12.35
N PRO A 29 -34.88 40.47 -12.85
CA PRO A 29 -33.58 40.49 -12.17
C PRO A 29 -33.69 41.01 -10.75
N LEU A 30 -32.60 40.89 -10.01
CA LEU A 30 -32.57 41.46 -8.67
C LEU A 30 -32.70 42.98 -8.77
N PRO A 31 -33.55 43.61 -7.95
CA PRO A 31 -33.74 45.06 -8.06
C PRO A 31 -32.42 45.82 -8.14
N ASP A 32 -32.35 46.71 -9.13
CA ASP A 32 -31.16 47.51 -9.38
C ASP A 32 -31.58 48.89 -9.85
N SER A 33 -30.72 49.88 -9.60
CA SER A 33 -31.02 51.24 -9.99
C SER A 33 -30.75 51.50 -11.48
N VAL A 34 -29.92 50.67 -12.10
CA VAL A 34 -29.60 50.81 -13.52
C VAL A 34 -30.70 50.16 -14.35
N PRO A 35 -31.18 50.79 -15.42
CA PRO A 35 -32.17 50.11 -16.27
C PRO A 35 -31.58 48.88 -16.92
N GLU A 36 -32.43 47.84 -17.06
CA GLU A 36 -31.96 46.57 -17.59
C GLU A 36 -31.27 46.74 -18.94
N SER A 37 -31.70 47.72 -19.74
CA SER A 37 -31.09 47.95 -21.04
C SER A 37 -29.67 48.49 -20.95
N GLU A 38 -29.25 48.95 -19.77
CA GLU A 38 -27.90 49.46 -19.56
C GLU A 38 -27.18 48.67 -18.45
N ASP A 39 -27.52 47.38 -18.33
CA ASP A 39 -27.04 46.56 -17.22
C ASP A 39 -26.46 45.25 -17.72
N LEU A 40 -25.88 45.25 -18.93
CA LEU A 40 -25.21 44.08 -19.51
C LEU A 40 -23.78 44.47 -19.82
N PHE A 41 -22.83 43.74 -19.22
CA PHE A 41 -21.41 44.11 -19.23
C PHE A 41 -20.61 43.04 -19.95
N ALA A 42 -20.27 43.32 -21.22
CA ALA A 42 -19.46 42.40 -22.00
C ALA A 42 -18.06 42.28 -21.42
N PRO A 43 -17.35 41.20 -21.73
CA PRO A 43 -15.96 41.07 -21.25
C PRO A 43 -15.13 42.28 -21.64
N PRO A 44 -14.53 42.96 -20.68
CA PRO A 44 -13.79 44.19 -21.00
C PRO A 44 -12.46 43.88 -21.68
N PRO A 45 -11.71 44.92 -22.07
CA PRO A 45 -10.48 44.67 -22.85
C PRO A 45 -9.43 43.86 -22.12
N ARG A 46 -9.32 43.97 -20.80
CA ARG A 46 -8.35 43.15 -20.07
C ARG A 46 -8.63 41.65 -20.22
N MET A 47 -9.87 41.28 -20.55
CA MET A 47 -10.24 39.89 -20.77
C MET A 47 -10.39 39.56 -22.24
N GLN A 48 -9.86 40.40 -23.12
CA GLN A 48 -9.90 40.18 -24.56
C GLN A 48 -8.52 39.95 -25.16
N GLY A 49 -7.52 39.68 -24.33
CA GLY A 49 -6.18 39.50 -24.82
C GLY A 49 -5.52 40.77 -25.31
N LYS A 50 -5.99 41.93 -24.85
CA LYS A 50 -5.43 43.21 -25.23
C LYS A 50 -4.57 43.75 -24.09
N GLU A 51 -3.97 44.93 -24.32
CA GLU A 51 -3.11 45.57 -23.34
C GLU A 51 -2.03 44.63 -22.82
N GLY A 52 -1.68 43.61 -23.61
CA GLY A 52 -0.70 42.64 -23.21
C GLY A 52 -1.19 41.59 -22.26
N ARG A 53 -2.49 41.52 -22.00
CA ARG A 53 -3.02 40.52 -21.08
C ARG A 53 -3.19 39.18 -21.78
N PRO A 54 -3.23 38.09 -21.01
CA PRO A 54 -3.35 36.76 -21.64
C PRO A 54 -4.68 36.59 -22.35
N LYS A 55 -4.64 35.89 -23.48
CA LYS A 55 -5.87 35.55 -24.18
C LYS A 55 -6.70 34.62 -23.31
N PRO A 56 -8.00 34.87 -23.14
CA PRO A 56 -8.81 33.98 -22.30
C PRO A 56 -8.86 32.56 -22.86
N HIS A 57 -8.91 31.59 -21.95
CA HIS A 57 -8.97 30.20 -22.38
C HIS A 57 -10.25 29.92 -23.17
N ILE A 58 -11.37 30.50 -22.73
CA ILE A 58 -12.64 30.43 -23.45
C ILE A 58 -13.05 31.84 -23.81
N GLY A 59 -13.35 32.06 -25.08
CA GLY A 59 -13.81 33.34 -25.55
C GLY A 59 -14.21 33.29 -27.02
N PRO A 60 -14.77 34.38 -27.54
CA PRO A 60 -15.04 35.66 -26.87
C PRO A 60 -16.51 35.88 -26.50
N ASN A 61 -17.40 34.92 -26.74
CA ASN A 61 -18.84 35.16 -26.63
C ASN A 61 -19.51 33.97 -25.96
N TYR A 62 -20.81 34.11 -25.72
CA TYR A 62 -21.58 33.04 -25.11
C TYR A 62 -21.49 31.76 -25.92
N GLU A 63 -21.43 31.87 -27.25
CA GLU A 63 -21.37 30.68 -28.09
C GLU A 63 -20.10 29.88 -27.80
N SER A 64 -18.96 30.56 -27.69
CA SER A 64 -17.71 29.86 -27.38
C SER A 64 -17.80 29.11 -26.05
N TYR A 65 -18.68 29.54 -25.15
CA TYR A 65 -18.84 28.82 -23.88
C TYR A 65 -19.68 27.56 -24.06
N VAL A 66 -20.80 27.65 -24.78
CA VAL A 66 -21.67 26.49 -24.97
C VAL A 66 -20.97 25.44 -25.82
N LYS A 67 -20.22 25.88 -26.84
CA LYS A 67 -19.48 24.95 -27.67
C LYS A 67 -18.65 23.99 -26.82
N GLU A 68 -17.95 24.52 -25.82
CA GLU A 68 -17.13 23.68 -24.96
C GLU A 68 -17.95 23.06 -23.83
N TRP A 69 -18.89 23.82 -23.25
CA TRP A 69 -19.70 23.30 -22.17
C TRP A 69 -20.46 22.04 -22.58
N ALA A 70 -21.06 22.07 -23.78
CA ALA A 70 -21.88 20.95 -24.21
C ALA A 70 -21.07 19.65 -24.32
N LYS A 71 -19.76 19.75 -24.51
CA LYS A 71 -18.93 18.54 -24.53
C LYS A 71 -18.86 17.87 -23.17
N THR A 72 -19.11 18.60 -22.09
CA THR A 72 -18.84 18.12 -20.74
C THR A 72 -20.07 17.54 -20.06
N VAL A 73 -21.22 17.53 -20.72
CA VAL A 73 -22.46 17.03 -20.13
C VAL A 73 -23.11 16.06 -21.09
N GLY A 74 -23.98 15.21 -20.55
CA GLY A 74 -24.68 14.23 -21.33
C GLY A 74 -23.92 12.92 -21.45
N PRO A 75 -24.51 11.95 -22.15
CA PRO A 75 -23.87 10.61 -22.22
C PRO A 75 -22.60 10.57 -23.05
N ASN A 76 -22.28 11.61 -23.82
CA ASN A 76 -21.11 11.62 -24.69
C ASN A 76 -19.96 12.43 -24.12
N SER A 77 -19.95 12.68 -22.81
CA SER A 77 -18.94 13.52 -22.18
C SER A 77 -17.81 12.73 -21.55
N ASP A 78 -17.88 11.39 -21.54
CA ASP A 78 -16.79 10.59 -20.98
C ASP A 78 -15.47 10.92 -21.67
N GLU A 79 -15.49 10.99 -23.00
CA GLU A 79 -14.27 11.24 -23.76
C GLU A 79 -13.60 12.54 -23.32
N TRP A 80 -14.40 13.60 -23.18
CA TRP A 80 -13.86 14.89 -22.76
C TRP A 80 -13.27 14.79 -21.36
N TRP A 81 -14.02 14.23 -20.41
CA TRP A 81 -13.55 14.17 -19.03
C TRP A 81 -12.34 13.26 -18.89
N ALA A 82 -12.27 12.19 -19.68
CA ALA A 82 -11.09 11.34 -19.65
C ALA A 82 -9.85 12.11 -20.09
N ALA A 83 -10.01 13.02 -21.07
CA ALA A 83 -8.87 13.80 -21.55
C ALA A 83 -8.45 14.85 -20.53
N LYS A 84 -9.41 15.65 -20.05
CA LYS A 84 -9.09 16.68 -19.07
C LYS A 84 -8.46 16.07 -17.82
N ALA A 85 -8.95 14.90 -17.39
CA ALA A 85 -8.37 14.25 -16.23
C ALA A 85 -6.90 13.94 -16.46
N ARG A 86 -6.54 13.52 -17.67
CA ARG A 86 -5.15 13.21 -17.99
C ARG A 86 -4.35 14.46 -18.34
N GLU A 87 -5.02 15.51 -18.82
CA GLU A 87 -4.32 16.77 -19.09
C GLU A 87 -3.98 17.49 -17.78
N THR A 88 -4.90 17.46 -16.83
CA THR A 88 -4.81 18.32 -15.65
C THR A 88 -3.91 17.73 -14.57
N LEU A 89 -4.04 16.43 -14.31
CA LEU A 89 -3.41 15.79 -13.16
C LEU A 89 -2.40 14.74 -13.61
N ASP A 90 -1.35 14.59 -12.81
CA ASP A 90 -0.40 13.49 -12.96
C ASP A 90 -0.93 12.27 -12.22
N TRP A 91 -0.79 11.10 -12.82
CA TRP A 91 -1.35 9.87 -12.30
C TRP A 91 -0.26 8.85 -12.06
N TYR A 92 -0.30 8.22 -10.89
CA TYR A 92 0.59 7.08 -10.63
C TYR A 92 0.12 5.86 -11.42
N ASP A 93 -1.18 5.57 -11.37
CA ASP A 93 -1.79 4.50 -12.17
C ASP A 93 -2.97 5.09 -12.92
N ASP A 94 -3.05 4.81 -14.22
CA ASP A 94 -4.11 5.35 -15.04
C ASP A 94 -5.45 4.71 -14.69
N PHE A 95 -6.52 5.37 -15.11
CA PHE A 95 -7.88 4.88 -14.90
C PHE A 95 -8.41 4.22 -16.17
N LYS A 96 -9.38 3.32 -15.98
CA LYS A 96 -10.07 2.65 -17.07
C LYS A 96 -11.49 3.15 -17.26
N THR A 97 -12.27 3.23 -16.18
CA THR A 97 -13.61 3.76 -16.21
C THR A 97 -13.59 5.25 -15.88
N VAL A 98 -14.45 6.01 -16.55
CA VAL A 98 -14.48 7.47 -16.34
C VAL A 98 -15.46 7.85 -15.24
N ARG A 99 -16.66 7.26 -15.22
CA ARG A 99 -17.64 7.60 -14.21
C ARG A 99 -18.57 6.41 -14.00
N ALA A 100 -19.14 6.35 -12.80
CA ALA A 100 -20.13 5.33 -12.47
C ALA A 100 -20.93 5.83 -11.26
N GLY A 101 -21.92 5.03 -10.86
CA GLY A 101 -22.71 5.34 -9.69
C GLY A 101 -23.72 6.45 -9.95
N GLY A 102 -24.41 6.84 -8.89
CA GLY A 102 -25.45 7.84 -9.01
C GLY A 102 -25.91 8.32 -7.64
N PHE A 103 -26.96 9.14 -7.67
CA PHE A 103 -27.47 9.76 -6.46
C PHE A 103 -28.25 8.78 -5.59
N GLU A 104 -28.93 7.81 -6.21
CA GLU A 104 -29.89 6.99 -5.48
C GLU A 104 -29.28 6.38 -4.22
N HIS A 105 -28.12 5.75 -4.35
CA HIS A 105 -27.48 5.06 -3.24
C HIS A 105 -26.16 5.68 -2.83
N GLY A 106 -25.82 6.84 -3.39
CA GLY A 106 -24.58 7.50 -3.05
C GLY A 106 -23.37 6.65 -3.32
N ASP A 107 -23.20 6.24 -4.58
CA ASP A 107 -22.08 5.41 -5.00
C ASP A 107 -21.30 6.09 -6.13
N VAL A 108 -21.23 7.43 -6.09
CA VAL A 108 -20.57 8.17 -7.15
C VAL A 108 -19.12 7.71 -7.27
N GLN A 109 -18.70 7.46 -8.50
CA GLN A 109 -17.34 7.06 -8.82
C GLN A 109 -16.81 7.88 -9.98
N TRP A 110 -15.52 8.24 -9.91
CA TRP A 110 -14.86 8.94 -10.99
C TRP A 110 -13.43 8.42 -11.06
N PHE A 111 -13.06 7.86 -12.22
CA PHE A 111 -11.72 7.34 -12.44
C PHE A 111 -11.31 6.35 -11.35
N PRO A 112 -12.15 5.34 -11.08
CA PRO A 112 -11.91 4.51 -9.88
C PRO A 112 -10.63 3.71 -9.95
N GLU A 113 -10.25 3.21 -11.13
CA GLU A 113 -9.05 2.39 -11.23
C GLU A 113 -7.76 3.20 -11.15
N GLY A 114 -7.84 4.53 -11.29
CA GLY A 114 -6.65 5.34 -11.26
C GLY A 114 -6.18 5.64 -9.84
N THR A 115 -4.91 6.04 -9.75
CA THR A 115 -4.32 6.41 -8.48
C THR A 115 -3.45 7.66 -8.68
N LEU A 116 -3.34 8.46 -7.63
CA LEU A 116 -2.55 9.68 -7.66
C LEU A 116 -2.30 10.12 -6.23
N ASN A 117 -1.69 11.29 -6.07
CA ASN A 117 -1.53 11.92 -4.77
C ASN A 117 -1.75 13.41 -4.92
N ALA A 118 -2.57 13.97 -4.02
CA ALA A 118 -2.89 15.40 -4.10
C ALA A 118 -1.63 16.24 -3.93
N ALA A 119 -0.81 15.91 -2.92
CA ALA A 119 0.38 16.71 -2.65
C ALA A 119 1.32 16.71 -3.85
N TYR A 120 1.43 15.58 -4.55
CA TYR A 120 2.31 15.53 -5.71
C TYR A 120 1.86 16.52 -6.78
N ASN A 121 0.56 16.60 -7.04
CA ASN A 121 0.04 17.48 -8.08
C ASN A 121 -0.04 18.94 -7.65
N CYS A 122 0.10 19.23 -6.35
CA CYS A 122 0.09 20.59 -5.87
C CYS A 122 1.48 21.10 -5.49
N LEU A 123 2.46 20.21 -5.30
CA LEU A 123 3.78 20.61 -4.87
C LEU A 123 4.87 20.02 -5.77
N ASP A 124 5.16 18.73 -5.59
CA ASP A 124 6.31 18.10 -6.24
C ASP A 124 6.46 18.50 -7.69
N ARG A 125 5.46 18.17 -8.53
CA ARG A 125 5.61 18.37 -9.96
C ARG A 125 5.85 19.83 -10.31
N HIS A 126 5.43 20.76 -9.47
CA HIS A 126 5.74 22.17 -9.67
C HIS A 126 7.11 22.54 -9.11
N TYR A 127 7.48 21.94 -7.97
CA TYR A 127 8.83 22.14 -7.45
C TYR A 127 9.88 21.63 -8.42
N TYR A 128 9.58 20.54 -9.13
CA TYR A 128 10.53 20.00 -10.10
C TYR A 128 10.70 20.89 -11.32
N LYS A 129 9.75 21.79 -11.58
CA LYS A 129 9.79 22.66 -12.75
C LYS A 129 10.39 24.03 -12.45
N ASN A 130 9.87 24.70 -11.42
CA ASN A 130 10.38 26.02 -11.02
C ASN A 130 10.37 26.07 -9.49
N PRO A 131 11.42 25.55 -8.85
CA PRO A 131 11.39 25.48 -7.38
C PRO A 131 11.40 26.84 -6.71
N LYS A 132 12.03 27.86 -7.29
CA LYS A 132 12.04 29.19 -6.69
C LYS A 132 10.77 29.97 -6.97
N LYS A 133 9.83 29.41 -7.73
CA LYS A 133 8.58 30.11 -8.02
C LYS A 133 7.76 30.26 -6.74
N THR A 134 7.21 31.45 -6.55
CA THR A 134 6.41 31.71 -5.36
C THR A 134 5.12 30.88 -5.42
N ALA A 135 4.87 30.14 -4.35
CA ALA A 135 3.62 29.38 -4.18
C ALA A 135 2.59 30.15 -3.38
N ILE A 136 3.01 30.79 -2.29
CA ILE A 136 2.10 31.48 -1.38
C ILE A 136 2.60 32.89 -1.16
N ILE A 137 1.69 33.86 -1.27
CA ILE A 137 1.94 35.21 -0.80
C ILE A 137 1.35 35.29 0.60
N TYR A 138 2.21 35.15 1.61
CA TYR A 138 1.78 35.22 3.00
C TYR A 138 1.62 36.69 3.36
N GLU A 139 0.37 37.14 3.45
CA GLU A 139 0.05 38.52 3.85
C GLU A 139 -0.32 38.48 5.33
N ALA A 140 0.67 38.70 6.19
CA ALA A 140 0.46 38.61 7.62
C ALA A 140 -0.48 39.72 8.10
N ASP A 141 -1.10 39.47 9.26
CA ASP A 141 -1.99 40.46 9.86
C ASP A 141 -1.35 41.84 9.87
N GLU A 142 -0.05 41.90 10.20
CA GLU A 142 0.70 43.14 10.05
C GLU A 142 1.31 43.20 8.66
N PRO A 143 1.04 44.24 7.86
CA PRO A 143 1.56 44.26 6.49
C PRO A 143 3.06 44.12 6.38
N SER A 144 3.82 44.56 7.40
CA SER A 144 5.27 44.52 7.30
C SER A 144 5.83 43.11 7.45
N GLU A 145 5.09 42.20 8.07
CA GLU A 145 5.55 40.83 8.31
C GLU A 145 5.18 39.89 7.16
N SER A 146 4.83 40.43 6.00
CA SER A 146 4.45 39.62 4.85
C SER A 146 5.68 39.19 4.06
N ARG A 147 5.58 38.05 3.39
CA ARG A 147 6.67 37.58 2.56
C ARG A 147 6.14 36.55 1.57
N GLU A 148 7.01 36.14 0.65
CA GLU A 148 6.72 35.13 -0.35
C GLU A 148 7.25 33.77 0.09
N VAL A 149 6.51 32.72 -0.21
CA VAL A 149 6.88 31.35 0.11
C VAL A 149 6.97 30.59 -1.20
N SER A 150 8.18 30.20 -1.58
CA SER A 150 8.37 29.46 -2.82
C SER A 150 7.77 28.07 -2.69
N TYR A 151 7.69 27.37 -3.84
CA TYR A 151 7.28 25.98 -3.82
C TYR A 151 8.30 25.12 -3.06
N GLU A 152 9.59 25.35 -3.32
CA GLU A 152 10.63 24.61 -2.62
C GLU A 152 10.45 24.71 -1.11
N GLU A 153 10.33 25.93 -0.58
CA GLU A 153 10.14 26.09 0.85
C GLU A 153 8.84 25.43 1.30
N LEU A 154 7.78 25.54 0.50
CA LEU A 154 6.49 24.97 0.88
C LEU A 154 6.53 23.45 0.85
N MET A 155 7.15 22.88 -0.19
CA MET A 155 7.26 21.42 -0.27
C MET A 155 8.09 20.88 0.89
N GLN A 156 9.14 21.60 1.29
CA GLN A 156 10.01 21.11 2.35
C GLN A 156 9.30 21.11 3.69
N GLU A 157 8.60 22.19 4.01
CA GLU A 157 7.86 22.23 5.26
C GLU A 157 6.74 21.18 5.28
N THR A 158 6.17 20.88 4.11
CA THR A 158 5.12 19.88 4.04
C THR A 158 5.67 18.49 4.31
N CYS A 159 6.78 18.14 3.66
CA CYS A 159 7.39 16.83 3.89
C CYS A 159 7.82 16.64 5.33
N ARG A 160 8.28 17.71 5.99
CA ARG A 160 8.67 17.59 7.38
C ARG A 160 7.47 17.27 8.27
N VAL A 161 6.35 17.96 8.05
CA VAL A 161 5.16 17.71 8.85
C VAL A 161 4.62 16.31 8.59
N ALA A 162 4.66 15.87 7.34
CA ALA A 162 4.20 14.52 7.02
C ALA A 162 5.01 13.48 7.79
N ASN A 163 6.33 13.65 7.80
CA ASN A 163 7.18 12.71 8.54
C ASN A 163 6.90 12.76 10.03
N VAL A 164 6.55 13.93 10.56
CA VAL A 164 6.15 14.02 11.95
C VAL A 164 4.87 13.22 12.18
N LEU A 165 3.89 13.41 11.29
CA LEU A 165 2.63 12.67 11.41
C LEU A 165 2.86 11.17 11.32
N LYS A 166 3.71 10.74 10.38
CA LYS A 166 4.03 9.32 10.29
C LYS A 166 4.72 8.83 11.56
N SER A 167 5.55 9.67 12.17
CA SER A 167 6.21 9.29 13.42
C SER A 167 5.21 9.13 14.56
N TYR A 168 4.06 9.79 14.48
CA TYR A 168 3.00 9.59 15.47
C TYR A 168 2.13 8.38 15.16
N GLY A 169 2.43 7.64 14.09
CA GLY A 169 1.63 6.48 13.73
C GLY A 169 0.43 6.77 12.86
N VAL A 170 0.30 7.99 12.34
CA VAL A 170 -0.81 8.29 11.44
C VAL A 170 -0.67 7.44 10.18
N LYS A 171 -1.74 6.75 9.82
CA LYS A 171 -1.76 5.87 8.67
C LYS A 171 -2.78 6.34 7.65
N LYS A 172 -2.64 5.85 6.43
CA LYS A 172 -3.63 6.11 5.39
C LYS A 172 -5.02 5.77 5.90
N GLY A 173 -5.94 6.73 5.77
CA GLY A 173 -7.29 6.58 6.25
C GLY A 173 -7.56 7.20 7.61
N ASP A 174 -6.52 7.61 8.33
CA ASP A 174 -6.69 8.23 9.63
C ASP A 174 -7.08 9.70 9.47
N ALA A 175 -7.93 10.17 10.38
CA ALA A 175 -8.35 11.56 10.39
C ALA A 175 -7.41 12.38 11.25
N VAL A 176 -7.12 13.60 10.80
CA VAL A 176 -6.32 14.57 11.55
C VAL A 176 -7.06 15.90 11.55
N SER A 177 -7.23 16.47 12.73
CA SER A 177 -7.90 17.76 12.87
C SER A 177 -6.88 18.89 12.77
N ILE A 178 -7.26 19.95 12.05
CA ILE A 178 -6.41 21.13 11.86
C ILE A 178 -7.18 22.33 12.39
N TYR A 179 -6.68 22.90 13.48
CA TYR A 179 -7.25 24.10 14.09
C TYR A 179 -6.22 25.23 13.97
N LEU A 180 -5.95 25.66 12.73
CA LEU A 180 -4.92 26.64 12.45
C LEU A 180 -5.52 27.95 11.93
N PRO A 181 -4.92 29.09 12.26
CA PRO A 181 -5.34 30.35 11.66
C PRO A 181 -4.70 30.54 10.29
N MET A 182 -4.96 31.69 9.67
CA MET A 182 -4.53 31.95 8.30
C MET A 182 -3.05 32.36 8.26
N THR A 183 -2.21 31.45 8.75
CA THR A 183 -0.77 31.52 8.51
C THR A 183 -0.43 30.54 7.40
N TRP A 184 0.62 30.85 6.64
CA TRP A 184 0.88 30.10 5.41
C TRP A 184 1.11 28.62 5.69
N GLN A 185 1.57 28.26 6.88
CA GLN A 185 1.83 26.86 7.19
C GLN A 185 0.56 26.01 7.14
N ALA A 186 -0.62 26.64 7.22
CA ALA A 186 -1.85 25.87 7.15
C ALA A 186 -1.92 25.06 5.85
N ALA A 187 -1.40 25.59 4.75
CA ALA A 187 -1.33 24.83 3.52
C ALA A 187 -0.42 23.62 3.67
N ALA A 188 0.71 23.79 4.38
CA ALA A 188 1.58 22.66 4.66
C ALA A 188 0.87 21.60 5.48
N ALA A 189 0.06 22.02 6.45
CA ALA A 189 -0.68 21.07 7.27
C ALA A 189 -1.67 20.28 6.42
N PHE A 190 -2.48 20.98 5.61
CA PHE A 190 -3.40 20.31 4.70
C PHE A 190 -2.67 19.30 3.83
N LEU A 191 -1.67 19.77 3.07
CA LEU A 191 -1.02 18.93 2.08
C LEU A 191 -0.21 17.81 2.72
N ALA A 192 0.20 17.95 3.99
CA ALA A 192 0.92 16.88 4.65
C ALA A 192 0.00 15.69 4.94
N CYS A 193 -1.24 15.97 5.35
CA CYS A 193 -2.21 14.89 5.53
C CYS A 193 -2.51 14.18 4.22
N ALA A 194 -2.66 14.95 3.14
CA ALA A 194 -2.93 14.34 1.84
C ALA A 194 -1.72 13.63 1.27
N ARG A 195 -0.51 14.04 1.68
CA ARG A 195 0.69 13.38 1.15
C ARG A 195 0.78 11.94 1.64
N ILE A 196 0.37 11.69 2.88
CA ILE A 196 0.46 10.35 3.46
C ILE A 196 -0.87 9.61 3.42
N GLY A 197 -1.89 10.19 2.81
CA GLY A 197 -3.18 9.53 2.70
C GLY A 197 -4.10 9.71 3.88
N ALA A 198 -3.76 10.61 4.80
CA ALA A 198 -4.64 10.87 5.93
C ALA A 198 -5.75 11.84 5.53
N ILE A 199 -6.77 11.93 6.37
CA ILE A 199 -7.96 12.72 6.08
C ILE A 199 -7.93 13.92 7.02
N HIS A 200 -7.55 15.09 6.52
CA HIS A 200 -7.55 16.26 7.38
C HIS A 200 -8.97 16.77 7.55
N SER A 201 -9.21 17.38 8.72
CA SER A 201 -10.52 17.90 9.09
C SER A 201 -10.29 19.29 9.70
N ALA A 202 -10.36 20.32 8.86
CA ALA A 202 -9.99 21.67 9.26
C ALA A 202 -11.18 22.40 9.88
N VAL A 203 -10.90 23.14 10.95
CA VAL A 203 -11.91 23.86 11.70
C VAL A 203 -11.50 25.33 11.80
N PHE A 204 -12.47 26.22 11.67
CA PHE A 204 -12.22 27.65 11.78
C PHE A 204 -11.47 27.98 13.05
N ALA A 205 -10.29 28.60 12.91
CA ALA A 205 -9.56 29.12 14.06
C ALA A 205 -10.39 30.24 14.69
N GLY A 206 -10.89 30.01 15.89
CA GLY A 206 -11.77 30.96 16.55
C GLY A 206 -13.01 30.29 17.10
N PHE A 207 -13.40 29.16 16.51
CA PHE A 207 -14.52 28.40 17.02
C PHE A 207 -14.30 28.04 18.49
N SER A 208 -15.40 27.99 19.24
CA SER A 208 -15.33 27.71 20.65
C SER A 208 -14.79 26.29 20.90
N ALA A 209 -14.40 26.04 22.14
CA ALA A 209 -13.95 24.71 22.52
C ALA A 209 -15.04 23.67 22.33
N GLU A 210 -16.30 24.05 22.52
CA GLU A 210 -17.40 23.11 22.35
C GLU A 210 -17.58 22.73 20.89
N SER A 211 -17.56 23.72 19.99
CA SER A 211 -17.66 23.44 18.57
C SER A 211 -16.48 22.59 18.12
N LEU A 212 -15.27 22.97 18.51
CA LEU A 212 -14.08 22.17 18.21
C LEU A 212 -14.21 20.78 18.78
N ARG A 213 -14.65 20.67 20.03
CA ARG A 213 -14.85 19.38 20.68
C ARG A 213 -15.68 18.45 19.79
N ASP A 214 -16.88 18.88 19.41
CA ASP A 214 -17.79 18.02 18.67
C ASP A 214 -17.18 17.57 17.35
N ARG A 215 -16.41 18.45 16.71
CA ARG A 215 -15.81 18.12 15.41
C ARG A 215 -14.61 17.20 15.57
N VAL A 216 -13.84 17.33 16.65
CA VAL A 216 -12.72 16.43 16.88
C VAL A 216 -13.23 15.03 17.24
N ASN A 217 -14.38 14.95 17.91
CA ASN A 217 -14.92 13.65 18.30
C ASN A 217 -15.56 12.93 17.13
N ASP A 218 -16.30 13.65 16.28
CA ASP A 218 -17.01 12.98 15.19
C ASP A 218 -16.06 12.34 14.19
N CYS A 219 -14.94 13.02 13.89
CA CYS A 219 -13.98 12.45 12.96
C CYS A 219 -13.08 11.40 13.61
N GLU A 220 -13.09 11.30 14.94
CA GLU A 220 -12.35 10.25 15.66
C GLU A 220 -10.85 10.33 15.39
N CYS A 221 -10.34 11.53 15.13
CA CYS A 221 -8.91 11.70 14.89
C CYS A 221 -8.13 11.49 16.18
N LYS A 222 -6.87 11.07 16.03
CA LYS A 222 -5.96 10.91 17.15
C LYS A 222 -4.84 11.95 17.16
N VAL A 223 -4.81 12.85 16.18
CA VAL A 223 -3.80 13.90 16.11
C VAL A 223 -4.50 15.22 15.82
N LEU A 224 -3.94 16.30 16.39
CA LEU A 224 -4.49 17.64 16.22
C LEU A 224 -3.35 18.61 15.96
N ILE A 225 -3.55 19.50 15.00
CA ILE A 225 -2.59 20.54 14.65
C ILE A 225 -3.23 21.89 14.96
N THR A 226 -2.45 22.80 15.51
CA THR A 226 -2.96 24.10 15.92
C THR A 226 -1.77 25.03 16.17
N THR A 227 -2.07 26.25 16.59
CA THR A 227 -1.07 27.25 16.94
C THR A 227 -1.16 27.56 18.43
N ASP A 228 -0.13 28.26 18.92
CA ASP A 228 -0.20 28.81 20.27
C ASP A 228 -1.23 29.92 20.35
N GLU A 229 -1.24 30.82 19.36
CA GLU A 229 -2.20 31.91 19.28
C GLU A 229 -2.37 32.30 17.83
N GLY A 230 -3.52 32.89 17.53
CA GLY A 230 -3.78 33.44 16.20
C GLY A 230 -3.83 34.95 16.22
N ARG A 231 -3.63 35.57 15.06
CA ARG A 231 -3.65 37.02 14.93
C ARG A 231 -4.53 37.41 13.76
N ARG A 232 -5.63 38.10 14.04
CA ARG A 232 -6.53 38.59 12.99
C ARG A 232 -7.05 39.97 13.39
N GLY A 233 -6.90 40.93 12.49
CA GLY A 233 -7.39 42.28 12.75
C GLY A 233 -6.80 42.91 13.99
N GLY A 234 -5.56 42.57 14.33
CA GLY A 234 -4.94 43.09 15.54
C GLY A 234 -5.40 42.45 16.82
N LYS A 235 -6.29 41.46 16.76
CA LYS A 235 -6.81 40.78 17.94
C LYS A 235 -6.27 39.36 17.99
N THR A 236 -5.92 38.92 19.20
CA THR A 236 -5.35 37.60 19.38
C THR A 236 -6.45 36.54 19.47
N ILE A 237 -6.11 35.32 19.02
CA ILE A 237 -6.98 34.16 19.12
C ILE A 237 -6.28 33.15 20.02
N ALA A 238 -6.90 32.83 21.16
CA ALA A 238 -6.32 31.90 22.13
C ALA A 238 -6.55 30.44 21.68
N THR A 239 -5.96 30.11 20.53
CA THR A 239 -6.19 28.80 19.94
C THR A 239 -5.79 27.68 20.90
N LYS A 240 -4.57 27.74 21.44
CA LYS A 240 -4.13 26.69 22.34
C LYS A 240 -4.96 26.65 23.61
N GLN A 241 -5.43 27.81 24.08
CA GLN A 241 -6.31 27.83 25.25
C GLN A 241 -7.63 27.14 24.93
N ILE A 242 -8.24 27.50 23.80
CA ILE A 242 -9.50 26.87 23.40
C ILE A 242 -9.29 25.38 23.17
N VAL A 243 -8.14 25.01 22.60
CA VAL A 243 -7.84 23.60 22.37
C VAL A 243 -7.76 22.84 23.69
N ASP A 244 -7.05 23.40 24.66
CA ASP A 244 -6.94 22.75 25.96
C ASP A 244 -8.31 22.50 26.57
N ALA A 245 -9.21 23.48 26.47
CA ALA A 245 -10.56 23.28 26.99
C ALA A 245 -11.31 22.21 26.22
N ALA A 246 -11.06 22.11 24.91
CA ALA A 246 -11.79 21.14 24.09
C ALA A 246 -11.29 19.73 24.35
N LEU A 247 -9.97 19.53 24.33
CA LEU A 247 -9.42 18.18 24.45
C LEU A 247 -9.69 17.54 25.79
N GLN A 248 -10.20 18.29 26.78
CA GLN A 248 -10.62 17.67 28.03
C GLN A 248 -11.74 16.66 27.82
N GLN A 249 -12.48 16.78 26.72
CA GLN A 249 -13.56 15.85 26.39
C GLN A 249 -13.32 15.18 25.03
N CYS A 250 -12.06 15.08 24.62
CA CYS A 250 -11.66 14.38 23.40
C CYS A 250 -10.68 13.29 23.79
N PRO A 251 -11.17 12.12 24.24
CA PRO A 251 -10.25 11.10 24.77
C PRO A 251 -9.28 10.56 23.74
N LEU A 252 -9.65 10.52 22.46
CA LEU A 252 -8.84 9.85 21.46
C LEU A 252 -7.58 10.64 21.09
N VAL A 253 -7.59 11.96 21.29
CA VAL A 253 -6.46 12.78 20.86
C VAL A 253 -5.25 12.45 21.73
N GLU A 254 -4.20 11.92 21.09
CA GLU A 254 -2.97 11.55 21.78
C GLU A 254 -1.82 12.51 21.52
N ASN A 255 -1.80 13.15 20.35
CA ASN A 255 -0.71 14.02 19.96
C ASN A 255 -1.27 15.36 19.47
N VAL A 256 -0.65 16.44 19.90
CA VAL A 256 -1.01 17.79 19.47
C VAL A 256 0.27 18.48 18.99
N LEU A 257 0.29 18.87 17.72
CA LEU A 257 1.39 19.65 17.17
C LEU A 257 1.03 21.12 17.25
N VAL A 258 1.88 21.91 17.90
CA VAL A 258 1.59 23.31 18.19
C VAL A 258 2.60 24.17 17.44
N LEU A 259 2.10 25.09 16.62
CA LEU A 259 2.94 25.99 15.84
C LEU A 259 3.18 27.28 16.62
N ARG A 260 4.43 27.73 16.62
CA ARG A 260 4.81 28.96 17.29
C ARG A 260 4.48 30.13 16.38
N ARG A 261 3.27 30.66 16.52
CA ARG A 261 2.82 31.76 15.68
C ARG A 261 3.11 33.13 16.31
N THR A 262 2.85 33.28 17.61
CA THR A 262 3.11 34.53 18.31
C THR A 262 4.27 34.46 19.28
N GLY A 263 4.59 33.26 19.79
CA GLY A 263 5.62 33.13 20.78
C GLY A 263 5.21 33.50 22.18
N ASN A 264 3.95 33.87 22.39
CA ASN A 264 3.47 34.17 23.74
C ASN A 264 3.32 32.88 24.54
N LYS A 265 3.52 33.01 25.86
CA LYS A 265 3.45 31.83 26.72
C LYS A 265 2.05 31.22 26.66
N VAL A 266 2.00 29.94 26.30
CA VAL A 266 0.75 29.18 26.31
C VAL A 266 0.99 27.90 27.10
N PRO A 267 -0.02 27.36 27.78
CA PRO A 267 0.17 26.09 28.47
C PRO A 267 0.47 24.97 27.49
N MET A 268 1.37 24.06 27.89
CA MET A 268 1.76 22.91 27.08
C MET A 268 1.69 21.67 27.95
N THR A 269 0.91 20.69 27.52
CA THR A 269 0.77 19.43 28.25
C THR A 269 1.97 18.53 27.94
N GLU A 270 2.71 18.16 28.99
CA GLU A 270 3.87 17.30 28.82
C GLU A 270 3.46 15.98 28.18
N GLY A 271 4.17 15.59 27.14
CA GLY A 271 3.92 14.33 26.46
C GLY A 271 2.97 14.44 25.28
N ARG A 272 1.80 15.03 25.50
CA ARG A 272 0.82 15.16 24.43
C ARG A 272 1.25 16.21 23.42
N ASP A 273 1.67 17.39 23.90
CA ASP A 273 1.90 18.55 23.05
C ASP A 273 3.38 18.71 22.74
N LYS A 274 3.70 18.87 21.46
CA LYS A 274 5.05 19.13 20.99
C LYS A 274 5.04 20.32 20.05
N TRP A 275 6.15 21.04 20.02
CA TRP A 275 6.25 22.24 19.18
C TRP A 275 6.52 21.88 17.72
N TRP A 276 5.79 22.55 16.83
CA TRP A 276 5.96 22.35 15.38
C TRP A 276 7.44 22.39 14.98
N ASP A 277 8.12 23.49 15.31
CA ASP A 277 9.49 23.67 14.83
C ASP A 277 10.42 22.60 15.38
N GLU A 278 10.27 22.26 16.68
CA GLU A 278 11.15 21.27 17.27
C GLU A 278 10.90 19.88 16.70
N GLU A 279 9.63 19.55 16.43
CA GLU A 279 9.34 18.24 15.85
C GLU A 279 9.85 18.15 14.41
N CYS A 280 9.63 19.18 13.61
CA CYS A 280 10.09 19.17 12.23
C CYS A 280 11.62 19.20 12.11
N ALA A 281 12.31 19.73 13.13
CA ALA A 281 13.77 19.80 13.08
C ALA A 281 14.40 18.41 13.08
N LYS A 282 13.71 17.41 13.60
CA LYS A 282 14.24 16.06 13.67
C LYS A 282 14.01 15.25 12.38
N MET A 283 13.24 15.77 11.44
CA MET A 283 12.78 15.00 10.30
C MET A 283 13.47 15.43 9.01
N PRO A 284 13.47 14.57 7.99
CA PRO A 284 14.00 14.98 6.69
C PRO A 284 13.06 15.96 6.00
N ALA A 285 13.60 16.63 4.98
CA ALA A 285 12.85 17.61 4.21
C ALA A 285 12.17 17.01 2.98
N TYR A 286 12.22 15.69 2.82
CA TYR A 286 11.46 15.01 1.79
C TYR A 286 10.67 13.87 2.41
N CYS A 287 9.55 13.53 1.79
CA CYS A 287 8.69 12.45 2.24
C CYS A 287 8.09 11.81 0.99
N PRO A 288 8.16 10.48 0.85
CA PRO A 288 7.52 9.83 -0.30
C PRO A 288 6.00 10.01 -0.25
N CYS A 289 5.39 10.00 -1.42
CA CYS A 289 3.96 10.19 -1.53
C CYS A 289 3.22 8.86 -1.48
N GLU A 290 2.14 8.82 -0.72
CA GLU A 290 1.28 7.65 -0.65
C GLU A 290 0.42 7.59 -1.91
N ARG A 291 0.35 6.41 -2.52
CA ARG A 291 -0.42 6.22 -3.75
C ARG A 291 -1.90 6.06 -3.39
N MET A 292 -2.68 7.09 -3.68
CA MET A 292 -4.08 7.15 -3.27
C MET A 292 -4.99 6.74 -4.42
N ALA A 293 -6.02 5.96 -4.11
CA ALA A 293 -7.04 5.65 -5.10
C ALA A 293 -7.91 6.87 -5.34
N SER A 294 -8.40 6.99 -6.56
CA SER A 294 -9.22 8.14 -6.94
C SER A 294 -10.29 8.42 -5.88
N GLU A 295 -10.87 7.37 -5.30
CA GLU A 295 -12.01 7.50 -4.39
C GLU A 295 -11.62 7.38 -2.92
N ASP A 296 -10.34 7.42 -2.60
CA ASP A 296 -9.95 7.51 -1.20
C ASP A 296 -10.30 8.90 -0.66
N PRO A 297 -10.93 9.00 0.51
CA PRO A 297 -11.31 10.32 1.01
C PRO A 297 -10.10 11.23 1.18
N LEU A 298 -10.26 12.48 0.76
CA LEU A 298 -9.20 13.48 0.91
C LEU A 298 -9.35 14.26 2.21
N PHE A 299 -10.56 14.73 2.51
CA PHE A 299 -10.75 15.51 3.74
C PHE A 299 -12.20 15.44 4.17
N ILE A 300 -12.42 15.79 5.44
CA ILE A 300 -13.73 16.02 6.01
C ILE A 300 -13.84 17.50 6.32
N LEU A 301 -14.94 18.12 5.93
CA LEU A 301 -15.20 19.52 6.25
C LEU A 301 -16.57 19.62 6.90
N TYR A 302 -16.58 19.99 8.18
CA TYR A 302 -17.82 20.10 8.92
C TYR A 302 -18.48 21.45 8.69
N THR A 303 -19.78 21.43 8.41
CA THR A 303 -20.53 22.65 8.13
C THR A 303 -21.18 23.17 9.41
N SER A 304 -21.10 24.49 9.60
CA SER A 304 -21.68 25.12 10.77
C SER A 304 -23.15 24.73 10.95
N LYS A 309 -26.85 18.42 14.59
CA LYS A 309 -25.48 17.93 14.79
C LYS A 309 -24.57 18.39 13.66
N PRO A 310 -23.26 18.24 13.84
CA PRO A 310 -22.32 18.69 12.80
C PRO A 310 -22.27 17.72 11.62
N LYS A 311 -22.27 18.28 10.42
CA LYS A 311 -22.33 17.53 9.18
C LYS A 311 -20.94 17.53 8.54
N GLY A 312 -20.26 16.38 8.61
CA GLY A 312 -18.91 16.27 8.08
C GLY A 312 -18.86 15.86 6.62
N VAL A 313 -18.92 16.84 5.71
CA VAL A 313 -18.91 16.53 4.29
C VAL A 313 -17.58 15.90 3.91
N VAL A 314 -17.63 14.87 3.08
CA VAL A 314 -16.45 14.10 2.68
C VAL A 314 -16.26 14.23 1.18
N HIS A 315 -15.01 14.44 0.77
CA HIS A 315 -14.64 14.54 -0.63
C HIS A 315 -13.56 13.52 -0.95
N SER A 316 -13.62 12.98 -2.16
CA SER A 316 -12.59 12.03 -2.61
C SER A 316 -11.41 12.83 -3.16
N THR A 317 -10.48 12.14 -3.83
CA THR A 317 -9.21 12.73 -4.22
C THR A 317 -9.21 13.21 -5.67
N ALA A 318 -9.37 12.28 -6.62
CA ALA A 318 -9.23 12.66 -8.03
C ALA A 318 -10.33 13.62 -8.47
N GLY A 319 -11.58 13.35 -8.10
CA GLY A 319 -12.67 14.17 -8.59
C GLY A 319 -12.66 15.57 -8.01
N TYR A 320 -12.44 15.69 -6.70
CA TYR A 320 -12.37 17.01 -6.09
C TYR A 320 -11.19 17.80 -6.63
N LEU A 321 -10.05 17.14 -6.82
CA LEU A 321 -8.85 17.84 -7.29
C LEU A 321 -9.02 18.29 -8.73
N LEU A 322 -9.70 17.50 -9.55
CA LEU A 322 -9.90 17.89 -10.94
C LEU A 322 -10.88 19.05 -11.05
N GLY A 323 -11.93 19.05 -10.22
CA GLY A 323 -12.90 20.12 -10.28
C GLY A 323 -12.35 21.46 -9.83
N THR A 324 -11.51 21.46 -8.79
CA THR A 324 -10.93 22.71 -8.33
C THR A 324 -9.94 23.27 -9.34
N ALA A 325 -9.19 22.39 -10.02
CA ALA A 325 -8.20 22.86 -10.98
C ALA A 325 -8.87 23.45 -12.21
N LEU A 326 -9.89 22.77 -12.74
CA LEU A 326 -10.55 23.26 -13.94
C LEU A 326 -11.35 24.52 -13.66
N THR A 327 -12.08 24.56 -12.54
CA THR A 327 -12.84 25.76 -12.21
C THR A 327 -11.93 26.98 -12.08
N LEU A 328 -10.84 26.83 -11.33
CA LEU A 328 -9.91 27.96 -11.18
C LEU A 328 -9.37 28.39 -12.53
N LYS A 329 -8.88 27.44 -13.32
CA LYS A 329 -8.28 27.78 -14.61
C LYS A 329 -9.26 28.52 -15.50
N TYR A 330 -10.54 28.13 -15.47
CA TYR A 330 -11.52 28.65 -16.41
C TYR A 330 -12.42 29.72 -15.83
N VAL A 331 -12.84 29.59 -14.57
CA VAL A 331 -13.73 30.59 -13.99
C VAL A 331 -12.97 31.88 -13.68
N PHE A 332 -11.67 31.79 -13.41
CA PHE A 332 -10.84 32.95 -13.15
C PHE A 332 -9.80 33.19 -14.24
N ASP A 333 -9.87 32.43 -15.33
CA ASP A 333 -8.94 32.55 -16.45
C ASP A 333 -7.50 32.68 -15.94
N ALA A 334 -7.09 31.66 -15.19
CA ALA A 334 -5.79 31.66 -14.56
C ALA A 334 -4.71 31.20 -15.54
N HIS A 335 -3.58 31.91 -15.55
CA HIS A 335 -2.45 31.61 -16.40
C HIS A 335 -1.19 31.41 -15.56
N PRO A 336 -0.14 30.81 -16.13
CA PRO A 336 0.98 30.35 -15.29
C PRO A 336 1.57 31.40 -14.37
N ASP A 337 1.62 32.67 -14.79
CA ASP A 337 2.28 33.71 -14.02
C ASP A 337 1.33 34.52 -13.13
N ASP A 338 0.04 34.19 -13.14
CA ASP A 338 -0.91 34.98 -12.35
C ASP A 338 -0.62 34.83 -10.85
N ARG A 339 -1.19 35.77 -10.08
CA ARG A 339 -1.08 35.79 -8.63
C ARG A 339 -2.49 35.85 -8.07
N PHE A 340 -3.09 34.69 -7.87
CA PHE A 340 -4.48 34.59 -7.43
C PHE A 340 -4.58 34.99 -5.95
N ALA A 341 -5.63 35.77 -5.63
CA ALA A 341 -5.81 36.33 -4.28
C ALA A 341 -7.24 36.08 -3.81
N CYS A 342 -7.46 34.90 -3.23
CA CYS A 342 -8.72 34.58 -2.56
C CYS A 342 -8.59 34.96 -1.09
N MET A 343 -9.39 35.92 -0.64
CA MET A 343 -9.28 36.47 0.70
C MET A 343 -10.13 35.72 1.71
N ALA A 344 -10.48 34.47 1.44
CA ALA A 344 -11.29 33.68 2.34
C ALA A 344 -10.39 33.02 3.39
N ASP A 345 -10.96 32.09 4.16
CA ASP A 345 -10.26 31.39 5.22
C ASP A 345 -10.32 29.89 4.95
N ILE A 346 -9.21 29.19 5.26
CA ILE A 346 -9.14 27.76 4.94
C ILE A 346 -10.06 26.92 5.82
N GLY A 347 -10.63 27.50 6.88
CA GLY A 347 -11.71 26.82 7.56
C GLY A 347 -12.99 26.71 6.74
N TRP A 348 -13.05 27.42 5.62
CA TRP A 348 -14.18 27.44 4.70
C TRP A 348 -13.80 26.66 3.45
N ILE A 349 -14.80 26.01 2.84
CA ILE A 349 -14.54 25.27 1.61
C ILE A 349 -13.93 26.19 0.56
N THR A 350 -14.27 27.48 0.59
CA THR A 350 -13.68 28.42 -0.35
C THR A 350 -12.16 28.46 -0.23
N GLY A 351 -11.65 28.29 0.99
CA GLY A 351 -10.21 28.23 1.20
C GLY A 351 -9.63 26.91 0.77
N HIS A 352 -10.31 25.82 1.13
CA HIS A 352 -9.91 24.50 0.64
C HIS A 352 -9.67 24.52 -0.85
N SER A 353 -10.63 25.07 -1.61
CA SER A 353 -10.64 24.90 -3.05
C SER A 353 -9.88 25.98 -3.80
N TYR A 354 -9.97 27.24 -3.37
CA TYR A 354 -9.42 28.36 -4.13
C TYR A 354 -8.40 29.17 -3.35
N ILE A 355 -7.88 28.61 -2.25
CA ILE A 355 -6.65 29.09 -1.64
C ILE A 355 -5.54 28.06 -1.76
N ILE A 356 -5.88 26.78 -1.63
CA ILE A 356 -4.88 25.71 -1.60
C ILE A 356 -4.98 24.85 -2.85
N TYR A 357 -5.94 23.92 -2.85
CA TYR A 357 -5.91 22.83 -3.83
C TYR A 357 -6.02 23.36 -5.26
N GLY A 358 -6.98 24.24 -5.52
CA GLY A 358 -7.21 24.74 -6.85
C GLY A 358 -6.00 25.43 -7.45
N PRO A 359 -5.60 26.57 -6.85
CA PRO A 359 -4.47 27.32 -7.41
C PRO A 359 -3.18 26.52 -7.43
N LEU A 360 -2.86 25.79 -6.36
CA LEU A 360 -1.60 25.06 -6.31
C LEU A 360 -1.61 23.86 -7.26
N ALA A 361 -2.79 23.31 -7.55
CA ALA A 361 -2.88 22.29 -8.59
C ALA A 361 -2.41 22.86 -9.92
N ASN A 362 -2.87 24.07 -10.27
CA ASN A 362 -2.46 24.70 -11.52
C ASN A 362 -1.02 25.21 -11.48
N GLY A 363 -0.39 25.26 -10.31
CA GLY A 363 1.00 25.63 -10.23
C GLY A 363 1.28 27.11 -10.26
N ILE A 364 0.36 27.92 -9.74
CA ILE A 364 0.52 29.37 -9.77
C ILE A 364 0.78 29.87 -8.35
N THR A 365 0.73 31.19 -8.18
CA THR A 365 0.90 31.82 -6.87
C THR A 365 -0.47 32.10 -6.27
N THR A 366 -0.62 31.81 -4.97
CA THR A 366 -1.87 32.02 -4.27
C THR A 366 -1.61 32.81 -3.00
N ALA A 367 -2.67 33.45 -2.50
CA ALA A 367 -2.56 34.34 -1.35
C ALA A 367 -3.15 33.69 -0.11
N VAL A 368 -2.44 33.85 1.01
CA VAL A 368 -2.96 33.51 2.33
C VAL A 368 -3.07 34.83 3.09
N PHE A 369 -4.30 35.30 3.28
CA PHE A 369 -4.56 36.61 3.86
C PHE A 369 -4.98 36.43 5.32
N GLU A 370 -4.10 36.83 6.23
CA GLU A 370 -4.29 36.59 7.66
C GLU A 370 -5.11 37.68 8.35
N SER A 371 -5.42 38.77 7.67
CA SER A 371 -6.05 39.91 8.31
C SER A 371 -7.54 39.97 7.96
N THR A 372 -8.15 41.11 8.20
CA THR A 372 -9.51 41.41 7.79
C THR A 372 -9.49 42.45 6.68
N PRO A 373 -10.64 42.72 6.06
CA PRO A 373 -10.67 43.75 5.01
C PRO A 373 -10.49 45.18 5.51
N VAL A 374 -10.49 45.40 6.83
CA VAL A 374 -10.49 46.76 7.36
C VAL A 374 -9.42 46.94 8.44
N TYR A 375 -8.38 46.11 8.41
CA TYR A 375 -7.26 46.26 9.33
C TYR A 375 -5.97 46.36 8.53
N PRO A 376 -5.12 47.35 8.80
CA PRO A 376 -5.32 48.47 9.76
C PRO A 376 -6.39 49.45 9.30
N THR A 377 -6.77 49.47 8.03
CA THR A 377 -7.81 50.37 7.54
C THR A 377 -8.61 49.67 6.46
N PRO A 378 -9.73 50.26 6.03
CA PRO A 378 -10.52 49.67 4.95
C PRO A 378 -9.88 49.78 3.57
N SER A 379 -8.59 50.12 3.52
CA SER A 379 -7.83 50.10 2.28
C SER A 379 -6.93 48.88 2.16
N ARG A 380 -6.95 47.99 3.14
CA ARG A 380 -6.02 46.87 3.17
C ARG A 380 -6.09 46.06 1.88
N TYR A 381 -7.30 45.68 1.46
CA TYR A 381 -7.45 44.91 0.24
C TYR A 381 -6.70 45.54 -0.93
N TRP A 382 -6.80 46.87 -1.05
CA TRP A 382 -6.24 47.55 -2.21
C TRP A 382 -4.75 47.81 -2.05
N ASP A 383 -4.32 48.11 -0.82
CA ASP A 383 -2.89 48.10 -0.52
C ASP A 383 -2.29 46.75 -0.85
N PHE A 384 -3.03 45.67 -0.60
CA PHE A 384 -2.55 44.33 -0.92
C PHE A 384 -2.44 44.13 -2.43
N VAL A 385 -3.49 44.49 -3.17
CA VAL A 385 -3.48 44.26 -4.61
C VAL A 385 -2.28 44.95 -5.25
N ASP A 386 -2.07 46.23 -4.94
CA ASP A 386 -1.00 46.99 -5.58
C ASP A 386 0.37 46.52 -5.10
N LYS A 387 0.50 46.11 -3.83
CA LYS A 387 1.77 45.60 -3.35
C LYS A 387 2.23 44.40 -4.17
N TRP A 388 1.40 43.36 -4.21
CA TRP A 388 1.78 42.12 -4.89
C TRP A 388 1.30 42.07 -6.33
N LYS A 389 0.49 43.03 -6.77
CA LYS A 389 -0.09 43.02 -8.11
C LYS A 389 -0.94 41.77 -8.33
N ALA A 390 -1.90 41.57 -7.43
CA ALA A 390 -2.87 40.49 -7.59
C ALA A 390 -3.53 40.58 -8.96
N THR A 391 -3.58 39.45 -9.66
CA THR A 391 -4.23 39.40 -10.97
C THR A 391 -5.68 38.99 -10.88
N GLN A 392 -6.10 38.37 -9.78
CA GLN A 392 -7.49 38.08 -9.51
C GLN A 392 -7.75 38.28 -8.02
N LEU A 393 -8.95 38.73 -7.70
CA LEU A 393 -9.40 38.85 -6.31
C LEU A 393 -10.72 38.13 -6.16
N TYR A 394 -10.94 37.57 -4.97
CA TYR A 394 -12.04 36.64 -4.75
C TYR A 394 -12.43 36.72 -3.28
N THR A 395 -13.61 37.25 -3.00
CA THR A 395 -14.05 37.47 -1.62
C THR A 395 -15.56 37.29 -1.56
N ALA A 396 -16.15 37.62 -0.40
CA ALA A 396 -17.56 37.39 -0.16
C ALA A 396 -18.35 38.69 -0.28
N PRO A 397 -19.64 38.61 -0.59
CA PRO A 397 -20.46 39.83 -0.62
C PRO A 397 -20.46 40.59 0.69
N THR A 398 -20.42 39.88 1.82
CA THR A 398 -20.41 40.55 3.11
C THR A 398 -19.22 41.48 3.25
N ALA A 399 -18.09 41.13 2.64
CA ALA A 399 -16.93 42.02 2.67
C ALA A 399 -17.10 43.17 1.68
N ILE A 400 -17.66 42.90 0.50
CA ILE A 400 -17.89 43.97 -0.47
C ILE A 400 -18.83 45.01 0.10
N ARG A 401 -19.86 44.56 0.84
CA ARG A 401 -20.74 45.52 1.50
C ARG A 401 -20.03 46.24 2.64
N LEU A 402 -19.08 45.57 3.30
CA LEU A 402 -18.32 46.23 4.37
C LEU A 402 -17.51 47.39 3.81
N LEU A 403 -16.69 47.13 2.79
CA LEU A 403 -15.87 48.20 2.22
C LEU A 403 -16.74 49.30 1.61
N ARG A 404 -17.86 48.91 1.00
CA ARG A 404 -18.79 49.92 0.49
C ARG A 404 -19.25 50.85 1.60
N ARG A 405 -19.47 50.30 2.79
CA ARG A 405 -19.93 51.08 3.93
C ARG A 405 -18.88 52.07 4.44
N MET A 406 -17.62 51.92 4.04
CA MET A 406 -16.53 52.69 4.62
C MET A 406 -16.07 53.85 3.75
N GLY A 407 -16.69 54.08 2.59
CA GLY A 407 -16.36 55.21 1.76
C GLY A 407 -15.37 54.86 0.66
N GLU A 408 -15.31 55.73 -0.35
CA GLU A 408 -14.51 55.51 -1.54
C GLU A 408 -13.12 56.12 -1.46
N ASP A 409 -12.80 56.85 -0.38
CA ASP A 409 -11.44 57.36 -0.23
C ASP A 409 -10.43 56.23 -0.06
N HIS A 410 -10.86 55.11 0.54
CA HIS A 410 -9.95 54.01 0.81
C HIS A 410 -9.54 53.24 -0.44
N VAL A 411 -10.20 53.47 -1.58
CA VAL A 411 -9.97 52.65 -2.76
C VAL A 411 -9.75 53.51 -4.00
N LYS A 412 -10.36 54.70 -4.02
CA LYS A 412 -10.38 55.50 -5.24
C LYS A 412 -8.97 55.83 -5.74
N ASN A 413 -8.00 55.94 -4.83
CA ASN A 413 -6.68 56.46 -5.17
C ASN A 413 -5.65 55.36 -5.42
N HIS A 414 -6.08 54.13 -5.66
CA HIS A 414 -5.16 53.04 -5.97
C HIS A 414 -5.12 52.79 -7.47
N ASP A 415 -4.08 52.05 -7.89
CA ASP A 415 -3.95 51.67 -9.28
C ASP A 415 -4.86 50.48 -9.60
N LEU A 416 -4.54 49.31 -9.06
CA LEU A 416 -5.34 48.10 -9.21
C LEU A 416 -5.43 47.61 -10.65
N SER A 417 -4.59 48.13 -11.54
CA SER A 417 -4.65 47.74 -12.95
C SER A 417 -4.13 46.33 -13.20
N SER A 418 -3.47 45.71 -12.22
CA SER A 418 -3.00 44.35 -12.39
C SER A 418 -4.15 43.34 -12.39
N LEU A 419 -5.30 43.70 -11.81
CA LEU A 419 -6.42 42.79 -11.77
C LEU A 419 -7.06 42.63 -13.15
N ARG A 420 -7.57 41.43 -13.41
CA ARG A 420 -8.38 41.15 -14.57
C ARG A 420 -9.76 40.63 -14.24
N VAL A 421 -9.92 39.96 -13.09
CA VAL A 421 -11.16 39.30 -12.73
C VAL A 421 -11.43 39.55 -11.25
N LEU A 422 -12.71 39.72 -10.91
CA LEU A 422 -13.13 39.96 -9.55
C LEU A 422 -14.27 39.00 -9.23
N GLY A 423 -14.13 38.25 -8.15
CA GLY A 423 -15.07 37.17 -7.83
C GLY A 423 -15.83 37.42 -6.55
N SER A 424 -17.10 37.02 -6.56
CA SER A 424 -17.96 37.06 -5.39
C SER A 424 -18.43 35.64 -5.07
N VAL A 425 -18.58 35.33 -3.79
CA VAL A 425 -18.89 33.96 -3.38
C VAL A 425 -19.46 34.00 -1.97
N GLY A 426 -20.45 33.14 -1.72
CA GLY A 426 -20.97 32.89 -0.38
C GLY A 426 -22.45 33.18 -0.24
N GLU A 427 -22.98 34.08 -1.05
CA GLU A 427 -24.38 34.48 -0.99
C GLU A 427 -24.76 35.27 -2.23
N PRO A 428 -26.03 35.59 -2.44
CA PRO A 428 -26.39 36.51 -3.52
C PRO A 428 -25.74 37.87 -3.29
N ILE A 429 -25.24 38.47 -4.36
CA ILE A 429 -24.62 39.78 -4.30
C ILE A 429 -25.63 40.80 -4.82
N ASN A 430 -25.99 41.75 -3.98
CA ASN A 430 -26.93 42.78 -4.40
C ASN A 430 -26.33 43.57 -5.57
N PRO A 431 -27.12 43.87 -6.59
CA PRO A 431 -26.59 44.70 -7.70
C PRO A 431 -25.94 45.98 -7.22
N GLU A 432 -26.48 46.59 -6.15
CA GLU A 432 -25.85 47.78 -5.60
C GLU A 432 -24.39 47.51 -5.22
N ALA A 433 -24.13 46.37 -4.57
CA ALA A 433 -22.76 46.01 -4.24
C ALA A 433 -21.99 45.57 -5.48
N TRP A 434 -22.65 44.79 -6.35
CA TRP A 434 -22.02 44.40 -7.61
C TRP A 434 -21.45 45.59 -8.34
N HIS A 435 -22.16 46.72 -8.32
CA HIS A 435 -21.71 47.90 -9.03
C HIS A 435 -20.53 48.56 -8.33
N TRP A 436 -20.62 48.73 -7.00
CA TRP A 436 -19.49 49.25 -6.25
C TRP A 436 -18.24 48.41 -6.52
N TYR A 437 -18.39 47.09 -6.44
CA TYR A 437 -17.30 46.18 -6.82
C TYR A 437 -16.82 46.51 -8.23
N ASN A 438 -17.74 46.61 -9.18
CA ASN A 438 -17.36 46.84 -10.57
C ASN A 438 -16.75 48.22 -10.76
N ASP A 439 -17.23 49.21 -10.01
CA ASP A 439 -16.80 50.59 -10.24
C ASP A 439 -15.43 50.86 -9.64
N PHE A 440 -15.30 50.70 -8.33
CA PHE A 440 -14.09 51.13 -7.64
C PHE A 440 -12.99 50.06 -7.64
N ALA A 441 -13.34 48.82 -7.32
CA ALA A 441 -12.33 47.78 -7.26
C ALA A 441 -11.73 47.51 -8.64
N GLY A 442 -12.58 47.35 -9.65
CA GLY A 442 -12.14 47.03 -10.99
C GLY A 442 -12.05 48.20 -11.96
N LYS A 443 -12.38 49.42 -11.51
CA LYS A 443 -12.36 50.60 -12.38
C LYS A 443 -13.05 50.32 -13.71
N ASN A 444 -14.12 49.53 -13.66
CA ASN A 444 -14.92 49.19 -14.84
C ASN A 444 -14.08 48.56 -15.93
N GLN A 445 -13.04 47.82 -15.55
CA GLN A 445 -12.16 47.14 -16.51
C GLN A 445 -11.94 45.68 -16.17
N CYS A 446 -12.64 45.13 -15.18
CA CYS A 446 -12.49 43.74 -14.78
C CYS A 446 -13.83 43.03 -14.90
N ALA A 447 -13.76 41.73 -15.19
CA ALA A 447 -14.96 40.89 -15.22
C ALA A 447 -15.36 40.51 -13.80
N ILE A 448 -16.65 40.58 -13.53
CA ILE A 448 -17.21 40.18 -12.24
C ILE A 448 -17.77 38.78 -12.41
N VAL A 449 -17.24 37.82 -11.66
CA VAL A 449 -17.71 36.43 -11.69
C VAL A 449 -18.43 36.16 -10.38
N ASP A 450 -19.73 35.90 -10.46
CA ASP A 450 -20.55 35.55 -9.31
C ASP A 450 -20.60 34.03 -9.24
N THR A 451 -19.77 33.45 -8.37
CA THR A 451 -19.57 32.01 -8.33
C THR A 451 -20.51 31.39 -7.31
N TYR A 452 -21.47 30.60 -7.77
CA TYR A 452 -22.40 29.89 -6.90
C TYR A 452 -22.00 28.42 -6.79
N TRP A 453 -21.93 27.94 -5.55
CA TRP A 453 -21.65 26.53 -5.28
C TRP A 453 -21.82 26.31 -3.79
N MET A 454 -21.54 25.08 -3.35
CA MET A 454 -21.70 24.71 -1.95
C MET A 454 -20.52 23.85 -1.53
N THR A 455 -20.40 23.64 -0.22
CA THR A 455 -19.39 22.72 0.29
C THR A 455 -19.57 21.33 -0.31
N GLU A 456 -20.82 20.93 -0.57
CA GLU A 456 -21.10 19.60 -1.09
C GLU A 456 -20.87 19.48 -2.60
N THR A 457 -20.62 20.59 -3.30
CA THR A 457 -20.31 20.51 -4.73
C THR A 457 -18.82 20.44 -5.00
N GLY A 458 -17.99 20.80 -4.02
CA GLY A 458 -16.55 20.73 -4.18
C GLY A 458 -15.96 21.91 -4.93
N SER A 459 -16.61 22.33 -6.00
CA SER A 459 -16.07 23.38 -6.85
C SER A 459 -17.22 24.18 -7.44
N ILE A 460 -16.85 25.28 -8.11
CA ILE A 460 -17.84 26.25 -8.58
C ILE A 460 -18.79 25.57 -9.55
N SER A 461 -20.10 25.76 -9.31
CA SER A 461 -21.15 25.09 -10.07
C SER A 461 -21.73 25.97 -11.17
N ILE A 462 -22.09 27.20 -10.84
CA ILE A 462 -22.66 28.15 -11.79
C ILE A 462 -21.89 29.45 -11.67
N ALA A 463 -21.32 29.91 -12.78
CA ALA A 463 -20.53 31.13 -12.79
C ALA A 463 -20.22 31.53 -14.23
N PRO A 464 -20.10 32.82 -14.52
CA PRO A 464 -19.72 33.24 -15.87
C PRO A 464 -18.23 33.04 -16.12
N LEU A 465 -17.91 32.54 -17.32
CA LEU A 465 -16.53 32.49 -17.75
C LEU A 465 -16.08 33.88 -18.18
N PRO A 466 -15.07 34.47 -17.54
CA PRO A 466 -14.88 35.92 -17.65
C PRO A 466 -14.51 36.39 -19.05
N GLY A 467 -13.92 35.54 -19.87
CA GLY A 467 -13.52 35.91 -21.21
C GLY A 467 -14.58 35.68 -22.28
N ALA A 468 -15.79 35.29 -21.89
CA ALA A 468 -16.81 34.92 -22.86
C ALA A 468 -18.22 35.38 -22.50
N ILE A 469 -18.56 35.57 -21.22
CA ILE A 469 -19.92 35.82 -20.79
C ILE A 469 -20.08 37.29 -20.45
N SER A 470 -21.18 37.89 -20.93
CA SER A 470 -21.56 39.24 -20.56
C SER A 470 -22.47 39.17 -19.34
N THR A 471 -22.11 39.93 -18.30
CA THR A 471 -22.67 39.70 -16.98
C THR A 471 -23.88 40.59 -16.71
N LYS A 472 -24.74 40.10 -15.82
CA LYS A 472 -25.83 40.88 -15.25
C LYS A 472 -25.62 40.99 -13.74
N PRO A 473 -25.78 42.18 -13.14
CA PRO A 473 -25.55 42.30 -11.70
C PRO A 473 -26.37 41.32 -10.88
N GLY A 474 -25.69 40.49 -10.09
CA GLY A 474 -26.37 39.55 -9.21
C GLY A 474 -26.76 38.23 -9.82
N SER A 475 -26.26 37.92 -11.02
CA SER A 475 -26.58 36.68 -11.71
C SER A 475 -25.33 35.82 -11.84
N ALA A 476 -25.44 34.56 -11.42
CA ALA A 476 -24.34 33.62 -11.62
C ALA A 476 -24.22 33.19 -13.08
N THR A 477 -25.20 33.49 -13.92
CA THR A 477 -25.18 33.21 -15.35
C THR A 477 -25.39 31.73 -15.65
N PHE A 478 -24.37 31.03 -16.14
CA PHE A 478 -24.54 29.70 -16.71
C PHE A 478 -23.74 28.66 -15.94
N PRO A 479 -24.11 27.37 -16.06
CA PRO A 479 -23.46 26.33 -15.27
C PRO A 479 -22.09 25.95 -15.82
N PHE A 480 -21.20 25.57 -14.90
CA PHE A 480 -19.83 25.23 -15.27
C PHE A 480 -19.77 23.82 -15.85
N PHE A 481 -18.65 23.53 -16.52
CA PHE A 481 -18.39 22.21 -17.09
C PHE A 481 -18.83 21.10 -16.13
N GLY A 482 -19.50 20.10 -16.69
CA GLY A 482 -19.96 18.96 -15.93
C GLY A 482 -21.27 19.18 -15.17
N MET A 483 -21.74 20.41 -15.08
CA MET A 483 -22.95 20.74 -14.33
C MET A 483 -24.11 20.93 -15.30
N ASP A 484 -25.10 20.06 -15.21
CA ASP A 484 -26.35 20.17 -15.97
C ASP A 484 -27.48 20.31 -14.96
N VAL A 485 -28.01 21.53 -14.85
CA VAL A 485 -29.01 21.84 -13.82
C VAL A 485 -30.37 22.04 -14.47
N ASP A 486 -31.41 21.99 -13.64
CA ASP A 486 -32.78 22.18 -14.07
C ASP A 486 -33.54 22.95 -13.00
N ILE A 487 -34.62 23.60 -13.42
CA ILE A 487 -35.52 24.28 -12.51
C ILE A 487 -36.76 23.41 -12.36
N ILE A 488 -37.00 22.93 -11.14
CA ILE A 488 -38.09 22.01 -10.86
C ILE A 488 -39.10 22.71 -9.96
N ASP A 489 -40.36 22.32 -10.08
CA ASP A 489 -41.39 22.87 -9.22
C ASP A 489 -41.25 22.29 -7.82
N PRO A 490 -41.22 23.11 -6.77
CA PRO A 490 -40.88 22.58 -5.44
C PRO A 490 -41.88 21.56 -4.91
N GLN A 491 -43.12 21.58 -5.39
CA GLN A 491 -44.17 20.68 -4.90
C GLN A 491 -44.41 19.51 -5.84
N THR A 492 -44.61 19.79 -7.13
CA THR A 492 -44.93 18.74 -8.08
C THR A 492 -43.70 17.95 -8.49
N GLY A 493 -42.52 18.56 -8.43
CA GLY A 493 -41.32 17.91 -8.91
C GLY A 493 -41.17 17.88 -10.41
N GLN A 494 -41.95 18.68 -11.14
CA GLN A 494 -41.92 18.68 -12.59
C GLN A 494 -40.87 19.66 -13.09
N VAL A 495 -40.22 19.29 -14.20
CA VAL A 495 -39.19 20.13 -14.79
C VAL A 495 -39.85 21.30 -15.49
N LEU A 496 -39.56 22.52 -15.03
CA LEU A 496 -39.97 23.73 -15.72
C LEU A 496 -39.04 23.92 -16.91
N GLU A 497 -39.50 23.48 -18.08
CA GLU A 497 -38.66 23.53 -19.28
C GLU A 497 -38.68 24.92 -19.89
N GLY A 498 -37.51 25.37 -20.32
CA GLY A 498 -37.39 26.62 -21.06
C GLY A 498 -36.95 27.79 -20.20
N ASN A 499 -37.18 28.97 -20.73
CA ASN A 499 -36.76 30.23 -20.11
C ASN A 499 -37.94 30.92 -19.44
N ASP A 500 -37.61 31.89 -18.59
CA ASP A 500 -38.58 32.65 -17.82
C ASP A 500 -39.37 31.73 -16.88
N VAL A 501 -38.63 30.93 -16.11
CA VAL A 501 -39.21 30.03 -15.11
C VAL A 501 -38.43 30.19 -13.82
N GLU A 502 -39.04 29.77 -12.72
CA GLU A 502 -38.39 29.84 -11.42
C GLU A 502 -38.91 28.70 -10.54
N GLY A 503 -38.05 28.26 -9.62
CA GLY A 503 -38.38 27.18 -8.72
C GLY A 503 -37.22 26.87 -7.80
N VAL A 504 -36.90 25.59 -7.64
CA VAL A 504 -35.76 25.15 -6.83
C VAL A 504 -34.75 24.48 -7.76
N LEU A 505 -33.47 24.74 -7.51
CA LEU A 505 -32.40 24.26 -8.36
C LEU A 505 -32.06 22.81 -8.02
N VAL A 506 -31.78 22.02 -9.05
CA VAL A 506 -31.37 20.63 -8.88
C VAL A 506 -30.45 20.24 -10.03
N ALA A 507 -29.56 19.27 -9.78
CA ALA A 507 -28.63 18.77 -10.78
C ALA A 507 -29.13 17.43 -11.31
N ARG A 508 -28.89 17.20 -12.61
CA ARG A 508 -29.38 16.01 -13.28
C ARG A 508 -28.44 14.81 -13.15
N ARG A 509 -27.14 15.04 -13.05
CA ARG A 509 -26.16 13.97 -13.03
C ARG A 509 -25.04 14.33 -12.08
N PRO A 510 -24.32 13.34 -11.56
CA PRO A 510 -23.14 13.65 -10.73
C PRO A 510 -22.08 14.40 -11.52
N TRP A 511 -21.26 15.15 -10.79
CA TRP A 511 -20.08 15.81 -11.34
C TRP A 511 -18.85 15.39 -10.55
N PRO A 512 -17.65 15.50 -11.15
CA PRO A 512 -16.45 14.92 -10.51
C PRO A 512 -16.24 15.33 -9.06
N SER A 513 -16.45 16.60 -8.71
CA SER A 513 -16.11 17.11 -7.39
C SER A 513 -17.24 17.00 -6.38
N ILE A 514 -18.31 16.25 -6.69
CA ILE A 514 -19.43 16.16 -5.78
C ILE A 514 -19.01 15.39 -4.54
N ALA A 515 -19.53 15.79 -3.38
CA ALA A 515 -19.26 15.08 -2.14
C ALA A 515 -19.75 13.64 -2.26
N ARG A 516 -19.07 12.75 -1.54
CA ARG A 516 -19.34 11.32 -1.63
C ARG A 516 -20.15 10.78 -0.45
N THR A 517 -20.10 11.44 0.70
CA THR A 517 -20.86 10.97 1.86
C THR A 517 -20.75 12.02 2.96
N VAL A 518 -21.50 11.78 4.03
CA VAL A 518 -21.31 12.47 5.31
C VAL A 518 -20.63 11.47 6.25
N TYR A 519 -19.49 11.87 6.81
CA TYR A 519 -18.63 10.93 7.52
C TYR A 519 -19.41 10.06 8.50
N ARG A 520 -19.42 8.76 8.24
CA ARG A 520 -20.10 7.78 9.08
C ARG A 520 -21.59 8.12 9.26
N ASP A 521 -22.18 8.74 8.24
CA ASP A 521 -23.60 9.07 8.28
C ASP A 521 -24.14 9.20 6.87
N HIS A 522 -24.04 8.12 6.08
CA HIS A 522 -24.48 8.14 4.70
C HIS A 522 -26.00 8.26 4.58
N LYS A 523 -26.75 7.94 5.63
CA LYS A 523 -28.19 8.13 5.58
C LYS A 523 -28.54 9.61 5.54
N ARG A 524 -27.91 10.42 6.41
CA ARG A 524 -28.13 11.86 6.35
C ARG A 524 -27.71 12.43 5.01
N TYR A 525 -26.68 11.85 4.40
CA TYR A 525 -26.25 12.29 3.07
C TYR A 525 -27.33 12.06 2.02
N LEU A 526 -27.97 10.89 2.05
CA LEU A 526 -29.00 10.60 1.06
C LEU A 526 -30.29 11.36 1.35
N GLU A 527 -30.71 11.39 2.62
CA GLU A 527 -31.96 12.06 2.97
C GLU A 527 -31.89 13.57 2.77
N THR A 528 -30.69 14.15 2.78
CA THR A 528 -30.55 15.60 2.67
C THR A 528 -30.52 16.07 1.22
N TYR A 529 -29.86 15.32 0.33
CA TYR A 529 -29.62 15.77 -1.02
C TYR A 529 -30.22 14.89 -2.10
N MET A 530 -30.53 13.62 -1.81
CA MET A 530 -30.88 12.67 -2.85
C MET A 530 -32.33 12.21 -2.81
N LYS A 531 -32.97 12.21 -1.64
CA LYS A 531 -34.33 11.71 -1.51
C LYS A 531 -35.40 12.79 -1.67
N PRO A 532 -35.13 14.06 -1.35
CA PRO A 532 -36.18 15.09 -1.52
C PRO A 532 -36.82 15.08 -2.90
N TYR A 533 -36.01 15.04 -3.94
CA TYR A 533 -36.48 14.95 -5.33
C TYR A 533 -35.77 13.76 -5.97
N PRO A 534 -36.34 12.57 -5.88
CA PRO A 534 -35.67 11.38 -6.43
C PRO A 534 -35.26 11.58 -7.88
N GLY A 535 -33.96 11.37 -8.14
CA GLY A 535 -33.40 11.49 -9.46
C GLY A 535 -32.41 12.64 -9.62
N TYR A 536 -32.46 13.63 -8.73
CA TYR A 536 -31.60 14.80 -8.83
C TYR A 536 -30.78 14.97 -7.56
N PHE A 537 -29.85 15.92 -7.63
CA PHE A 537 -29.19 16.47 -6.45
C PHE A 537 -29.89 17.76 -6.07
N PHE A 538 -30.18 17.92 -4.78
CA PHE A 538 -30.98 19.04 -4.28
C PHE A 538 -30.05 20.01 -3.55
N PHE A 539 -29.82 21.17 -4.15
CA PHE A 539 -28.94 22.16 -3.55
C PHE A 539 -29.56 22.78 -2.30
N GLY A 540 -30.85 23.09 -2.35
CA GLY A 540 -31.51 23.81 -1.28
C GLY A 540 -31.72 25.29 -1.54
N ASP A 541 -31.50 25.77 -2.75
CA ASP A 541 -31.67 27.16 -3.12
C ASP A 541 -32.81 27.30 -4.13
N GLY A 542 -33.50 28.43 -4.06
CA GLY A 542 -34.38 28.82 -5.13
C GLY A 542 -33.59 29.37 -6.31
N ALA A 543 -34.15 29.21 -7.50
CA ALA A 543 -33.46 29.66 -8.70
C ALA A 543 -34.48 30.05 -9.75
N ALA A 544 -34.06 30.92 -10.66
CA ALA A 544 -34.90 31.38 -11.76
C ALA A 544 -34.04 31.52 -13.00
N ARG A 545 -34.55 31.02 -14.13
CA ARG A 545 -33.90 31.13 -15.42
C ARG A 545 -34.67 32.14 -16.26
N ASP A 546 -34.13 33.34 -16.41
CA ASP A 546 -34.85 34.44 -17.03
C ASP A 546 -35.01 34.19 -18.53
N TYR A 547 -35.53 35.20 -19.23
CA TYR A 547 -35.84 35.07 -20.66
C TYR A 547 -34.61 34.93 -21.54
N ASP A 548 -33.42 35.23 -21.02
CA ASP A 548 -32.18 35.07 -21.77
C ASP A 548 -31.42 33.80 -21.38
N GLY A 549 -31.97 32.98 -20.49
CA GLY A 549 -31.30 31.79 -20.03
C GLY A 549 -30.42 31.97 -18.81
N TYR A 550 -30.20 33.22 -18.38
CA TYR A 550 -29.36 33.47 -17.22
C TYR A 550 -30.01 32.88 -15.96
N MET A 551 -29.17 32.28 -15.10
CA MET A 551 -29.62 31.73 -13.84
C MET A 551 -29.51 32.78 -12.75
N TRP A 552 -30.49 32.80 -11.85
CA TRP A 552 -30.55 33.75 -10.74
C TRP A 552 -30.80 32.97 -9.46
N ILE A 553 -29.79 32.90 -8.60
CA ILE A 553 -29.92 32.22 -7.31
C ILE A 553 -30.50 33.22 -6.32
N LYS A 554 -31.73 32.97 -5.87
CA LYS A 554 -32.48 33.95 -5.11
C LYS A 554 -32.31 33.80 -3.59
N GLY A 555 -31.75 32.69 -3.12
CA GLY A 555 -31.57 32.49 -1.70
C GLY A 555 -31.92 31.09 -1.26
N ARG A 556 -31.86 30.82 0.05
CA ARG A 556 -32.18 29.50 0.56
C ARG A 556 -33.68 29.26 0.53
N VAL A 557 -34.08 28.05 0.13
CA VAL A 557 -35.49 27.69 0.12
C VAL A 557 -36.09 27.87 1.51
N ASP A 558 -35.34 27.52 2.55
CA ASP A 558 -35.82 27.71 3.91
C ASP A 558 -36.12 29.17 4.19
N ASP A 559 -35.43 30.09 3.52
CA ASP A 559 -35.62 31.51 3.74
C ASP A 559 -36.74 32.11 2.89
N VAL A 560 -37.44 31.29 2.10
CA VAL A 560 -38.52 31.80 1.28
C VAL A 560 -39.70 32.19 2.15
N ILE A 561 -40.36 33.30 1.81
CA ILE A 561 -41.51 33.81 2.53
C ILE A 561 -42.73 33.68 1.63
N ASN A 562 -43.82 33.17 2.19
CA ASN A 562 -45.06 32.95 1.43
C ASN A 562 -46.10 33.96 1.91
N VAL A 563 -46.25 35.05 1.17
CA VAL A 563 -47.18 36.12 1.50
C VAL A 563 -48.40 35.95 0.61
N SER A 564 -49.45 35.33 1.15
CA SER A 564 -50.72 35.17 0.44
C SER A 564 -50.52 34.42 -0.88
N GLY A 565 -49.65 33.42 -0.88
CA GLY A 565 -49.40 32.60 -2.03
C GLY A 565 -48.17 32.99 -2.83
N HIS A 566 -47.70 34.22 -2.70
CA HIS A 566 -46.52 34.66 -3.45
C HIS A 566 -45.25 34.28 -2.70
N ARG A 567 -44.28 33.76 -3.44
CA ARG A 567 -43.02 33.29 -2.87
C ARG A 567 -41.97 34.38 -3.04
N LEU A 568 -41.57 35.00 -1.93
CA LEU A 568 -40.59 36.07 -1.94
C LEU A 568 -39.23 35.53 -1.54
N SER A 569 -38.22 35.75 -2.38
CA SER A 569 -36.86 35.36 -2.08
C SER A 569 -36.17 36.48 -1.31
N THR A 570 -35.17 36.10 -0.51
CA THR A 570 -34.46 37.07 0.32
C THR A 570 -33.58 38.00 -0.52
N ALA A 571 -33.12 37.53 -1.68
CA ALA A 571 -32.29 38.38 -2.52
C ALA A 571 -33.10 39.47 -3.20
N GLU A 572 -34.34 39.15 -3.62
CA GLU A 572 -35.21 40.16 -4.21
C GLU A 572 -35.40 41.34 -3.27
N VAL A 573 -35.80 41.06 -2.02
CA VAL A 573 -36.17 42.14 -1.11
C VAL A 573 -34.93 42.88 -0.62
N GLU A 574 -33.90 42.14 -0.21
CA GLU A 574 -32.69 42.78 0.28
C GLU A 574 -32.07 43.68 -0.80
N SER A 575 -32.00 43.19 -2.03
CA SER A 575 -31.46 44.01 -3.12
C SER A 575 -32.25 45.30 -3.28
N ALA A 576 -33.56 45.25 -3.05
CA ALA A 576 -34.38 46.46 -3.14
C ALA A 576 -34.09 47.40 -1.98
N LEU A 577 -33.98 46.86 -0.77
CA LEU A 577 -33.75 47.72 0.39
C LEU A 577 -32.44 48.50 0.27
N ILE A 578 -31.40 47.86 -0.27
CA ILE A 578 -30.07 48.48 -0.35
C ILE A 578 -30.04 49.51 -1.46
N LEU A 579 -31.14 49.63 -2.21
CA LEU A 579 -31.23 50.70 -3.21
C LEU A 579 -31.54 52.05 -2.59
N HIS A 580 -32.01 52.08 -1.34
CA HIS A 580 -32.26 53.34 -0.65
C HIS A 580 -30.94 53.91 -0.13
N LYS A 581 -30.78 55.22 -0.28
CA LYS A 581 -29.55 55.87 0.16
C LYS A 581 -29.31 55.61 1.64
N GLY A 582 -28.05 55.38 2.00
CA GLY A 582 -27.66 55.20 3.38
C GLY A 582 -27.70 53.77 3.88
N VAL A 583 -28.27 52.84 3.12
CA VAL A 583 -28.42 51.46 3.56
C VAL A 583 -27.09 50.73 3.38
N ALA A 584 -26.66 50.02 4.43
CA ALA A 584 -25.42 49.26 4.39
C ALA A 584 -25.66 47.77 4.16
N GLU A 585 -26.56 47.16 4.93
CA GLU A 585 -26.82 45.73 4.83
C GLU A 585 -28.19 45.44 5.39
N THR A 586 -28.84 44.40 4.85
CA THR A 586 -30.19 44.05 5.25
C THR A 586 -30.36 42.54 5.28
N ALA A 587 -31.35 42.10 6.04
CA ALA A 587 -31.71 40.70 6.13
C ALA A 587 -33.19 40.60 6.44
N VAL A 588 -33.93 39.84 5.62
CA VAL A 588 -35.37 39.71 5.76
C VAL A 588 -35.72 38.25 6.02
N VAL A 589 -36.70 38.03 6.89
CA VAL A 589 -37.15 36.70 7.26
C VAL A 589 -38.67 36.70 7.30
N GLY A 590 -39.24 35.52 7.50
CA GLY A 590 -40.69 35.36 7.51
C GLY A 590 -41.25 35.10 8.89
N CYS A 591 -42.56 35.30 9.04
CA CYS A 591 -43.25 35.04 10.30
C CYS A 591 -44.74 34.93 10.02
N ALA A 592 -45.42 34.14 10.85
CA ALA A 592 -46.83 33.84 10.61
C ALA A 592 -47.66 35.11 10.63
N ASP A 593 -48.55 35.24 9.64
CA ASP A 593 -49.50 36.35 9.57
C ASP A 593 -50.88 35.77 9.27
N ASP A 594 -51.84 36.02 10.16
CA ASP A 594 -53.15 35.40 10.03
C ASP A 594 -53.78 35.71 8.67
N LEU A 595 -53.70 36.97 8.23
CA LEU A 595 -54.36 37.36 6.99
C LEU A 595 -53.59 36.87 5.76
N THR A 596 -52.27 36.96 5.78
CA THR A 596 -51.45 36.67 4.61
C THR A 596 -50.71 35.34 4.70
N GLY A 597 -50.77 34.64 5.83
CA GLY A 597 -50.02 33.42 6.00
C GLY A 597 -48.66 33.69 6.61
N GLN A 598 -47.78 34.33 5.86
CA GLN A 598 -46.51 34.82 6.37
C GLN A 598 -46.39 36.31 6.10
N ALA A 599 -45.62 36.99 6.93
CA ALA A 599 -45.31 38.40 6.76
C ALA A 599 -43.80 38.58 6.71
N VAL A 600 -43.38 39.66 6.08
CA VAL A 600 -41.97 39.98 5.93
C VAL A 600 -41.52 40.83 7.12
N TYR A 601 -40.34 40.52 7.64
CA TYR A 601 -39.71 41.30 8.69
C TYR A 601 -38.28 41.60 8.27
N ALA A 602 -37.89 42.86 8.33
CA ALA A 602 -36.61 43.32 7.82
C ALA A 602 -35.71 43.80 8.95
N PHE A 603 -34.45 43.37 8.90
CA PHE A 603 -33.40 43.88 9.77
C PHE A 603 -32.45 44.70 8.90
N VAL A 604 -32.33 45.99 9.20
CA VAL A 604 -31.62 46.93 8.36
C VAL A 604 -30.45 47.53 9.12
N THR A 605 -29.31 47.64 8.45
CA THR A 605 -28.12 48.28 8.99
C THR A 605 -27.78 49.48 8.12
N MET A 606 -27.70 50.66 8.73
CA MET A 606 -27.43 51.89 8.01
C MET A 606 -25.95 52.26 8.09
N LYS A 607 -25.49 53.00 7.08
CA LYS A 607 -24.10 53.43 6.99
C LYS A 607 -23.72 54.29 8.18
N PRO A 608 -22.41 54.53 8.40
CA PRO A 608 -22.02 55.40 9.52
C PRO A 608 -22.57 56.82 9.41
N GLU A 609 -22.54 57.42 8.22
CA GLU A 609 -22.94 58.81 8.08
C GLU A 609 -24.36 59.05 8.55
N PHE A 610 -25.30 58.23 8.05
CA PHE A 610 -26.73 58.42 8.29
C PHE A 610 -27.04 58.78 9.75
N ASP A 611 -27.50 60.02 9.97
CA ASP A 611 -27.85 60.48 11.31
C ASP A 611 -29.23 59.94 11.67
N LEU A 612 -29.27 58.95 12.56
CA LEU A 612 -30.52 58.36 12.98
C LEU A 612 -31.33 59.26 13.92
N LYS A 613 -30.75 60.37 14.38
CA LYS A 613 -31.47 61.32 15.21
C LYS A 613 -32.16 62.38 14.35
N ALA A 614 -31.45 62.92 13.37
CA ALA A 614 -32.04 63.94 12.50
C ALA A 614 -33.22 63.39 11.72
N THR A 615 -33.10 62.15 11.23
CA THR A 615 -34.13 61.51 10.44
C THR A 615 -34.98 60.62 11.32
N LYS A 616 -36.29 60.89 11.36
CA LYS A 616 -37.21 60.05 12.10
C LYS A 616 -37.08 58.59 11.66
N GLU A 617 -36.99 57.69 12.64
CA GLU A 617 -36.94 56.27 12.32
C GLU A 617 -38.20 55.84 11.58
N ALA A 618 -39.36 56.27 12.06
CA ALA A 618 -40.62 55.91 11.40
C ALA A 618 -40.61 56.33 9.94
N ASP A 619 -40.14 57.55 9.65
CA ASP A 619 -40.08 58.01 8.28
C ASP A 619 -39.14 57.16 7.44
N LEU A 620 -38.06 56.67 8.04
CA LEU A 620 -37.10 55.86 7.29
C LEU A 620 -37.70 54.50 6.93
N SER A 621 -38.22 53.77 7.92
CA SER A 621 -38.81 52.47 7.64
C SER A 621 -40.03 52.58 6.74
N LYS A 622 -40.64 53.77 6.65
CA LYS A 622 -41.73 53.98 5.71
C LYS A 622 -41.19 54.20 4.30
N GLU A 623 -40.10 54.96 4.17
CA GLU A 623 -39.46 55.10 2.86
C GLU A 623 -38.96 53.76 2.33
N LEU A 624 -38.53 52.87 3.23
CA LEU A 624 -38.05 51.56 2.81
C LEU A 624 -39.20 50.69 2.33
N ALA A 625 -40.31 50.68 3.07
CA ALA A 625 -41.49 49.93 2.64
C ALA A 625 -41.92 50.35 1.25
N ILE A 626 -41.94 51.67 0.99
CA ILE A 626 -42.29 52.15 -0.34
C ILE A 626 -41.27 51.67 -1.37
N GLN A 627 -39.98 51.75 -1.03
CA GLN A 627 -38.94 51.29 -1.95
C GLN A 627 -39.19 49.86 -2.40
N VAL A 628 -39.68 49.02 -1.48
CA VAL A 628 -39.95 47.63 -1.84
C VAL A 628 -41.21 47.51 -2.67
N ARG A 629 -42.26 48.25 -2.32
CA ARG A 629 -43.49 48.19 -3.10
C ARG A 629 -43.25 48.60 -4.54
N LYS A 630 -42.39 49.60 -4.77
CA LYS A 630 -42.24 50.16 -6.11
C LYS A 630 -41.52 49.19 -7.05
N VAL A 631 -40.57 48.41 -6.55
CA VAL A 631 -39.72 47.61 -7.42
C VAL A 631 -40.13 46.15 -7.43
N ILE A 632 -40.71 45.67 -6.33
CA ILE A 632 -41.15 44.27 -6.25
C ILE A 632 -42.66 44.20 -6.39
N GLY A 633 -43.39 44.68 -5.38
CA GLY A 633 -44.83 44.67 -5.43
C GLY A 633 -45.46 45.04 -4.11
N PRO A 634 -46.78 45.34 -4.14
CA PRO A 634 -47.47 45.75 -2.90
C PRO A 634 -47.60 44.64 -1.87
N PHE A 635 -47.15 43.42 -2.18
CA PHE A 635 -47.19 42.32 -1.23
C PHE A 635 -45.85 42.10 -0.53
N ALA A 636 -44.75 42.58 -1.11
CA ALA A 636 -43.42 42.39 -0.54
C ALA A 636 -43.05 43.47 0.46
N ALA A 637 -43.99 44.33 0.84
CA ALA A 637 -43.67 45.38 1.80
C ALA A 637 -43.47 44.79 3.19
N PRO A 638 -42.42 45.16 3.91
CA PRO A 638 -42.26 44.65 5.28
C PRO A 638 -43.40 45.10 6.18
N LYS A 639 -43.90 44.17 6.98
CA LYS A 639 -44.88 44.50 8.02
C LYS A 639 -44.21 45.09 9.25
N LYS A 640 -42.89 45.05 9.34
CA LYS A 640 -42.15 45.60 10.45
C LYS A 640 -40.67 45.63 10.08
N ILE A 641 -39.98 46.70 10.48
CA ILE A 641 -38.57 46.87 10.20
C ILE A 641 -37.84 47.13 11.52
N TYR A 642 -36.65 46.56 11.65
CA TYR A 642 -35.81 46.74 12.82
C TYR A 642 -34.48 47.34 12.41
N LEU A 643 -34.07 48.39 13.09
CA LEU A 643 -32.76 48.99 12.89
C LEU A 643 -31.78 48.37 13.88
N VAL A 644 -30.63 47.91 13.35
CA VAL A 644 -29.63 47.22 14.15
C VAL A 644 -28.25 47.63 13.67
N SER A 645 -27.29 47.64 14.60
CA SER A 645 -25.93 48.03 14.26
C SER A 645 -25.27 47.02 13.33
N ASP A 646 -25.60 45.75 13.46
CA ASP A 646 -25.00 44.70 12.65
C ASP A 646 -26.01 43.57 12.50
N LEU A 647 -25.58 42.50 11.82
CA LEU A 647 -26.41 41.34 11.58
C LEU A 647 -25.69 40.08 12.03
N PRO A 648 -26.43 39.07 12.49
CA PRO A 648 -25.78 37.79 12.85
C PRO A 648 -25.22 37.11 11.61
N LYS A 649 -23.89 36.99 11.57
CA LYS A 649 -23.20 36.39 10.44
C LYS A 649 -22.24 35.31 10.93
N THR A 650 -21.96 34.35 10.06
CA THR A 650 -20.98 33.32 10.34
C THR A 650 -19.58 33.81 9.98
N ARG A 651 -18.58 33.01 10.38
CA ARG A 651 -17.20 33.35 10.08
C ARG A 651 -17.00 33.56 8.58
N SER A 652 -17.65 32.75 7.75
CA SER A 652 -17.45 32.85 6.31
C SER A 652 -18.08 34.11 5.75
N GLY A 653 -19.22 34.54 6.29
CA GLY A 653 -19.89 35.73 5.81
C GLY A 653 -21.37 35.56 5.59
N LYS A 654 -21.87 34.33 5.73
CA LYS A 654 -23.29 34.08 5.58
C LYS A 654 -24.08 34.82 6.65
N ILE A 655 -25.22 35.37 6.27
CA ILE A 655 -26.14 35.99 7.21
C ILE A 655 -27.05 34.91 7.78
N MET A 656 -27.01 34.72 9.09
CA MET A 656 -27.75 33.66 9.76
C MET A 656 -29.20 34.09 9.91
N ARG A 657 -29.96 33.90 8.83
CA ARG A 657 -31.37 34.29 8.83
C ARG A 657 -32.21 33.38 9.71
N ARG A 658 -31.83 32.11 9.83
CA ARG A 658 -32.55 31.20 10.71
C ARG A 658 -32.65 31.77 12.12
N VAL A 659 -31.57 32.38 12.60
CA VAL A 659 -31.60 33.02 13.92
C VAL A 659 -32.65 34.12 13.94
N LEU A 660 -32.59 35.05 12.98
CA LEU A 660 -33.56 36.13 12.94
C LEU A 660 -34.98 35.60 12.81
N ARG A 661 -35.16 34.54 12.02
CA ARG A 661 -36.49 33.95 11.88
C ARG A 661 -36.95 33.31 13.19
N LYS A 662 -36.04 32.67 13.91
CA LYS A 662 -36.41 32.06 15.19
C LYS A 662 -36.75 33.11 16.22
N ILE A 663 -35.99 34.21 16.27
CA ILE A 663 -36.28 35.28 17.23
C ILE A 663 -37.65 35.88 16.94
N VAL A 664 -37.85 36.37 15.72
CA VAL A 664 -39.14 36.97 15.37
C VAL A 664 -40.29 36.03 15.68
N ALA A 665 -40.07 34.73 15.54
CA ALA A 665 -41.08 33.73 15.88
C ALA A 665 -41.10 33.38 17.35
N GLY A 666 -40.39 34.13 18.19
CA GLY A 666 -40.37 33.88 19.62
C GLY A 666 -39.69 32.58 19.98
N ALA A 678 -19.53 34.17 14.35
CA ALA A 678 -18.77 35.42 14.42
C ALA A 678 -19.11 36.16 15.71
N ASP A 679 -19.07 37.50 15.65
CA ASP A 679 -19.32 38.35 16.82
C ASP A 679 -20.59 37.90 17.54
N PRO A 680 -20.47 37.16 18.66
CA PRO A 680 -21.68 36.68 19.34
C PRO A 680 -22.46 37.78 20.04
N GLN A 681 -21.83 38.93 20.33
CA GLN A 681 -22.50 40.01 21.02
C GLN A 681 -23.57 40.69 20.17
N ILE A 682 -23.74 40.27 18.92
CA ILE A 682 -24.77 40.88 18.06
C ILE A 682 -26.14 40.26 18.30
N VAL A 683 -26.20 39.04 18.82
CA VAL A 683 -27.50 38.41 19.06
C VAL A 683 -28.20 39.07 20.24
N GLU A 684 -27.44 39.58 21.21
CA GLU A 684 -28.06 40.24 22.36
C GLU A 684 -28.81 41.50 21.92
N GLU A 685 -28.26 42.23 20.95
CA GLU A 685 -28.91 43.45 20.49
C GLU A 685 -30.18 43.14 19.70
N VAL A 686 -30.22 42.00 19.00
CA VAL A 686 -31.39 41.64 18.22
C VAL A 686 -32.53 41.23 19.14
N LYS A 687 -32.26 40.32 20.08
CA LYS A 687 -33.29 39.90 21.02
C LYS A 687 -33.87 41.08 21.79
N GLN A 688 -33.09 42.15 21.96
CA GLN A 688 -33.54 43.33 22.67
C GLN A 688 -34.29 44.29 21.75
N LYS A 689 -33.70 44.63 20.60
CA LYS A 689 -34.36 45.55 19.67
C LYS A 689 -35.67 44.98 19.17
N VAL A 690 -35.79 43.65 19.07
CA VAL A 690 -37.04 43.05 18.61
C VAL A 690 -38.07 43.01 19.73
N THR A 691 -37.62 42.98 20.99
CA THR A 691 -38.54 42.90 22.12
C THR A 691 -38.43 44.16 22.98
N VAL B 24 60.28 19.84 -7.34
CA VAL B 24 59.89 20.49 -6.10
C VAL B 24 58.37 20.55 -5.99
N HIS B 25 57.77 19.46 -5.51
CA HIS B 25 56.33 19.33 -5.41
C HIS B 25 55.86 19.64 -4.00
N HIS B 26 54.74 20.36 -3.89
CA HIS B 26 54.18 20.67 -2.59
C HIS B 26 53.53 19.44 -1.96
N VAL B 27 52.82 18.65 -2.76
CA VAL B 27 52.16 17.44 -2.29
C VAL B 27 53.07 16.26 -2.54
N HIS B 28 53.38 15.51 -1.48
CA HIS B 28 54.25 14.35 -1.56
C HIS B 28 53.45 13.06 -1.36
N PRO B 29 53.86 11.96 -1.99
CA PRO B 29 53.17 10.69 -1.75
C PRO B 29 53.42 10.19 -0.34
N LEU B 30 52.61 9.22 0.07
CA LEU B 30 52.78 8.63 1.39
C LEU B 30 54.15 7.97 1.46
N PRO B 31 54.93 8.18 2.53
CA PRO B 31 56.29 7.61 2.59
C PRO B 31 56.36 6.15 2.21
N ASP B 32 57.20 5.84 1.22
CA ASP B 32 57.40 4.48 0.74
C ASP B 32 58.89 4.27 0.49
N SER B 33 59.33 3.02 0.64
CA SER B 33 60.73 2.67 0.41
C SER B 33 61.10 2.62 -1.07
N VAL B 34 60.11 2.60 -1.96
CA VAL B 34 60.37 2.52 -3.40
C VAL B 34 60.41 3.93 -3.97
N PRO B 35 61.37 4.26 -4.85
CA PRO B 35 61.34 5.58 -5.48
C PRO B 35 60.05 5.78 -6.26
N GLU B 36 59.62 7.05 -6.33
CA GLU B 36 58.36 7.36 -7.00
C GLU B 36 58.40 6.97 -8.47
N SER B 37 59.57 7.06 -9.11
CA SER B 37 59.70 6.73 -10.53
C SER B 37 59.51 5.24 -10.81
N GLU B 38 59.48 4.40 -9.77
CA GLU B 38 59.30 2.96 -9.92
C GLU B 38 58.14 2.49 -9.04
N ASP B 39 57.10 3.31 -8.94
CA ASP B 39 55.98 3.02 -8.05
C ASP B 39 54.63 3.17 -8.74
N LEU B 40 54.60 3.24 -10.06
CA LEU B 40 53.35 3.36 -10.83
C LEU B 40 53.04 2.01 -11.45
N PHE B 41 51.92 1.41 -11.05
CA PHE B 41 51.57 0.05 -11.44
C PHE B 41 50.35 0.11 -12.37
N ALA B 42 50.61 -0.05 -13.67
CA ALA B 42 49.55 -0.10 -14.65
C ALA B 42 48.79 -1.43 -14.52
N PRO B 43 47.58 -1.51 -15.08
CA PRO B 43 46.79 -2.74 -14.96
C PRO B 43 47.57 -3.94 -15.46
N PRO B 44 47.69 -5.00 -14.66
CA PRO B 44 48.47 -6.17 -15.09
C PRO B 44 47.69 -7.02 -16.07
N PRO B 45 48.33 -8.04 -16.65
CA PRO B 45 47.67 -8.82 -17.71
C PRO B 45 46.27 -9.32 -17.36
N ARG B 46 46.06 -9.84 -16.16
CA ARG B 46 44.75 -10.38 -15.81
C ARG B 46 43.64 -9.35 -16.00
N MET B 47 43.96 -8.06 -15.84
CA MET B 47 43.01 -6.99 -16.06
C MET B 47 43.08 -6.41 -17.47
N GLN B 48 43.75 -7.10 -18.40
CA GLN B 48 43.81 -6.70 -19.79
C GLN B 48 43.06 -7.67 -20.70
N GLY B 49 42.19 -8.49 -20.14
CA GLY B 49 41.52 -9.51 -20.93
C GLY B 49 42.44 -10.59 -21.43
N LYS B 50 43.59 -10.78 -20.80
CA LYS B 50 44.55 -11.80 -21.17
C LYS B 50 44.40 -13.02 -20.27
N GLU B 51 45.15 -14.08 -20.61
CA GLU B 51 45.17 -15.31 -19.82
C GLU B 51 43.77 -15.86 -19.60
N GLY B 52 42.85 -15.55 -20.52
CA GLY B 52 41.49 -16.05 -20.43
C GLY B 52 40.59 -15.27 -19.51
N ARG B 53 41.04 -14.15 -18.95
CA ARG B 53 40.20 -13.38 -18.05
C ARG B 53 39.30 -12.43 -18.84
N PRO B 54 38.19 -11.99 -18.24
CA PRO B 54 37.25 -11.15 -18.98
C PRO B 54 37.83 -9.78 -19.28
N LYS B 55 37.33 -9.18 -20.36
CA LYS B 55 37.71 -7.83 -20.70
C LYS B 55 37.12 -6.85 -19.67
N PRO B 56 37.89 -5.87 -19.20
CA PRO B 56 37.36 -4.95 -18.20
C PRO B 56 36.32 -4.02 -18.78
N HIS B 57 35.31 -3.71 -17.97
CA HIS B 57 34.22 -2.85 -18.44
C HIS B 57 34.72 -1.47 -18.84
N ILE B 58 35.79 -0.99 -18.21
CA ILE B 58 36.35 0.31 -18.48
C ILE B 58 37.86 0.14 -18.66
N GLY B 59 38.37 0.58 -19.80
CA GLY B 59 39.79 0.48 -20.07
C GLY B 59 40.15 1.00 -21.44
N PRO B 60 41.44 0.95 -21.79
CA PRO B 60 42.57 0.42 -21.01
C PRO B 60 43.39 1.49 -20.29
N ASN B 61 43.05 2.76 -20.42
CA ASN B 61 43.89 3.84 -19.92
C ASN B 61 43.05 4.88 -19.19
N TYR B 62 43.75 5.85 -18.60
CA TYR B 62 43.07 6.88 -17.81
C TYR B 62 42.05 7.65 -18.64
N GLU B 63 42.31 7.81 -19.95
CA GLU B 63 41.38 8.54 -20.79
C GLU B 63 40.02 7.84 -20.84
N SER B 64 40.01 6.51 -20.97
CA SER B 64 38.76 5.79 -21.04
C SER B 64 37.93 6.00 -19.78
N TYR B 65 38.56 6.21 -18.64
CA TYR B 65 37.82 6.48 -17.42
C TYR B 65 37.16 7.85 -17.45
N VAL B 66 37.87 8.85 -17.99
CA VAL B 66 37.32 10.20 -18.02
C VAL B 66 36.18 10.30 -19.01
N LYS B 67 36.34 9.68 -20.19
CA LYS B 67 35.29 9.75 -21.20
C LYS B 67 33.96 9.28 -20.65
N GLU B 68 33.97 8.23 -19.82
CA GLU B 68 32.74 7.73 -19.21
C GLU B 68 32.36 8.56 -17.99
N TRP B 69 33.34 8.84 -17.13
CA TRP B 69 33.06 9.64 -15.93
C TRP B 69 32.46 10.99 -16.30
N ALA B 70 32.88 11.57 -17.43
CA ALA B 70 32.36 12.87 -17.84
C ALA B 70 30.86 12.83 -18.09
N LYS B 71 30.32 11.67 -18.47
CA LYS B 71 28.89 11.56 -18.69
C LYS B 71 28.11 11.53 -17.38
N THR B 72 28.75 11.22 -16.27
CA THR B 72 28.06 11.02 -15.00
C THR B 72 27.99 12.26 -14.13
N VAL B 73 28.70 13.32 -14.50
CA VAL B 73 28.67 14.58 -13.76
C VAL B 73 28.53 15.71 -14.76
N GLY B 74 27.89 16.80 -14.32
CA GLY B 74 27.67 17.95 -15.16
C GLY B 74 26.21 18.18 -15.46
N PRO B 75 25.91 19.20 -16.28
CA PRO B 75 24.51 19.56 -16.54
C PRO B 75 23.78 18.59 -17.45
N ASN B 76 24.46 17.62 -18.06
CA ASN B 76 23.84 16.69 -19.00
C ASN B 76 24.04 15.24 -18.56
N SER B 77 24.12 15.00 -17.26
CA SER B 77 24.35 13.65 -16.74
C SER B 77 23.06 12.92 -16.38
N ASP B 78 21.91 13.59 -16.41
CA ASP B 78 20.66 12.89 -16.13
C ASP B 78 20.41 11.77 -17.14
N GLU B 79 20.79 12.00 -18.40
CA GLU B 79 20.64 10.96 -19.41
C GLU B 79 21.33 9.68 -18.98
N TRP B 80 22.58 9.78 -18.52
CA TRP B 80 23.35 8.60 -18.18
C TRP B 80 22.79 7.90 -16.95
N TRP B 81 22.37 8.67 -15.92
CA TRP B 81 21.88 8.05 -14.71
C TRP B 81 20.50 7.45 -14.89
N ALA B 82 19.70 7.98 -15.82
CA ALA B 82 18.38 7.40 -16.08
C ALA B 82 18.51 6.06 -16.81
N ALA B 83 19.50 5.96 -17.71
CA ALA B 83 19.70 4.71 -18.43
C ALA B 83 20.24 3.63 -17.51
N LYS B 84 21.33 3.94 -16.78
CA LYS B 84 21.88 2.96 -15.85
C LYS B 84 20.86 2.52 -14.82
N ALA B 85 20.04 3.45 -14.34
CA ALA B 85 19.02 3.10 -13.36
C ALA B 85 18.03 2.08 -13.93
N ARG B 86 17.61 2.28 -15.18
CA ARG B 86 16.64 1.38 -15.79
C ARG B 86 17.28 0.09 -16.30
N GLU B 87 18.55 0.13 -16.66
CA GLU B 87 19.25 -1.05 -17.14
C GLU B 87 19.78 -1.91 -16.00
N THR B 88 19.98 -1.33 -14.82
CA THR B 88 20.61 -2.04 -13.71
C THR B 88 19.60 -2.67 -12.75
N LEU B 89 18.41 -2.10 -12.63
CA LEU B 89 17.42 -2.58 -11.69
C LEU B 89 16.11 -2.92 -12.41
N ASP B 90 15.26 -3.67 -11.72
CA ASP B 90 13.91 -3.95 -12.16
C ASP B 90 12.95 -3.06 -11.38
N TRP B 91 12.04 -2.41 -12.10
CA TRP B 91 11.13 -1.43 -11.52
C TRP B 91 9.69 -1.91 -11.65
N TYR B 92 8.94 -1.83 -10.55
CA TYR B 92 7.49 -2.03 -10.62
C TYR B 92 6.84 -0.87 -11.36
N ASP B 93 7.16 0.36 -10.96
CA ASP B 93 6.74 1.57 -11.66
C ASP B 93 7.97 2.35 -12.07
N ASP B 94 7.93 2.94 -13.26
CA ASP B 94 9.04 3.75 -13.73
C ASP B 94 9.08 5.08 -12.98
N PHE B 95 10.26 5.67 -12.94
CA PHE B 95 10.43 7.01 -12.39
C PHE B 95 10.35 8.04 -13.51
N LYS B 96 9.91 9.24 -13.15
CA LYS B 96 9.84 10.36 -14.09
C LYS B 96 11.04 11.28 -13.93
N THR B 97 11.22 11.85 -12.74
CA THR B 97 12.35 12.73 -12.46
C THR B 97 13.57 11.92 -12.06
N VAL B 98 14.74 12.40 -12.46
CA VAL B 98 15.99 11.70 -12.17
C VAL B 98 16.51 12.10 -10.78
N ARG B 99 16.69 13.41 -10.56
CA ARG B 99 17.25 13.90 -9.30
C ARG B 99 16.58 15.20 -8.91
N ALA B 100 16.64 15.50 -7.61
CA ALA B 100 16.08 16.73 -7.06
C ALA B 100 16.58 16.88 -5.63
N GLY B 101 16.41 18.07 -5.09
CA GLY B 101 16.87 18.37 -3.75
C GLY B 101 18.32 18.76 -3.72
N GLY B 102 18.86 18.84 -2.50
CA GLY B 102 20.25 19.25 -2.35
C GLY B 102 20.68 19.19 -0.90
N PHE B 103 21.91 19.66 -0.67
CA PHE B 103 22.52 19.55 0.65
C PHE B 103 21.86 20.48 1.66
N GLU B 104 21.47 21.68 1.23
CA GLU B 104 21.14 22.75 2.17
C GLU B 104 20.17 22.29 3.24
N HIS B 105 19.02 21.76 2.83
CA HIS B 105 17.98 21.35 3.76
C HIS B 105 17.88 19.84 3.95
N GLY B 106 18.62 19.06 3.16
CA GLY B 106 18.57 17.61 3.31
C GLY B 106 17.33 17.00 2.70
N ASP B 107 17.10 17.28 1.41
CA ASP B 107 15.94 16.79 0.68
C ASP B 107 16.37 16.06 -0.58
N VAL B 108 17.48 15.33 -0.51
CA VAL B 108 18.01 14.67 -1.69
C VAL B 108 17.02 13.64 -2.19
N GLN B 109 16.72 13.68 -3.48
CA GLN B 109 15.80 12.76 -4.12
C GLN B 109 16.47 12.17 -5.36
N TRP B 110 16.20 10.89 -5.61
CA TRP B 110 16.67 10.22 -6.82
C TRP B 110 15.59 9.24 -7.27
N PHE B 111 15.06 9.46 -8.48
CA PHE B 111 14.05 8.59 -9.06
C PHE B 111 12.82 8.53 -8.18
N PRO B 112 12.32 9.67 -7.68
CA PRO B 112 11.27 9.61 -6.64
C PRO B 112 9.99 8.93 -7.07
N GLU B 113 9.54 9.13 -8.32
CA GLU B 113 8.27 8.53 -8.73
C GLU B 113 8.36 7.03 -8.91
N GLY B 114 9.57 6.48 -9.03
CA GLY B 114 9.71 5.06 -9.28
C GLY B 114 9.41 4.22 -8.06
N THR B 115 9.07 2.96 -8.31
CA THR B 115 8.87 1.97 -7.27
C THR B 115 9.67 0.72 -7.62
N LEU B 116 10.06 -0.01 -6.58
CA LEU B 116 10.90 -1.20 -6.73
C LEU B 116 10.95 -1.89 -5.38
N ASN B 117 11.68 -3.01 -5.33
CA ASN B 117 11.90 -3.74 -4.08
C ASN B 117 13.32 -4.30 -4.09
N ALA B 118 14.05 -4.04 -3.00
CA ALA B 118 15.45 -4.46 -2.95
C ALA B 118 15.58 -5.97 -3.05
N ALA B 119 14.79 -6.70 -2.27
CA ALA B 119 14.88 -8.16 -2.29
C ALA B 119 14.60 -8.71 -3.68
N TYR B 120 13.69 -8.07 -4.43
CA TYR B 120 13.38 -8.57 -5.77
C TYR B 120 14.60 -8.46 -6.68
N ASN B 121 15.39 -7.40 -6.53
CA ASN B 121 16.55 -7.22 -7.39
C ASN B 121 17.77 -8.01 -6.91
N CYS B 122 17.78 -8.46 -5.66
CA CYS B 122 18.90 -9.22 -5.12
C CYS B 122 18.63 -10.71 -5.05
N LEU B 123 17.36 -11.14 -5.11
CA LEU B 123 17.03 -12.55 -5.06
C LEU B 123 16.14 -12.95 -6.23
N ASP B 124 14.86 -12.57 -6.16
CA ASP B 124 13.84 -13.06 -7.08
C ASP B 124 14.32 -13.12 -8.53
N ARG B 125 14.66 -11.97 -9.10
CA ARG B 125 14.96 -11.92 -10.53
C ARG B 125 16.12 -12.83 -10.91
N HIS B 126 17.01 -13.13 -9.98
CA HIS B 126 18.07 -14.10 -10.24
C HIS B 126 17.61 -15.53 -9.99
N TYR B 127 16.72 -15.74 -9.03
CA TYR B 127 16.13 -17.06 -8.83
C TYR B 127 15.38 -17.52 -10.06
N TYR B 128 14.65 -16.62 -10.72
CA TYR B 128 13.88 -16.99 -11.91
C TYR B 128 14.77 -17.34 -13.08
N LYS B 129 16.02 -16.85 -13.12
CA LYS B 129 16.91 -17.10 -14.25
C LYS B 129 17.76 -18.35 -14.04
N ASN B 130 18.33 -18.50 -12.85
CA ASN B 130 19.15 -19.67 -12.53
C ASN B 130 19.04 -19.92 -11.03
N PRO B 131 18.04 -20.72 -10.61
CA PRO B 131 17.82 -20.90 -9.17
C PRO B 131 18.92 -21.67 -8.47
N LYS B 132 19.70 -22.47 -9.18
CA LYS B 132 20.73 -23.31 -8.57
C LYS B 132 22.06 -22.59 -8.43
N LYS B 133 22.20 -21.39 -8.99
CA LYS B 133 23.44 -20.65 -8.85
C LYS B 133 23.70 -20.32 -7.39
N THR B 134 24.96 -20.42 -6.98
CA THR B 134 25.34 -20.12 -5.61
C THR B 134 25.32 -18.61 -5.40
N ALA B 135 24.51 -18.15 -4.46
CA ALA B 135 24.49 -16.73 -4.09
C ALA B 135 25.50 -16.43 -2.99
N ILE B 136 25.65 -17.32 -2.01
CA ILE B 136 26.48 -17.08 -0.84
C ILE B 136 27.40 -18.26 -0.66
N ILE B 137 28.71 -18.00 -0.66
CA ILE B 137 29.70 -18.95 -0.18
C ILE B 137 29.83 -18.77 1.32
N TYR B 138 29.27 -19.70 2.09
CA TYR B 138 29.30 -19.64 3.55
C TYR B 138 30.59 -20.27 4.02
N GLU B 139 31.56 -19.43 4.42
CA GLU B 139 32.81 -19.88 5.00
C GLU B 139 32.66 -19.81 6.51
N ALA B 140 32.35 -20.96 7.13
CA ALA B 140 32.09 -21.00 8.55
C ALA B 140 33.37 -20.79 9.35
N ASP B 141 33.20 -20.51 10.64
CA ASP B 141 34.36 -20.39 11.53
C ASP B 141 35.26 -21.61 11.41
N GLU B 142 34.67 -22.80 11.36
CA GLU B 142 35.43 -24.02 11.15
C GLU B 142 35.44 -24.35 9.66
N PRO B 143 36.61 -24.46 9.02
CA PRO B 143 36.63 -24.66 7.55
C PRO B 143 35.75 -25.79 7.04
N SER B 144 35.66 -26.91 7.75
CA SER B 144 34.95 -28.07 7.23
C SER B 144 33.44 -27.85 7.17
N GLU B 145 32.92 -26.89 7.95
CA GLU B 145 31.48 -26.65 8.01
C GLU B 145 30.99 -25.71 6.92
N SER B 146 31.83 -25.41 5.92
CA SER B 146 31.47 -24.45 4.88
C SER B 146 30.66 -25.13 3.78
N ARG B 147 29.81 -24.34 3.12
CA ARG B 147 28.98 -24.85 2.04
C ARG B 147 28.49 -23.69 1.19
N GLU B 148 27.94 -24.03 0.03
CA GLU B 148 27.36 -23.06 -0.89
C GLU B 148 25.86 -22.94 -0.65
N VAL B 149 25.35 -21.71 -0.71
CA VAL B 149 23.93 -21.44 -0.57
C VAL B 149 23.43 -20.87 -1.89
N SER B 150 22.51 -21.59 -2.53
CA SER B 150 22.00 -21.18 -3.83
C SER B 150 20.99 -20.04 -3.68
N TYR B 151 20.72 -19.38 -4.81
CA TYR B 151 19.70 -18.33 -4.81
C TYR B 151 18.34 -18.88 -4.41
N GLU B 152 18.02 -20.10 -4.85
CA GLU B 152 16.76 -20.72 -4.44
C GLU B 152 16.70 -20.87 -2.92
N GLU B 153 17.76 -21.41 -2.32
CA GLU B 153 17.75 -21.63 -0.88
C GLU B 153 17.71 -20.30 -0.12
N LEU B 154 18.48 -19.31 -0.57
CA LEU B 154 18.49 -18.02 0.11
C LEU B 154 17.16 -17.30 -0.06
N MET B 155 16.47 -17.50 -1.18
CA MET B 155 15.18 -16.87 -1.38
C MET B 155 14.10 -17.52 -0.51
N GLN B 156 14.11 -18.85 -0.43
CA GLN B 156 13.15 -19.54 0.42
C GLN B 156 13.31 -19.10 1.88
N GLU B 157 14.55 -19.09 2.37
CA GLU B 157 14.78 -18.69 3.76
C GLU B 157 14.36 -17.24 3.98
N THR B 158 14.58 -16.38 2.99
CA THR B 158 14.18 -14.98 3.14
C THR B 158 12.66 -14.86 3.23
N CYS B 159 11.94 -15.54 2.33
CA CYS B 159 10.48 -15.46 2.34
C CYS B 159 9.91 -16.01 3.64
N ARG B 160 10.53 -17.04 4.20
CA ARG B 160 10.07 -17.58 5.48
C ARG B 160 10.21 -16.55 6.58
N VAL B 161 11.38 -15.90 6.67
CA VAL B 161 11.60 -14.90 7.71
C VAL B 161 10.65 -13.73 7.51
N ALA B 162 10.49 -13.26 6.27
CA ALA B 162 9.56 -12.18 6.00
C ALA B 162 8.15 -12.52 6.47
N ASN B 163 7.72 -13.77 6.23
CA ASN B 163 6.40 -14.18 6.68
C ASN B 163 6.30 -14.21 8.20
N VAL B 164 7.39 -14.60 8.88
CA VAL B 164 7.40 -14.56 10.33
C VAL B 164 7.29 -13.12 10.84
N LEU B 165 8.00 -12.20 10.20
CA LEU B 165 7.89 -10.80 10.59
C LEU B 165 6.47 -10.30 10.40
N LYS B 166 5.90 -10.53 9.21
CA LYS B 166 4.52 -10.12 8.96
C LYS B 166 3.57 -10.69 10.01
N SER B 167 3.83 -11.92 10.46
CA SER B 167 3.03 -12.52 11.52
C SER B 167 3.19 -11.78 12.85
N TYR B 168 4.28 -11.02 13.01
CA TYR B 168 4.47 -10.19 14.19
C TYR B 168 3.88 -8.80 14.00
N GLY B 169 3.16 -8.57 12.91
CA GLY B 169 2.63 -7.24 12.63
C GLY B 169 3.64 -6.23 12.16
N VAL B 170 4.85 -6.66 11.78
CA VAL B 170 5.83 -5.74 11.25
C VAL B 170 5.29 -5.16 9.94
N LYS B 171 5.09 -3.83 9.93
CA LYS B 171 4.51 -3.15 8.79
C LYS B 171 5.57 -2.36 8.04
N LYS B 172 5.23 -1.96 6.82
CA LYS B 172 6.06 -1.07 6.04
C LYS B 172 6.46 0.15 6.87
N GLY B 173 7.76 0.41 6.97
CA GLY B 173 8.27 1.53 7.71
C GLY B 173 8.72 1.21 9.13
N ASP B 174 8.36 0.05 9.66
CA ASP B 174 8.78 -0.31 11.01
C ASP B 174 10.25 -0.71 11.03
N ALA B 175 10.89 -0.46 12.16
CA ALA B 175 12.30 -0.80 12.33
C ALA B 175 12.44 -2.18 12.96
N VAL B 176 13.49 -2.89 12.55
CA VAL B 176 13.80 -4.21 13.08
C VAL B 176 15.31 -4.28 13.28
N SER B 177 15.74 -4.53 14.52
CA SER B 177 17.15 -4.60 14.85
C SER B 177 17.68 -6.00 14.57
N ILE B 178 18.80 -6.09 13.87
CA ILE B 178 19.47 -7.34 13.58
C ILE B 178 20.76 -7.38 14.40
N TYR B 179 20.88 -8.40 15.25
CA TYR B 179 22.08 -8.63 16.05
C TYR B 179 22.59 -10.03 15.74
N LEU B 180 23.10 -10.22 14.52
CA LEU B 180 23.49 -11.53 14.04
C LEU B 180 24.98 -11.58 13.73
N PRO B 181 25.65 -12.72 13.97
CA PRO B 181 27.04 -12.86 13.56
C PRO B 181 27.16 -13.16 12.06
N MET B 182 28.37 -13.46 11.60
CA MET B 182 28.61 -13.64 10.17
C MET B 182 28.29 -15.08 9.74
N THR B 183 27.04 -15.47 9.97
CA THR B 183 26.46 -16.66 9.38
C THR B 183 25.59 -16.26 8.21
N TRP B 184 25.43 -17.17 7.24
CA TRP B 184 24.82 -16.79 5.98
C TRP B 184 23.38 -16.31 6.17
N GLN B 185 22.70 -16.79 7.21
CA GLN B 185 21.31 -16.38 7.44
C GLN B 185 21.20 -14.87 7.67
N ALA B 186 22.30 -14.20 8.02
CA ALA B 186 22.25 -12.76 8.23
C ALA B 186 21.75 -12.04 6.99
N ALA B 187 22.15 -12.51 5.81
CA ALA B 187 21.67 -11.89 4.57
C ALA B 187 20.18 -12.10 4.39
N ALA B 188 19.69 -13.30 4.70
CA ALA B 188 18.26 -13.55 4.65
C ALA B 188 17.50 -12.61 5.57
N ALA B 189 18.05 -12.34 6.76
CA ALA B 189 17.40 -11.41 7.68
C ALA B 189 17.38 -10.00 7.12
N PHE B 190 18.49 -9.55 6.53
CA PHE B 190 18.52 -8.25 5.87
C PHE B 190 17.43 -8.16 4.80
N LEU B 191 17.45 -9.10 3.85
CA LEU B 191 16.53 -9.04 2.72
C LEU B 191 15.09 -9.30 3.15
N ALA B 192 14.89 -10.06 4.24
CA ALA B 192 13.55 -10.27 4.74
C ALA B 192 12.92 -8.94 5.17
N CYS B 193 13.67 -8.14 5.93
CA CYS B 193 13.22 -6.80 6.26
C CYS B 193 13.01 -5.97 4.98
N ALA B 194 13.96 -6.04 4.06
CA ALA B 194 13.84 -5.26 2.83
C ALA B 194 12.70 -5.75 1.96
N ARG B 195 12.37 -7.04 2.03
CA ARG B 195 11.31 -7.58 1.19
C ARG B 195 9.96 -6.99 1.54
N ILE B 196 9.66 -6.87 2.84
CA ILE B 196 8.35 -6.39 3.28
C ILE B 196 8.33 -4.89 3.51
N GLY B 197 9.41 -4.18 3.23
CA GLY B 197 9.45 -2.75 3.40
C GLY B 197 9.81 -2.28 4.79
N ALA B 198 10.37 -3.15 5.63
CA ALA B 198 10.81 -2.77 6.97
C ALA B 198 12.24 -2.25 6.93
N ILE B 199 12.57 -1.43 7.91
CA ILE B 199 13.87 -0.79 8.02
C ILE B 199 14.71 -1.61 8.98
N HIS B 200 15.73 -2.29 8.49
CA HIS B 200 16.60 -3.09 9.35
C HIS B 200 17.74 -2.24 9.88
N SER B 201 18.13 -2.51 11.13
CA SER B 201 19.23 -1.82 11.80
C SER B 201 20.15 -2.89 12.37
N ALA B 202 21.21 -3.22 11.63
CA ALA B 202 22.11 -4.28 12.04
C ALA B 202 23.17 -3.75 13.02
N VAL B 203 23.49 -4.57 14.01
CA VAL B 203 24.47 -4.23 15.04
C VAL B 203 25.52 -5.34 15.08
N PHE B 204 26.79 -4.94 15.19
CA PHE B 204 27.88 -5.90 15.31
C PHE B 204 27.55 -6.94 16.37
N ALA B 205 27.63 -8.22 15.99
CA ALA B 205 27.46 -9.31 16.94
C ALA B 205 28.68 -9.35 17.85
N GLY B 206 28.59 -8.72 19.02
CA GLY B 206 29.71 -8.62 19.93
C GLY B 206 29.68 -7.34 20.74
N PHE B 207 28.98 -6.33 20.23
CA PHE B 207 28.82 -5.09 20.97
C PHE B 207 28.22 -5.39 22.35
N SER B 208 28.57 -4.55 23.32
CA SER B 208 28.10 -4.76 24.68
C SER B 208 26.60 -4.61 24.76
N ALA B 209 26.03 -5.11 25.85
CA ALA B 209 24.60 -4.96 26.09
C ALA B 209 24.21 -3.49 26.12
N GLU B 210 25.08 -2.64 26.67
CA GLU B 210 24.78 -1.21 26.72
C GLU B 210 24.78 -0.61 25.31
N SER B 211 25.77 -0.95 24.50
CA SER B 211 25.80 -0.48 23.11
C SER B 211 24.56 -0.92 22.36
N LEU B 212 24.26 -2.22 22.40
CA LEU B 212 23.07 -2.74 21.74
C LEU B 212 21.82 -2.01 22.23
N ARG B 213 21.64 -1.94 23.54
CA ARG B 213 20.50 -1.22 24.11
C ARG B 213 20.39 0.17 23.52
N ASP B 214 21.50 0.90 23.45
CA ASP B 214 21.46 2.26 22.92
C ASP B 214 20.89 2.29 21.50
N ARG B 215 21.28 1.35 20.66
CA ARG B 215 20.82 1.34 19.29
C ARG B 215 19.40 0.79 19.17
N VAL B 216 19.05 -0.20 19.98
CA VAL B 216 17.69 -0.74 19.93
C VAL B 216 16.68 0.31 20.33
N ASN B 217 16.99 1.10 21.37
CA ASN B 217 16.06 2.13 21.82
C ASN B 217 15.97 3.29 20.84
N ASP B 218 17.07 3.62 20.16
CA ASP B 218 17.08 4.78 19.29
C ASP B 218 16.21 4.55 18.06
N CYS B 219 16.23 3.35 17.50
CA CYS B 219 15.41 3.04 16.34
C CYS B 219 13.97 2.69 16.70
N GLU B 220 13.69 2.43 17.98
CA GLU B 220 12.33 2.20 18.46
C GLU B 220 11.71 0.96 17.83
N CYS B 221 12.53 0.00 17.43
CA CYS B 221 12.03 -1.23 16.84
C CYS B 221 11.23 -2.04 17.86
N LYS B 222 10.29 -2.84 17.35
CA LYS B 222 9.52 -3.75 18.18
C LYS B 222 9.95 -5.21 18.04
N VAL B 223 10.84 -5.51 17.09
CA VAL B 223 11.32 -6.87 16.85
C VAL B 223 12.82 -6.85 16.76
N LEU B 224 13.47 -7.90 17.26
CA LEU B 224 14.91 -8.03 17.23
C LEU B 224 15.29 -9.44 16.81
N ILE B 225 16.21 -9.54 15.85
CA ILE B 225 16.70 -10.82 15.36
C ILE B 225 18.12 -11.02 15.85
N THR B 226 18.43 -12.23 16.29
CA THR B 226 19.74 -12.54 16.86
C THR B 226 19.93 -14.05 16.87
N THR B 227 21.07 -14.48 17.40
CA THR B 227 21.42 -15.88 17.52
C THR B 227 21.54 -16.25 19.00
N ASP B 228 21.54 -17.56 19.26
CA ASP B 228 21.86 -18.03 20.60
C ASP B 228 23.31 -17.73 20.95
N GLU B 229 24.22 -17.99 20.02
CA GLU B 229 25.63 -17.73 20.20
C GLU B 229 26.27 -17.55 18.83
N GLY B 230 27.33 -16.75 18.78
CA GLY B 230 28.15 -16.63 17.59
C GLY B 230 29.45 -17.39 17.75
N ARG B 231 30.09 -17.67 16.63
CA ARG B 231 31.39 -18.34 16.60
C ARG B 231 32.33 -17.56 15.71
N ARG B 232 33.39 -17.01 16.30
CA ARG B 232 34.41 -16.29 15.55
C ARG B 232 35.76 -16.60 16.17
N GLY B 233 36.73 -16.98 15.33
CA GLY B 233 38.07 -17.27 15.83
C GLY B 233 38.10 -18.33 16.90
N GLY B 234 37.24 -19.34 16.79
CA GLY B 234 37.17 -20.37 17.82
C GLY B 234 36.69 -19.89 19.17
N LYS B 235 36.12 -18.70 19.24
CA LYS B 235 35.59 -18.14 20.49
C LYS B 235 34.09 -17.96 20.37
N THR B 236 33.42 -17.98 21.51
CA THR B 236 31.96 -17.90 21.57
C THR B 236 31.53 -16.48 21.89
N ILE B 237 30.50 -16.01 21.18
CA ILE B 237 29.88 -14.71 21.42
C ILE B 237 28.52 -14.98 22.04
N ALA B 238 28.39 -14.66 23.34
CA ALA B 238 27.15 -14.91 24.06
C ALA B 238 26.05 -13.96 23.58
N THR B 239 25.63 -14.11 22.32
CA THR B 239 24.69 -13.15 21.73
C THR B 239 23.39 -13.09 22.52
N LYS B 240 22.74 -14.23 22.72
CA LYS B 240 21.47 -14.22 23.45
C LYS B 240 21.65 -13.74 24.88
N GLN B 241 22.79 -14.06 25.49
CA GLN B 241 23.06 -13.57 26.84
C GLN B 241 23.16 -12.05 26.87
N ILE B 242 23.83 -11.47 25.87
CA ILE B 242 23.92 -10.02 25.78
C ILE B 242 22.54 -9.42 25.48
N VAL B 243 21.78 -10.08 24.61
CA VAL B 243 20.47 -9.56 24.23
C VAL B 243 19.56 -9.47 25.44
N ASP B 244 19.59 -10.49 26.31
CA ASP B 244 18.77 -10.45 27.51
C ASP B 244 19.17 -9.28 28.40
N ALA B 245 20.46 -9.00 28.51
CA ALA B 245 20.91 -7.88 29.35
C ALA B 245 20.45 -6.55 28.78
N ALA B 246 20.52 -6.38 27.46
CA ALA B 246 20.08 -5.14 26.84
C ALA B 246 18.57 -4.95 26.99
N LEU B 247 17.81 -6.01 26.70
CA LEU B 247 16.35 -5.90 26.62
C LEU B 247 15.70 -5.63 27.98
N GLN B 248 16.46 -5.66 29.07
CA GLN B 248 15.91 -5.24 30.35
C GLN B 248 15.70 -3.73 30.41
N GLN B 249 16.26 -2.98 29.45
CA GLN B 249 16.08 -1.54 29.39
C GLN B 249 15.57 -1.11 28.02
N CYS B 250 14.95 -2.02 27.27
CA CYS B 250 14.32 -1.74 25.97
C CYS B 250 12.86 -2.12 26.08
N PRO B 251 12.00 -1.23 26.58
CA PRO B 251 10.61 -1.61 26.84
C PRO B 251 9.74 -1.70 25.59
N LEU B 252 10.30 -1.44 24.40
CA LEU B 252 9.52 -1.52 23.17
C LEU B 252 9.64 -2.86 22.48
N VAL B 253 10.62 -3.68 22.83
CA VAL B 253 10.85 -4.95 22.15
C VAL B 253 9.82 -5.97 22.62
N GLU B 254 9.02 -6.48 21.69
CA GLU B 254 7.96 -7.44 21.98
C GLU B 254 8.27 -8.85 21.54
N ASN B 255 9.03 -9.01 20.45
CA ASN B 255 9.34 -10.32 19.88
C ASN B 255 10.82 -10.40 19.56
N VAL B 256 11.42 -11.56 19.85
CA VAL B 256 12.81 -11.83 19.56
C VAL B 256 12.90 -13.15 18.82
N LEU B 257 13.43 -13.12 17.60
CA LEU B 257 13.66 -14.33 16.82
C LEU B 257 15.09 -14.80 17.05
N VAL B 258 15.26 -16.06 17.43
CA VAL B 258 16.53 -16.60 17.86
C VAL B 258 16.94 -17.72 16.91
N LEU B 259 18.07 -17.54 16.24
CA LEU B 259 18.61 -18.55 15.33
C LEU B 259 19.52 -19.50 16.10
N ARG B 260 19.33 -20.80 15.88
CA ARG B 260 20.08 -21.84 16.57
C ARG B 260 21.40 -22.05 15.83
N ARG B 261 22.43 -21.31 16.25
CA ARG B 261 23.72 -21.35 15.58
C ARG B 261 24.67 -22.37 16.19
N THR B 262 24.71 -22.49 17.52
CA THR B 262 25.57 -23.45 18.20
C THR B 262 24.82 -24.54 18.93
N GLY B 263 23.54 -24.33 19.24
CA GLY B 263 22.77 -25.30 19.99
C GLY B 263 23.03 -25.35 21.47
N ASN B 264 24.03 -24.61 21.96
CA ASN B 264 24.29 -24.59 23.39
C ASN B 264 23.11 -23.96 24.13
N LYS B 265 22.87 -24.44 25.35
CA LYS B 265 21.73 -23.97 26.12
C LYS B 265 21.85 -22.49 26.37
N VAL B 266 20.80 -21.75 26.00
CA VAL B 266 20.71 -20.31 26.28
C VAL B 266 19.31 -20.04 26.82
N PRO B 267 19.14 -19.08 27.72
CA PRO B 267 17.80 -18.81 28.27
C PRO B 267 16.87 -18.28 27.20
N MET B 268 15.58 -18.54 27.40
CA MET B 268 14.54 -18.11 26.48
C MET B 268 13.33 -17.63 27.26
N THR B 269 12.83 -16.45 26.91
CA THR B 269 11.66 -15.88 27.55
C THR B 269 10.41 -16.30 26.76
N GLU B 270 9.50 -17.00 27.44
CA GLU B 270 8.29 -17.48 26.77
C GLU B 270 7.47 -16.29 26.25
N GLY B 271 6.97 -16.44 25.03
CA GLY B 271 6.16 -15.41 24.41
C GLY B 271 6.98 -14.42 23.60
N ARG B 272 7.97 -13.79 24.24
CA ARG B 272 8.81 -12.83 23.54
C ARG B 272 9.80 -13.54 22.62
N ASP B 273 10.41 -14.62 23.09
CA ASP B 273 11.49 -15.28 22.39
C ASP B 273 10.97 -16.53 21.69
N LYS B 274 11.28 -16.66 20.40
CA LYS B 274 10.92 -17.82 19.60
C LYS B 274 12.14 -18.25 18.80
N TRP B 275 12.12 -19.50 18.34
CA TRP B 275 13.24 -20.07 17.61
C TRP B 275 13.05 -19.88 16.11
N TRP B 276 14.11 -19.39 15.45
CA TRP B 276 14.11 -19.20 14.01
C TRP B 276 13.56 -20.42 13.28
N ASP B 277 14.09 -21.60 13.59
CA ASP B 277 13.73 -22.80 12.83
C ASP B 277 12.29 -23.21 13.08
N GLU B 278 11.83 -23.09 14.33
CA GLU B 278 10.47 -23.47 14.66
C GLU B 278 9.45 -22.51 14.05
N GLU B 279 9.78 -21.22 14.01
CA GLU B 279 8.85 -20.25 13.44
C GLU B 279 8.78 -20.37 11.92
N CYS B 280 9.92 -20.47 11.25
CA CYS B 280 9.93 -20.53 9.79
C CYS B 280 9.24 -21.79 9.28
N ALA B 281 9.27 -22.88 10.05
CA ALA B 281 8.64 -24.11 9.61
C ALA B 281 7.13 -23.97 9.49
N LYS B 282 6.55 -22.96 10.14
CA LYS B 282 5.11 -22.72 10.06
C LYS B 282 4.70 -21.88 8.87
N MET B 283 5.64 -21.23 8.20
CA MET B 283 5.35 -20.26 7.15
C MET B 283 5.66 -20.82 5.77
N PRO B 284 5.01 -20.29 4.73
CA PRO B 284 5.35 -20.71 3.36
C PRO B 284 6.76 -20.27 2.99
N ALA B 285 7.25 -20.84 1.89
CA ALA B 285 8.58 -20.52 1.37
C ALA B 285 8.53 -19.46 0.28
N TYR B 286 7.40 -18.79 0.09
CA TYR B 286 7.32 -17.60 -0.74
C TYR B 286 6.54 -16.52 -0.01
N CYS B 287 6.91 -15.27 -0.28
CA CYS B 287 6.26 -14.10 0.28
C CYS B 287 6.20 -13.05 -0.83
N PRO B 288 5.09 -12.31 -0.93
CA PRO B 288 5.03 -11.25 -1.95
C PRO B 288 5.88 -10.06 -1.54
N CYS B 289 6.43 -9.38 -2.54
CA CYS B 289 7.26 -8.21 -2.28
C CYS B 289 6.40 -6.98 -2.12
N GLU B 290 6.76 -6.16 -1.13
CA GLU B 290 6.14 -4.85 -0.97
C GLU B 290 6.70 -3.89 -2.01
N ARG B 291 5.81 -3.12 -2.63
CA ARG B 291 6.22 -2.13 -3.63
C ARG B 291 6.69 -0.87 -2.91
N MET B 292 7.99 -0.63 -2.95
CA MET B 292 8.62 0.43 -2.17
C MET B 292 8.93 1.63 -3.05
N ALA B 293 8.71 2.82 -2.50
CA ALA B 293 9.12 4.05 -3.17
C ALA B 293 10.63 4.19 -3.12
N SER B 294 11.20 4.81 -4.17
CA SER B 294 12.64 4.99 -4.23
C SER B 294 13.19 5.59 -2.94
N GLU B 295 12.52 6.61 -2.42
CA GLU B 295 12.99 7.33 -1.24
C GLU B 295 12.45 6.75 0.06
N ASP B 296 11.79 5.60 0.02
CA ASP B 296 11.49 4.90 1.26
C ASP B 296 12.81 4.45 1.90
N PRO B 297 12.97 4.62 3.20
CA PRO B 297 14.22 4.21 3.85
C PRO B 297 14.43 2.70 3.77
N LEU B 298 15.64 2.30 3.43
CA LEU B 298 15.98 0.90 3.29
C LEU B 298 16.58 0.31 4.56
N PHE B 299 17.42 1.05 5.26
CA PHE B 299 17.99 0.56 6.50
C PHE B 299 18.58 1.71 7.30
N ILE B 300 18.71 1.47 8.60
CA ILE B 300 19.47 2.34 9.51
C ILE B 300 20.76 1.62 9.84
N LEU B 301 21.86 2.36 9.92
CA LEU B 301 23.14 1.80 10.33
C LEU B 301 23.81 2.77 11.27
N TYR B 302 23.83 2.43 12.56
CA TYR B 302 24.46 3.26 13.57
C TYR B 302 25.98 3.13 13.48
N THR B 303 26.67 4.24 13.67
CA THR B 303 28.12 4.28 13.59
C THR B 303 28.74 4.20 14.98
N LYS B 309 27.19 10.29 21.00
CA LYS B 309 25.97 9.48 20.96
C LYS B 309 25.92 8.68 19.65
N PRO B 310 25.07 7.65 19.62
CA PRO B 310 24.98 6.81 18.43
C PRO B 310 24.27 7.53 17.29
N LYS B 311 24.84 7.41 16.10
CA LYS B 311 24.37 8.14 14.91
C LYS B 311 23.82 7.14 13.91
N GLY B 312 22.49 7.04 13.85
CA GLY B 312 21.84 6.13 12.93
C GLY B 312 21.73 6.68 11.53
N VAL B 313 22.66 6.29 10.66
CA VAL B 313 22.69 6.77 9.29
C VAL B 313 21.63 6.04 8.48
N VAL B 314 20.74 6.81 7.84
CA VAL B 314 19.62 6.28 7.07
C VAL B 314 19.95 6.32 5.59
N HIS B 315 19.50 5.30 4.85
CA HIS B 315 19.67 5.22 3.42
C HIS B 315 18.34 4.90 2.75
N SER B 316 18.13 5.46 1.57
CA SER B 316 16.93 5.18 0.79
C SER B 316 17.15 3.89 0.01
N THR B 317 16.23 3.58 -0.90
CA THR B 317 16.23 2.29 -1.60
C THR B 317 16.88 2.38 -2.98
N ALA B 318 16.29 3.16 -3.89
CA ALA B 318 16.72 3.14 -5.28
C ALA B 318 18.15 3.63 -5.43
N GLY B 319 18.44 4.84 -4.93
CA GLY B 319 19.76 5.41 -5.12
C GLY B 319 20.86 4.57 -4.50
N TYR B 320 20.64 4.08 -3.28
CA TYR B 320 21.64 3.25 -2.63
C TYR B 320 21.88 1.96 -3.40
N LEU B 321 20.80 1.30 -3.82
CA LEU B 321 20.95 0.02 -4.51
C LEU B 321 21.69 0.20 -5.83
N LEU B 322 21.32 1.23 -6.60
CA LEU B 322 22.02 1.49 -7.85
C LEU B 322 23.49 1.80 -7.61
N GLY B 323 23.79 2.56 -6.56
CA GLY B 323 25.18 2.91 -6.28
C GLY B 323 26.03 1.69 -5.96
N THR B 324 25.58 0.88 -5.00
CA THR B 324 26.32 -0.34 -4.68
C THR B 324 26.42 -1.27 -5.88
N ALA B 325 25.44 -1.22 -6.78
CA ALA B 325 25.49 -2.08 -7.97
C ALA B 325 26.53 -1.60 -8.95
N LEU B 326 26.50 -0.31 -9.30
CA LEU B 326 27.46 0.22 -10.26
C LEU B 326 28.88 0.15 -9.73
N THR B 327 29.08 0.53 -8.46
CA THR B 327 30.43 0.52 -7.91
C THR B 327 31.04 -0.87 -7.97
N LEU B 328 30.28 -1.89 -7.55
CA LEU B 328 30.81 -3.24 -7.59
C LEU B 328 31.19 -3.64 -9.02
N LYS B 329 30.33 -3.32 -9.99
CA LYS B 329 30.60 -3.72 -11.37
C LYS B 329 31.89 -3.07 -11.87
N TYR B 330 32.09 -1.80 -11.60
CA TYR B 330 33.17 -1.03 -12.20
C TYR B 330 34.41 -0.93 -11.33
N VAL B 331 34.26 -0.85 -10.01
CA VAL B 331 35.44 -0.74 -9.15
C VAL B 331 36.14 -2.09 -9.00
N PHE B 332 35.39 -3.19 -8.99
CA PHE B 332 35.97 -4.52 -8.88
C PHE B 332 35.86 -5.31 -10.18
N ASP B 333 35.40 -4.67 -11.26
CA ASP B 333 35.27 -5.31 -12.56
C ASP B 333 34.54 -6.65 -12.44
N ALA B 334 33.33 -6.57 -11.88
CA ALA B 334 32.55 -7.77 -11.62
C ALA B 334 31.91 -8.28 -12.91
N HIS B 335 31.88 -9.60 -13.04
CA HIS B 335 31.29 -10.28 -14.19
C HIS B 335 30.35 -11.38 -13.70
N PRO B 336 29.46 -11.87 -14.57
CA PRO B 336 28.38 -12.76 -14.10
C PRO B 336 28.84 -13.94 -13.25
N ASP B 337 29.90 -14.63 -13.65
CA ASP B 337 30.33 -15.84 -12.97
C ASP B 337 31.38 -15.60 -11.90
N ASP B 338 31.63 -14.34 -11.53
CA ASP B 338 32.66 -14.05 -10.55
C ASP B 338 32.22 -14.48 -9.15
N ARG B 339 33.22 -14.68 -8.29
CA ARG B 339 33.01 -15.04 -6.89
C ARG B 339 33.67 -13.97 -6.03
N PHE B 340 32.86 -13.02 -5.58
CA PHE B 340 33.36 -11.86 -4.83
C PHE B 340 33.51 -12.22 -3.36
N ALA B 341 34.68 -11.94 -2.80
CA ALA B 341 35.01 -12.32 -1.43
C ALA B 341 35.36 -11.08 -0.62
N CYS B 342 34.35 -10.47 0.00
CA CYS B 342 34.55 -9.41 0.97
C CYS B 342 34.56 -10.04 2.37
N MET B 343 35.64 -9.80 3.11
CA MET B 343 35.87 -10.45 4.39
C MET B 343 35.40 -9.60 5.56
N ALA B 344 34.62 -8.57 5.31
CA ALA B 344 34.16 -7.66 6.36
C ALA B 344 33.03 -8.31 7.15
N ASP B 345 32.35 -7.51 7.96
CA ASP B 345 31.22 -7.96 8.78
C ASP B 345 29.99 -7.15 8.41
N ILE B 346 28.85 -7.84 8.30
CA ILE B 346 27.62 -7.17 7.91
C ILE B 346 27.19 -6.10 8.91
N GLY B 347 27.80 -6.05 10.08
CA GLY B 347 27.59 -4.92 10.97
C GLY B 347 28.24 -3.64 10.49
N TRP B 348 29.13 -3.73 9.51
CA TRP B 348 29.84 -2.60 8.92
C TRP B 348 29.24 -2.27 7.57
N ILE B 349 29.25 -0.99 7.22
CA ILE B 349 28.66 -0.57 5.94
C ILE B 349 29.32 -1.30 4.78
N THR B 350 30.57 -1.74 4.96
CA THR B 350 31.22 -2.51 3.91
C THR B 350 30.50 -3.83 3.66
N GLY B 351 29.85 -4.38 4.69
CA GLY B 351 29.07 -5.59 4.54
C GLY B 351 27.73 -5.33 3.90
N HIS B 352 27.09 -4.22 4.28
CA HIS B 352 25.83 -3.85 3.64
C HIS B 352 26.00 -3.72 2.13
N SER B 353 27.06 -3.07 1.70
CA SER B 353 27.17 -2.64 0.32
C SER B 353 27.94 -3.62 -0.56
N TYR B 354 28.86 -4.40 0.00
CA TYR B 354 29.73 -5.25 -0.81
C TYR B 354 29.82 -6.68 -0.30
N ILE B 355 28.96 -7.07 0.63
CA ILE B 355 28.67 -8.46 0.89
C ILE B 355 27.27 -8.85 0.43
N ILE B 356 26.29 -7.95 0.64
CA ILE B 356 24.89 -8.28 0.41
C ILE B 356 24.35 -7.55 -0.81
N TYR B 357 24.04 -6.26 -0.67
CA TYR B 357 23.24 -5.57 -1.68
C TYR B 357 24.01 -5.43 -2.99
N GLY B 358 25.27 -4.99 -2.93
CA GLY B 358 26.05 -4.78 -4.12
C GLY B 358 26.21 -6.03 -4.94
N PRO B 359 26.78 -7.07 -4.35
CA PRO B 359 27.04 -8.31 -5.10
C PRO B 359 25.77 -9.01 -5.56
N LEU B 360 24.81 -9.17 -4.64
CA LEU B 360 23.60 -9.92 -4.98
C LEU B 360 22.71 -9.17 -5.97
N ALA B 361 22.82 -7.85 -6.04
CA ALA B 361 22.11 -7.11 -7.08
C ALA B 361 22.57 -7.55 -8.46
N ASN B 362 23.88 -7.59 -8.67
CA ASN B 362 24.44 -8.03 -9.94
C ASN B 362 24.27 -9.52 -10.18
N GLY B 363 23.82 -10.27 -9.18
CA GLY B 363 23.51 -11.68 -9.37
C GLY B 363 24.71 -12.60 -9.37
N ILE B 364 25.77 -12.24 -8.64
CA ILE B 364 26.97 -13.07 -8.59
C ILE B 364 27.03 -13.80 -7.26
N THR B 365 28.14 -14.48 -7.01
CA THR B 365 28.36 -15.21 -5.76
C THR B 365 29.16 -14.33 -4.81
N THR B 366 28.68 -14.23 -3.57
CA THR B 366 29.31 -13.39 -2.56
C THR B 366 29.65 -14.24 -1.34
N ALA B 367 30.67 -13.80 -0.60
CA ALA B 367 31.20 -14.57 0.52
C ALA B 367 30.72 -13.99 1.85
N VAL B 368 30.42 -14.88 2.79
CA VAL B 368 30.09 -14.52 4.17
C VAL B 368 31.15 -15.21 5.03
N PHE B 369 32.18 -14.46 5.44
CA PHE B 369 33.31 -15.02 6.16
C PHE B 369 33.06 -14.88 7.65
N GLU B 370 32.93 -16.01 8.33
CA GLU B 370 32.53 -16.05 9.73
C GLU B 370 33.71 -16.03 10.71
N SER B 371 34.93 -16.23 10.23
CA SER B 371 36.08 -16.40 11.10
C SER B 371 36.91 -15.11 11.11
N THR B 372 38.14 -15.20 11.61
CA THR B 372 39.10 -14.12 11.60
C THR B 372 40.18 -14.39 10.56
N PRO B 373 41.01 -13.38 10.25
CA PRO B 373 42.09 -13.60 9.26
C PRO B 373 43.17 -14.56 9.72
N VAL B 374 43.18 -14.98 10.98
CA VAL B 374 44.29 -15.77 11.52
C VAL B 374 43.79 -17.00 12.26
N TYR B 375 42.60 -17.48 11.92
CA TYR B 375 42.06 -18.68 12.54
C TYR B 375 41.70 -19.70 11.46
N PRO B 376 42.14 -20.96 11.57
CA PRO B 376 43.01 -21.53 12.61
C PRO B 376 44.44 -21.00 12.49
N THR B 377 44.84 -20.56 11.31
CA THR B 377 46.19 -20.03 11.11
C THR B 377 46.13 -18.78 10.24
N PRO B 378 47.24 -18.05 10.08
CA PRO B 378 47.24 -16.88 9.20
C PRO B 378 47.15 -17.22 7.72
N SER B 379 46.85 -18.47 7.39
CA SER B 379 46.65 -18.90 6.00
C SER B 379 45.18 -18.95 5.63
N ARG B 380 44.27 -18.59 6.52
CA ARG B 380 42.85 -18.78 6.26
C ARG B 380 42.40 -18.02 5.02
N TYR B 381 42.74 -16.72 4.94
CA TYR B 381 42.42 -15.94 3.76
C TYR B 381 42.81 -16.69 2.48
N TRP B 382 43.99 -17.29 2.48
CA TRP B 382 44.56 -17.88 1.27
C TRP B 382 44.12 -19.31 1.05
N ASP B 383 43.90 -20.08 2.13
CA ASP B 383 43.24 -21.37 1.98
C ASP B 383 41.84 -21.20 1.42
N PHE B 384 41.17 -20.11 1.77
CA PHE B 384 39.82 -19.84 1.27
C PHE B 384 39.84 -19.45 -0.20
N VAL B 385 40.78 -18.60 -0.59
CA VAL B 385 40.81 -18.11 -1.97
C VAL B 385 41.00 -19.27 -2.94
N ASP B 386 41.93 -20.17 -2.64
CA ASP B 386 42.18 -21.30 -3.53
C ASP B 386 41.10 -22.38 -3.42
N LYS B 387 40.40 -22.46 -2.28
CA LYS B 387 39.34 -23.44 -2.14
C LYS B 387 38.19 -23.15 -3.09
N TRP B 388 37.69 -21.91 -3.07
CA TRP B 388 36.56 -21.51 -3.91
C TRP B 388 36.99 -20.81 -5.18
N LYS B 389 38.29 -20.53 -5.34
CA LYS B 389 38.79 -19.81 -6.51
C LYS B 389 38.12 -18.44 -6.63
N ALA B 390 38.30 -17.63 -5.59
CA ALA B 390 37.70 -16.30 -5.57
C ALA B 390 38.36 -15.40 -6.60
N THR B 391 37.55 -14.55 -7.25
CA THR B 391 38.06 -13.64 -8.26
C THR B 391 38.41 -12.26 -7.73
N GLN B 392 37.85 -11.87 -6.58
CA GLN B 392 38.18 -10.59 -5.96
C GLN B 392 38.17 -10.76 -4.45
N LEU B 393 39.13 -10.14 -3.79
CA LEU B 393 39.22 -10.12 -2.33
C LEU B 393 39.13 -8.68 -1.84
N TYR B 394 38.36 -8.47 -0.78
CA TYR B 394 38.09 -7.14 -0.25
C TYR B 394 38.26 -7.18 1.26
N THR B 395 39.28 -6.50 1.77
CA THR B 395 39.56 -6.49 3.21
C THR B 395 40.10 -5.12 3.58
N ALA B 396 40.46 -4.96 4.86
CA ALA B 396 40.84 -3.67 5.41
C ALA B 396 42.33 -3.60 5.71
N PRO B 397 42.90 -2.39 5.79
CA PRO B 397 44.34 -2.28 6.09
C PRO B 397 44.72 -2.92 7.42
N THR B 398 43.84 -2.85 8.43
CA THR B 398 44.16 -3.48 9.71
C THR B 398 44.42 -4.97 9.55
N ALA B 399 43.73 -5.62 8.61
CA ALA B 399 43.97 -7.03 8.37
C ALA B 399 45.23 -7.26 7.55
N ILE B 400 45.52 -6.36 6.61
CA ILE B 400 46.70 -6.54 5.77
C ILE B 400 47.97 -6.33 6.57
N ARG B 401 47.92 -5.48 7.60
CA ARG B 401 49.08 -5.34 8.48
C ARG B 401 49.17 -6.49 9.47
N LEU B 402 48.04 -7.09 9.82
CA LEU B 402 48.07 -8.27 10.69
C LEU B 402 48.78 -9.42 9.99
N LEU B 403 48.36 -9.77 8.77
CA LEU B 403 48.99 -10.86 8.04
C LEU B 403 50.44 -10.55 7.72
N ARG B 404 50.77 -9.28 7.51
CA ARG B 404 52.18 -8.91 7.30
C ARG B 404 53.00 -9.21 8.54
N ARG B 405 52.44 -8.95 9.73
CA ARG B 405 53.15 -9.20 10.98
C ARG B 405 53.37 -10.68 11.23
N MET B 406 52.61 -11.56 10.58
CA MET B 406 52.66 -12.99 10.84
C MET B 406 53.59 -13.74 9.90
N GLY B 407 54.32 -13.05 9.03
CA GLY B 407 55.26 -13.70 8.14
C GLY B 407 54.62 -14.12 6.83
N GLU B 408 55.49 -14.49 5.88
CA GLU B 408 55.07 -14.83 4.53
C GLU B 408 54.96 -16.33 4.29
N ASP B 409 55.32 -17.16 5.26
CA ASP B 409 55.20 -18.60 5.08
C ASP B 409 53.75 -19.02 4.87
N HIS B 410 52.80 -18.26 5.42
CA HIS B 410 51.39 -18.60 5.34
C HIS B 410 50.76 -18.22 4.01
N VAL B 411 51.48 -17.55 3.12
CA VAL B 411 50.93 -17.10 1.84
C VAL B 411 51.90 -17.35 0.71
N LYS B 412 53.19 -17.52 1.03
CA LYS B 412 54.20 -17.70 -0.01
C LYS B 412 53.85 -18.87 -0.92
N ASN B 413 53.35 -19.97 -0.35
CA ASN B 413 53.14 -21.19 -1.11
C ASN B 413 51.67 -21.48 -1.35
N HIS B 414 50.96 -20.53 -1.95
CA HIS B 414 49.60 -20.73 -2.43
C HIS B 414 49.55 -20.39 -3.93
N ASP B 415 48.42 -20.70 -4.55
CA ASP B 415 48.19 -20.35 -5.94
C ASP B 415 47.63 -18.93 -6.02
N LEU B 416 46.35 -18.77 -5.66
CA LEU B 416 45.69 -17.47 -5.61
C LEU B 416 45.58 -16.82 -6.98
N SER B 417 45.71 -17.61 -8.05
CA SER B 417 45.66 -17.08 -9.41
C SER B 417 44.23 -16.86 -9.90
N SER B 418 43.22 -17.31 -9.17
CA SER B 418 41.84 -17.00 -9.52
C SER B 418 41.52 -15.53 -9.31
N LEU B 419 42.26 -14.86 -8.45
CA LEU B 419 42.00 -13.44 -8.16
C LEU B 419 42.44 -12.57 -9.33
N ARG B 420 41.71 -11.48 -9.54
CA ARG B 420 42.07 -10.45 -10.51
C ARG B 420 42.23 -9.07 -9.89
N VAL B 421 41.52 -8.77 -8.81
CA VAL B 421 41.55 -7.45 -8.19
C VAL B 421 41.53 -7.61 -6.68
N LEU B 422 42.34 -6.82 -6.00
CA LEU B 422 42.41 -6.80 -4.54
C LEU B 422 42.05 -5.40 -4.04
N GLY B 423 41.23 -5.35 -2.99
CA GLY B 423 40.70 -4.10 -2.50
C GLY B 423 41.05 -3.85 -1.05
N SER B 424 41.21 -2.57 -0.71
CA SER B 424 41.49 -2.12 0.65
C SER B 424 40.46 -1.05 1.02
N VAL B 425 40.01 -1.07 2.27
CA VAL B 425 38.90 -0.23 2.71
C VAL B 425 39.02 0.03 4.19
N GLY B 426 38.63 1.23 4.61
CA GLY B 426 38.53 1.57 6.02
C GLY B 426 39.46 2.69 6.45
N GLU B 427 40.67 2.69 5.94
CA GLU B 427 41.69 3.66 6.34
C GLU B 427 42.70 3.79 5.21
N PRO B 428 43.60 4.75 5.29
CA PRO B 428 44.73 4.78 4.35
C PRO B 428 45.57 3.52 4.52
N ILE B 429 45.91 2.90 3.39
CA ILE B 429 46.77 1.72 3.38
C ILE B 429 48.22 2.19 3.26
N ASN B 430 49.01 1.89 4.26
CA ASN B 430 50.42 2.29 4.24
C ASN B 430 51.10 1.66 3.02
N PRO B 431 51.85 2.44 2.23
CA PRO B 431 52.55 1.83 1.08
C PRO B 431 53.30 0.57 1.43
N GLU B 432 53.87 0.49 2.64
CA GLU B 432 54.51 -0.75 3.06
C GLU B 432 53.51 -1.91 3.07
N ALA B 433 52.29 -1.65 3.53
CA ALA B 433 51.25 -2.68 3.48
C ALA B 433 50.68 -2.85 2.08
N TRP B 434 50.61 -1.76 1.31
CA TRP B 434 50.16 -1.86 -0.08
C TRP B 434 51.05 -2.81 -0.87
N HIS B 435 52.37 -2.74 -0.65
CA HIS B 435 53.29 -3.62 -1.38
C HIS B 435 53.13 -5.06 -0.93
N TRP B 436 53.07 -5.30 0.38
CA TRP B 436 52.84 -6.65 0.88
C TRP B 436 51.57 -7.24 0.28
N TYR B 437 50.50 -6.43 0.22
CA TYR B 437 49.27 -6.88 -0.42
C TYR B 437 49.50 -7.21 -1.88
N ASN B 438 50.25 -6.36 -2.58
CA ASN B 438 50.46 -6.55 -4.01
C ASN B 438 51.49 -7.63 -4.31
N ASP B 439 52.47 -7.84 -3.42
CA ASP B 439 53.55 -8.76 -3.71
C ASP B 439 53.15 -10.21 -3.46
N PHE B 440 52.49 -10.49 -2.35
CA PHE B 440 52.24 -11.85 -1.92
C PHE B 440 50.80 -12.31 -2.16
N ALA B 441 49.81 -11.48 -1.86
CA ALA B 441 48.42 -11.89 -2.10
C ALA B 441 48.06 -11.81 -3.56
N GLY B 442 48.66 -10.90 -4.32
CA GLY B 442 48.37 -10.76 -5.73
C GLY B 442 49.49 -11.26 -6.62
N LYS B 443 50.64 -11.59 -6.01
CA LYS B 443 51.81 -12.07 -6.76
C LYS B 443 52.17 -11.12 -7.89
N ASN B 444 51.91 -9.82 -7.68
CA ASN B 444 52.19 -8.80 -8.70
C ASN B 444 51.45 -9.10 -10.00
N GLN B 445 50.20 -9.55 -9.88
CA GLN B 445 49.39 -9.85 -11.06
C GLN B 445 47.95 -9.38 -10.93
N CYS B 446 47.57 -8.70 -9.85
CA CYS B 446 46.24 -8.17 -9.66
C CYS B 446 46.31 -6.65 -9.54
N ALA B 447 45.16 -6.01 -9.76
CA ALA B 447 45.02 -4.59 -9.56
C ALA B 447 44.62 -4.32 -8.12
N ILE B 448 45.28 -3.36 -7.48
CA ILE B 448 44.96 -2.96 -6.12
C ILE B 448 44.04 -1.75 -6.18
N VAL B 449 42.88 -1.83 -5.55
CA VAL B 449 41.90 -0.76 -5.54
C VAL B 449 41.78 -0.27 -4.11
N ASP B 450 42.36 0.89 -3.82
CA ASP B 450 42.16 1.58 -2.55
C ASP B 450 40.86 2.37 -2.65
N THR B 451 39.82 1.90 -1.97
CA THR B 451 38.48 2.45 -2.13
C THR B 451 38.15 3.34 -0.92
N TYR B 452 38.13 4.65 -1.15
CA TYR B 452 37.76 5.60 -0.13
C TYR B 452 36.26 5.89 -0.20
N TRP B 453 35.59 5.81 0.95
CA TRP B 453 34.19 6.19 1.07
C TRP B 453 33.82 6.11 2.54
N MET B 454 32.54 6.34 2.84
CA MET B 454 32.07 6.39 4.21
C MET B 454 30.72 5.69 4.30
N THR B 455 30.28 5.44 5.54
CA THR B 455 28.93 4.97 5.77
C THR B 455 27.90 5.92 5.17
N GLU B 456 28.18 7.22 5.21
CA GLU B 456 27.23 8.21 4.73
C GLU B 456 27.23 8.33 3.21
N THR B 457 28.30 7.91 2.54
CA THR B 457 28.34 7.98 1.08
C THR B 457 27.59 6.83 0.42
N GLY B 458 27.37 5.73 1.14
CA GLY B 458 26.63 4.61 0.62
C GLY B 458 27.44 3.67 -0.23
N SER B 459 28.35 4.21 -1.05
CA SER B 459 29.12 3.39 -1.97
C SER B 459 30.47 4.05 -2.23
N ILE B 460 31.34 3.30 -2.90
CA ILE B 460 32.71 3.76 -3.13
C ILE B 460 32.69 5.12 -3.81
N SER B 461 33.43 6.08 -3.23
CA SER B 461 33.45 7.45 -3.70
C SER B 461 34.68 7.76 -4.55
N ILE B 462 35.86 7.36 -4.06
CA ILE B 462 37.11 7.53 -4.79
C ILE B 462 37.83 6.19 -4.82
N ALA B 463 38.21 5.76 -6.02
CA ALA B 463 38.85 4.46 -6.18
C ALA B 463 39.35 4.32 -7.61
N PRO B 464 40.39 3.51 -7.86
CA PRO B 464 40.84 3.29 -9.23
C PRO B 464 40.07 2.18 -9.93
N LEU B 465 39.63 2.43 -11.15
CA LEU B 465 39.02 1.38 -11.94
C LEU B 465 40.12 0.44 -12.42
N PRO B 466 40.06 -0.85 -12.09
CA PRO B 466 41.26 -1.69 -12.22
C PRO B 466 41.77 -1.83 -13.64
N GLY B 467 40.91 -1.78 -14.63
CA GLY B 467 41.32 -1.94 -16.02
C GLY B 467 41.68 -0.67 -16.74
N ALA B 468 41.77 0.46 -16.04
CA ALA B 468 42.01 1.74 -16.69
C ALA B 468 43.09 2.57 -15.99
N ILE B 469 43.17 2.46 -14.66
CA ILE B 469 43.99 3.36 -13.85
C ILE B 469 45.27 2.65 -13.46
N SER B 470 46.39 3.35 -13.61
CA SER B 470 47.67 2.93 -13.04
C SER B 470 47.75 3.45 -11.61
N THR B 471 48.08 2.58 -10.67
CA THR B 471 47.93 2.89 -9.26
C THR B 471 49.23 3.41 -8.64
N LYS B 472 49.08 4.11 -7.53
CA LYS B 472 50.18 4.53 -6.68
C LYS B 472 49.92 4.00 -5.27
N PRO B 473 50.91 3.40 -4.61
CA PRO B 473 50.67 2.86 -3.26
C PRO B 473 50.16 3.95 -2.33
N GLY B 474 48.97 3.73 -1.77
CA GLY B 474 48.38 4.65 -0.84
C GLY B 474 47.43 5.67 -1.43
N SER B 475 47.23 5.66 -2.75
CA SER B 475 46.39 6.65 -3.43
C SER B 475 45.09 5.99 -3.88
N ALA B 476 43.96 6.56 -3.46
CA ALA B 476 42.67 6.14 -3.99
C ALA B 476 42.44 6.60 -5.42
N THR B 477 43.31 7.46 -5.94
CA THR B 477 43.30 7.89 -7.34
C THR B 477 42.15 8.86 -7.63
N PHE B 478 41.14 8.42 -8.38
CA PHE B 478 40.17 9.30 -8.98
C PHE B 478 38.75 9.00 -8.51
N PRO B 479 37.83 9.96 -8.62
CA PRO B 479 36.48 9.77 -8.10
C PRO B 479 35.62 8.89 -9.00
N PHE B 480 34.65 8.24 -8.37
CA PHE B 480 33.77 7.34 -9.08
C PHE B 480 32.67 8.12 -9.82
N PHE B 481 31.96 7.41 -10.69
CA PHE B 481 30.82 7.98 -11.41
C PHE B 481 29.89 8.71 -10.45
N GLY B 482 29.46 9.91 -10.85
CA GLY B 482 28.56 10.71 -10.06
C GLY B 482 29.23 11.45 -8.91
N MET B 483 30.53 11.30 -8.72
CA MET B 483 31.26 11.98 -7.65
C MET B 483 32.13 13.06 -8.28
N ASP B 484 31.82 14.32 -7.97
CA ASP B 484 32.57 15.48 -8.43
C ASP B 484 33.03 16.23 -7.19
N VAL B 485 34.28 16.01 -6.79
CA VAL B 485 34.78 16.49 -5.51
C VAL B 485 35.79 17.61 -5.74
N ASP B 486 36.04 18.38 -4.69
CA ASP B 486 37.00 19.46 -4.71
C ASP B 486 37.81 19.43 -3.42
N ILE B 487 38.90 20.18 -3.41
CA ILE B 487 39.70 20.43 -2.22
C ILE B 487 39.55 21.90 -1.86
N ILE B 488 39.15 22.18 -0.63
CA ILE B 488 38.95 23.54 -0.15
C ILE B 488 39.88 23.80 1.02
N ASP B 489 40.28 25.06 1.16
CA ASP B 489 41.05 25.47 2.33
C ASP B 489 40.15 25.39 3.56
N PRO B 490 40.57 24.67 4.62
CA PRO B 490 39.66 24.50 5.77
C PRO B 490 39.26 25.82 6.42
N GLN B 491 40.10 26.84 6.32
CA GLN B 491 39.85 28.11 6.99
C GLN B 491 39.13 29.10 6.08
N THR B 492 39.76 29.46 4.96
CA THR B 492 39.14 30.44 4.07
C THR B 492 37.87 29.90 3.44
N GLY B 493 37.75 28.58 3.32
CA GLY B 493 36.62 27.98 2.64
C GLY B 493 36.68 28.05 1.13
N GLN B 494 37.72 28.66 0.57
CA GLN B 494 37.81 28.82 -0.88
C GLN B 494 38.30 27.53 -1.53
N VAL B 495 37.88 27.32 -2.77
CA VAL B 495 38.23 26.10 -3.50
C VAL B 495 39.65 26.22 -4.03
N LEU B 496 40.46 25.20 -3.76
CA LEU B 496 41.85 25.17 -4.21
C LEU B 496 41.86 24.58 -5.62
N GLU B 497 41.74 25.45 -6.61
CA GLU B 497 41.80 25.01 -7.99
C GLU B 497 43.19 24.52 -8.35
N GLY B 498 43.26 23.65 -9.36
CA GLY B 498 44.52 23.15 -9.84
C GLY B 498 45.00 21.92 -9.10
N ASN B 499 46.20 21.49 -9.47
CA ASN B 499 46.83 20.31 -8.88
C ASN B 499 47.95 20.72 -7.94
N ASP B 500 48.42 19.75 -7.16
CA ASP B 500 49.47 19.98 -6.16
C ASP B 500 48.93 20.81 -4.99
N VAL B 501 47.71 20.51 -4.57
CA VAL B 501 47.05 21.24 -3.49
C VAL B 501 46.73 20.26 -2.37
N GLU B 502 46.35 20.82 -1.22
CA GLU B 502 46.03 20.00 -0.05
C GLU B 502 45.08 20.78 0.85
N GLY B 503 44.02 20.12 1.30
CA GLY B 503 43.05 20.73 2.20
C GLY B 503 42.10 19.70 2.78
N VAL B 504 40.80 20.02 2.77
CA VAL B 504 39.77 19.09 3.23
C VAL B 504 38.91 18.71 2.05
N LEU B 505 38.42 17.47 2.06
CA LEU B 505 37.63 16.94 0.96
C LEU B 505 36.18 17.41 1.08
N VAL B 506 35.59 17.76 -0.06
CA VAL B 506 34.19 18.17 -0.11
C VAL B 506 33.61 17.78 -1.46
N ALA B 507 32.33 17.42 -1.46
CA ALA B 507 31.61 17.08 -2.68
C ALA B 507 30.75 18.26 -3.10
N ARG B 508 30.62 18.45 -4.42
CA ARG B 508 29.89 19.59 -4.96
C ARG B 508 28.42 19.33 -5.16
N ARG B 509 28.03 18.09 -5.49
CA ARG B 509 26.65 17.76 -5.79
C ARG B 509 26.29 16.45 -5.10
N PRO B 510 25.01 16.23 -4.84
CA PRO B 510 24.59 14.91 -4.32
C PRO B 510 24.83 13.81 -5.33
N TRP B 511 24.97 12.60 -4.80
CA TRP B 511 25.08 11.38 -5.59
C TRP B 511 23.97 10.41 -5.19
N PRO B 512 23.68 9.42 -6.03
CA PRO B 512 22.49 8.58 -5.77
C PRO B 512 22.51 7.88 -4.42
N SER B 513 23.66 7.39 -3.97
CA SER B 513 23.73 6.57 -2.78
C SER B 513 24.02 7.37 -1.51
N ILE B 514 23.89 8.70 -1.54
CA ILE B 514 24.17 9.51 -0.37
C ILE B 514 23.12 9.27 0.70
N ALA B 515 23.55 9.24 1.95
CA ALA B 515 22.61 9.11 3.06
C ALA B 515 21.60 10.25 3.04
N ARG B 516 20.41 9.96 3.54
CA ARG B 516 19.31 10.93 3.49
C ARG B 516 19.09 11.67 4.79
N THR B 517 19.45 11.07 5.93
CA THR B 517 19.19 11.71 7.22
C THR B 517 19.89 10.90 8.31
N VAL B 518 19.81 11.41 9.54
CA VAL B 518 20.16 10.67 10.74
C VAL B 518 18.88 10.42 11.51
N TYR B 519 18.61 9.16 11.84
CA TYR B 519 17.29 8.75 12.30
C TYR B 519 16.78 9.65 13.43
N ARG B 520 15.68 10.35 13.17
CA ARG B 520 15.03 11.24 14.12
C ARG B 520 15.96 12.33 14.64
N ASP B 521 17.01 12.64 13.88
CA ASP B 521 17.96 13.68 14.27
C ASP B 521 18.51 14.35 13.00
N HIS B 522 17.61 15.00 12.26
CA HIS B 522 18.02 15.62 11.00
C HIS B 522 18.88 16.85 11.23
N LYS B 523 18.71 17.52 12.37
CA LYS B 523 19.54 18.68 12.67
C LYS B 523 21.00 18.29 12.79
N ARG B 524 21.26 17.10 13.34
CA ARG B 524 22.64 16.61 13.41
C ARG B 524 23.15 16.22 12.04
N TYR B 525 22.28 15.68 11.19
CA TYR B 525 22.67 15.33 9.83
C TYR B 525 23.14 16.56 9.06
N LEU B 526 22.46 17.69 9.24
CA LEU B 526 22.85 18.91 8.53
C LEU B 526 24.07 19.56 9.16
N GLU B 527 24.16 19.55 10.49
CA GLU B 527 25.26 20.21 11.17
C GLU B 527 26.58 19.47 10.94
N THR B 528 26.53 18.16 10.72
CA THR B 528 27.76 17.39 10.60
C THR B 528 28.34 17.42 9.20
N TYR B 529 27.49 17.47 8.16
CA TYR B 529 27.95 17.30 6.80
C TYR B 529 27.63 18.47 5.87
N MET B 530 26.68 19.33 6.23
CA MET B 530 26.16 20.33 5.30
C MET B 530 26.45 21.77 5.71
N LYS B 531 26.46 22.07 7.01
CA LYS B 531 26.62 23.45 7.45
C LYS B 531 28.08 23.89 7.60
N PRO B 532 29.02 23.00 7.95
CA PRO B 532 30.42 23.46 8.08
C PRO B 532 30.92 24.23 6.88
N TYR B 533 30.66 23.73 5.67
CA TYR B 533 31.04 24.41 4.43
C TYR B 533 29.80 24.48 3.56
N PRO B 534 28.94 25.47 3.79
CA PRO B 534 27.66 25.54 3.07
C PRO B 534 27.86 25.49 1.57
N GLY B 535 27.06 24.63 0.92
CA GLY B 535 27.17 24.39 -0.51
C GLY B 535 27.77 23.04 -0.85
N TYR B 536 28.43 22.38 0.10
CA TYR B 536 29.13 21.12 -0.14
C TYR B 536 28.67 20.07 0.85
N PHE B 537 29.15 18.85 0.62
CA PHE B 537 29.12 17.77 1.59
C PHE B 537 30.51 17.63 2.19
N PHE B 538 30.60 17.64 3.51
CA PHE B 538 31.88 17.62 4.23
C PHE B 538 32.14 16.20 4.70
N PHE B 539 33.03 15.49 3.98
CA PHE B 539 33.41 14.14 4.38
C PHE B 539 33.99 14.12 5.78
N GLY B 540 34.86 15.08 6.10
CA GLY B 540 35.59 15.09 7.34
C GLY B 540 37.02 14.59 7.26
N ASP B 541 37.59 14.50 6.05
CA ASP B 541 38.94 13.99 5.86
C ASP B 541 39.82 15.06 5.21
N GLY B 542 41.12 14.90 5.43
CA GLY B 542 42.11 15.67 4.69
C GLY B 542 42.50 14.94 3.42
N ALA B 543 42.63 15.71 2.34
CA ALA B 543 42.99 15.12 1.06
C ALA B 543 43.87 16.09 0.28
N ALA B 544 44.67 15.54 -0.62
CA ALA B 544 45.56 16.32 -1.47
C ALA B 544 45.51 15.76 -2.88
N ARG B 545 45.58 16.64 -3.87
CA ARG B 545 45.58 16.26 -5.29
C ARG B 545 46.95 16.61 -5.84
N ASP B 546 47.81 15.60 -5.96
CA ASP B 546 49.20 15.82 -6.36
C ASP B 546 49.24 16.37 -7.79
N TYR B 547 50.46 16.50 -8.33
CA TYR B 547 50.65 17.12 -9.62
C TYR B 547 49.98 16.35 -10.75
N ASP B 548 49.74 15.06 -10.58
CA ASP B 548 49.13 14.24 -11.62
C ASP B 548 47.61 14.17 -11.52
N GLY B 549 47.01 14.80 -10.52
CA GLY B 549 45.58 14.70 -10.31
C GLY B 549 45.16 13.55 -9.41
N TYR B 550 46.10 12.73 -8.95
CA TYR B 550 45.77 11.62 -8.07
C TYR B 550 45.35 12.15 -6.70
N MET B 551 44.21 11.68 -6.22
CA MET B 551 43.74 12.06 -4.89
C MET B 551 44.42 11.19 -3.84
N TRP B 552 44.80 11.84 -2.74
CA TRP B 552 45.40 11.15 -1.59
C TRP B 552 44.59 11.51 -0.35
N ILE B 553 43.98 10.51 0.26
CA ILE B 553 43.25 10.70 1.52
C ILE B 553 44.21 10.38 2.66
N LYS B 554 44.57 11.40 3.44
CA LYS B 554 45.62 11.28 4.44
C LYS B 554 45.10 11.02 5.84
N GLY B 555 43.78 11.06 6.07
CA GLY B 555 43.20 10.76 7.35
C GLY B 555 42.19 11.80 7.77
N ARG B 556 41.63 11.61 8.96
CA ARG B 556 40.60 12.49 9.48
C ARG B 556 41.16 13.89 9.71
N VAL B 557 40.24 14.86 9.71
CA VAL B 557 40.62 16.24 10.01
C VAL B 557 40.88 16.42 11.50
N ASP B 558 40.13 15.70 12.35
CA ASP B 558 40.35 15.80 13.78
C ASP B 558 41.72 15.28 14.19
N ASP B 559 42.26 14.32 13.44
CA ASP B 559 43.54 13.71 13.76
C ASP B 559 44.74 14.49 13.20
N VAL B 560 44.49 15.63 12.54
CA VAL B 560 45.58 16.43 12.02
C VAL B 560 46.35 17.07 13.18
N ILE B 561 47.67 17.07 13.07
CA ILE B 561 48.55 17.65 14.07
C ILE B 561 49.22 18.87 13.45
N ASN B 562 49.01 20.04 14.06
CA ASN B 562 49.57 21.30 13.57
C ASN B 562 50.79 21.64 14.41
N VAL B 563 51.97 21.37 13.88
CA VAL B 563 53.24 21.61 14.57
C VAL B 563 53.84 22.88 13.98
N SER B 564 53.78 23.97 14.74
CA SER B 564 54.38 25.24 14.34
C SER B 564 53.89 25.67 12.96
N GLY B 565 52.56 25.72 12.81
CA GLY B 565 51.96 26.18 11.58
C GLY B 565 51.91 25.17 10.45
N HIS B 566 52.57 24.02 10.59
CA HIS B 566 52.55 22.98 9.57
C HIS B 566 51.58 21.89 9.99
N ARG B 567 50.72 21.49 9.05
CA ARG B 567 49.66 20.52 9.31
C ARG B 567 50.13 19.14 8.88
N LEU B 568 50.20 18.21 9.84
CA LEU B 568 50.58 16.83 9.56
C LEU B 568 49.34 15.95 9.51
N SER B 569 49.36 14.99 8.59
CA SER B 569 48.32 13.97 8.50
C SER B 569 48.83 12.68 9.12
N THR B 570 47.91 11.90 9.68
CA THR B 570 48.30 10.67 10.38
C THR B 570 48.89 9.66 9.42
N ALA B 571 48.35 9.55 8.20
CA ALA B 571 48.89 8.61 7.24
C ALA B 571 50.34 8.92 6.89
N GLU B 572 50.70 10.21 6.87
CA GLU B 572 52.07 10.60 6.57
C GLU B 572 53.05 9.98 7.54
N VAL B 573 52.86 10.24 8.84
CA VAL B 573 53.84 9.81 9.84
C VAL B 573 53.78 8.30 10.01
N GLU B 574 52.58 7.74 10.09
CA GLU B 574 52.45 6.30 10.28
C GLU B 574 53.11 5.53 9.14
N SER B 575 53.01 6.06 7.91
CA SER B 575 53.67 5.41 6.79
C SER B 575 55.19 5.47 6.94
N ALA B 576 55.71 6.57 7.47
CA ALA B 576 57.15 6.68 7.68
C ALA B 576 57.62 5.73 8.77
N LEU B 577 56.84 5.60 9.84
CA LEU B 577 57.25 4.74 10.95
C LEU B 577 57.31 3.27 10.52
N ILE B 578 56.32 2.82 9.75
CA ILE B 578 56.30 1.42 9.33
C ILE B 578 57.38 1.10 8.32
N LEU B 579 58.06 2.12 7.77
CA LEU B 579 59.21 1.86 6.92
C LEU B 579 60.34 1.23 7.72
N HIS B 580 60.41 1.51 9.02
CA HIS B 580 61.41 0.89 9.86
C HIS B 580 61.12 -0.60 10.01
N LYS B 581 62.17 -1.41 9.90
CA LYS B 581 62.02 -2.85 10.07
C LYS B 581 61.53 -3.17 11.47
N GLY B 582 60.66 -4.18 11.58
CA GLY B 582 60.14 -4.60 12.86
C GLY B 582 58.93 -3.85 13.35
N VAL B 583 58.49 -2.82 12.63
CA VAL B 583 57.28 -2.08 13.00
C VAL B 583 56.08 -2.77 12.36
N ALA B 584 55.07 -3.05 13.17
CA ALA B 584 53.85 -3.71 12.69
C ALA B 584 52.69 -2.73 12.52
N GLU B 585 52.55 -1.76 13.41
CA GLU B 585 51.42 -0.85 13.38
C GLU B 585 51.72 0.36 14.26
N THR B 586 51.29 1.53 13.84
CA THR B 586 51.53 2.76 14.59
C THR B 586 50.31 3.67 14.53
N ALA B 587 50.32 4.68 15.39
CA ALA B 587 49.25 5.67 15.43
C ALA B 587 49.78 6.92 16.11
N VAL B 588 49.73 8.05 15.42
CA VAL B 588 50.23 9.32 15.95
C VAL B 588 49.06 10.23 16.27
N VAL B 589 49.24 11.06 17.30
CA VAL B 589 48.21 11.98 17.76
C VAL B 589 48.88 13.28 18.21
N GLY B 590 48.06 14.33 18.34
CA GLY B 590 48.56 15.62 18.74
C GLY B 590 48.45 15.86 20.24
N CYS B 591 49.20 16.83 20.72
CA CYS B 591 49.20 17.19 22.13
C CYS B 591 49.74 18.61 22.28
N ALA B 592 49.05 19.42 23.08
CA ALA B 592 49.45 20.81 23.26
C ALA B 592 50.93 20.91 23.62
N ASP B 593 51.60 21.88 23.01
CA ASP B 593 53.03 22.11 23.23
C ASP B 593 53.29 23.59 23.20
N ASP B 594 53.81 24.13 24.31
CA ASP B 594 54.00 25.58 24.43
C ASP B 594 54.87 26.12 23.30
N LEU B 595 55.87 25.35 22.86
CA LEU B 595 56.80 25.84 21.85
C LEU B 595 56.22 25.76 20.45
N THR B 596 55.65 24.61 20.10
CA THR B 596 55.17 24.37 18.74
C THR B 596 53.65 24.44 18.60
N GLY B 597 52.92 24.60 19.70
CA GLY B 597 51.48 24.54 19.65
C GLY B 597 50.98 23.13 19.89
N GLN B 598 51.31 22.22 18.98
CA GLN B 598 51.05 20.80 19.15
C GLN B 598 52.34 20.02 18.91
N ALA B 599 52.46 18.88 19.58
CA ALA B 599 53.59 17.98 19.43
C ALA B 599 53.11 16.62 18.98
N VAL B 600 53.96 15.93 18.23
CA VAL B 600 53.62 14.61 17.70
C VAL B 600 53.94 13.56 18.77
N TYR B 601 52.93 12.80 19.15
CA TYR B 601 53.09 11.62 20.00
C TYR B 601 52.74 10.38 19.19
N ALA B 602 53.56 9.34 19.32
CA ALA B 602 53.42 8.13 18.52
C ALA B 602 53.27 6.91 19.41
N PHE B 603 52.35 6.03 19.04
CA PHE B 603 52.17 4.73 19.67
C PHE B 603 52.55 3.65 18.66
N VAL B 604 53.54 2.84 19.00
CA VAL B 604 54.14 1.89 18.05
C VAL B 604 53.95 0.48 18.57
N THR B 605 53.57 -0.42 17.67
CA THR B 605 53.44 -1.84 17.96
C THR B 605 54.48 -2.60 17.15
N MET B 606 55.38 -3.29 17.83
CA MET B 606 56.47 -3.99 17.17
C MET B 606 56.08 -5.44 16.87
N LYS B 607 56.64 -5.97 15.79
CA LYS B 607 56.42 -7.35 15.35
C LYS B 607 56.75 -8.31 16.48
N PRO B 608 56.34 -9.58 16.39
CA PRO B 608 56.64 -10.52 17.49
C PRO B 608 58.10 -10.89 17.60
N GLU B 609 58.84 -10.92 16.48
CA GLU B 609 60.23 -11.34 16.52
C GLU B 609 61.17 -10.28 17.05
N PHE B 610 60.66 -9.09 17.39
CA PHE B 610 61.50 -7.99 17.89
C PHE B 610 61.62 -8.11 19.40
N ASP B 611 62.84 -8.41 19.87
CA ASP B 611 63.09 -8.56 21.29
C ASP B 611 63.48 -7.20 21.87
N LEU B 612 62.64 -6.65 22.73
CA LEU B 612 62.90 -5.38 23.37
C LEU B 612 63.83 -5.50 24.56
N LYS B 613 64.29 -6.71 24.90
CA LYS B 613 65.23 -6.87 26.00
C LYS B 613 66.67 -6.64 25.53
N ALA B 614 67.03 -7.23 24.39
CA ALA B 614 68.36 -7.00 23.83
C ALA B 614 68.47 -5.60 23.26
N THR B 615 67.46 -5.17 22.52
CA THR B 615 67.41 -3.81 21.99
C THR B 615 66.84 -2.88 23.06
N LYS B 616 67.59 -1.86 23.43
CA LYS B 616 67.11 -0.89 24.40
C LYS B 616 65.91 -0.13 23.85
N GLU B 617 64.96 0.18 24.74
CA GLU B 617 63.74 0.85 24.30
C GLU B 617 64.04 2.26 23.81
N ALA B 618 64.83 3.01 24.56
CA ALA B 618 65.15 4.38 24.17
C ALA B 618 65.95 4.43 22.87
N ASP B 619 66.65 3.35 22.52
CA ASP B 619 67.40 3.33 21.26
C ASP B 619 66.48 3.09 20.07
N LEU B 620 65.47 2.24 20.23
CA LEU B 620 64.49 2.04 19.15
C LEU B 620 63.75 3.33 18.85
N SER B 621 63.35 4.06 19.90
CA SER B 621 62.61 5.31 19.69
C SER B 621 63.45 6.33 18.94
N LYS B 622 64.74 6.43 19.28
CA LYS B 622 65.61 7.40 18.61
C LYS B 622 65.71 7.11 17.12
N GLU B 623 65.80 5.83 16.75
CA GLU B 623 65.86 5.49 15.33
C GLU B 623 64.55 5.80 14.62
N LEU B 624 63.42 5.69 15.33
CA LEU B 624 62.14 6.01 14.73
C LEU B 624 61.99 7.52 14.51
N ALA B 625 62.55 8.33 15.42
CA ALA B 625 62.51 9.78 15.22
C ALA B 625 63.33 10.18 14.01
N ILE B 626 64.48 9.55 13.81
CA ILE B 626 65.30 9.85 12.63
C ILE B 626 64.58 9.41 11.36
N GLN B 627 63.87 8.29 11.42
CA GLN B 627 63.12 7.83 10.26
C GLN B 627 62.08 8.85 9.84
N VAL B 628 61.46 9.51 10.82
CA VAL B 628 60.49 10.56 10.50
C VAL B 628 61.18 11.80 9.99
N ARG B 629 62.28 12.21 10.65
CA ARG B 629 63.03 13.37 10.19
C ARG B 629 63.54 13.16 8.77
N LYS B 630 63.93 11.93 8.43
CA LYS B 630 64.62 11.69 7.17
C LYS B 630 63.67 11.75 5.98
N VAL B 631 62.42 11.32 6.16
CA VAL B 631 61.47 11.25 5.07
C VAL B 631 60.41 12.34 5.13
N ILE B 632 60.05 12.83 6.31
CA ILE B 632 59.01 13.84 6.43
C ILE B 632 59.63 15.19 6.74
N GLY B 633 60.32 15.29 7.87
CA GLY B 633 60.93 16.51 8.30
C GLY B 633 61.16 16.55 9.80
N PRO B 634 62.04 17.46 10.26
CA PRO B 634 62.35 17.52 11.69
C PRO B 634 61.18 18.00 12.55
N PHE B 635 60.13 18.54 11.95
CA PHE B 635 58.98 19.00 12.73
C PHE B 635 58.01 17.87 13.05
N ALA B 636 57.99 16.83 12.21
CA ALA B 636 57.11 15.70 12.44
C ALA B 636 57.70 14.67 13.39
N ALA B 637 58.95 14.83 13.79
CA ALA B 637 59.57 13.88 14.70
C ALA B 637 58.73 13.78 15.99
N PRO B 638 58.37 12.58 16.43
CA PRO B 638 57.60 12.48 17.67
C PRO B 638 58.38 13.02 18.85
N LYS B 639 57.70 13.81 19.68
CA LYS B 639 58.32 14.27 20.92
C LYS B 639 58.37 13.15 21.96
N LYS B 640 57.46 12.19 21.87
CA LYS B 640 57.45 11.04 22.76
C LYS B 640 56.89 9.85 22.00
N ILE B 641 57.45 8.67 22.26
CA ILE B 641 57.05 7.43 21.62
C ILE B 641 56.71 6.41 22.70
N TYR B 642 55.60 5.70 22.51
CA TYR B 642 55.15 4.67 23.45
C TYR B 642 55.08 3.34 22.73
N LEU B 643 55.79 2.35 23.27
CA LEU B 643 55.75 0.98 22.74
C LEU B 643 54.65 0.21 23.45
N VAL B 644 53.64 -0.21 22.69
CA VAL B 644 52.47 -0.89 23.24
C VAL B 644 52.23 -2.17 22.47
N SER B 645 51.56 -3.11 23.14
CA SER B 645 51.31 -4.43 22.55
C SER B 645 50.23 -4.38 21.48
N ASP B 646 49.29 -3.45 21.60
CA ASP B 646 48.19 -3.35 20.64
C ASP B 646 47.64 -1.92 20.69
N LEU B 647 46.95 -1.55 19.61
CA LEU B 647 46.33 -0.23 19.54
C LEU B 647 44.83 -0.34 19.77
N PRO B 648 44.20 0.64 20.42
CA PRO B 648 42.74 0.59 20.57
C PRO B 648 42.05 0.71 19.23
N LYS B 649 41.43 -0.39 18.77
CA LYS B 649 40.79 -0.44 17.47
C LYS B 649 39.33 -0.83 17.63
N THR B 650 38.50 -0.40 16.68
CA THR B 650 37.10 -0.75 16.68
C THR B 650 36.91 -2.13 16.05
N ARG B 651 35.64 -2.56 15.96
CA ARG B 651 35.34 -3.84 15.35
C ARG B 651 35.72 -3.86 13.88
N SER B 652 35.53 -2.74 13.17
CA SER B 652 35.86 -2.66 11.76
C SER B 652 37.35 -2.48 11.51
N GLY B 653 38.13 -2.13 12.53
CA GLY B 653 39.57 -1.97 12.40
C GLY B 653 40.06 -0.55 12.56
N LYS B 654 39.16 0.43 12.55
CA LYS B 654 39.58 1.82 12.73
C LYS B 654 40.37 1.98 14.01
N ILE B 655 41.52 2.67 13.92
CA ILE B 655 42.34 2.98 15.08
C ILE B 655 41.72 4.19 15.78
N MET B 656 41.23 3.99 17.00
CA MET B 656 40.57 5.06 17.76
C MET B 656 41.63 6.04 18.25
N ARG B 657 42.01 6.97 17.36
CA ARG B 657 43.01 7.96 17.70
C ARG B 657 42.49 9.03 18.65
N ARG B 658 41.16 9.21 18.72
CA ARG B 658 40.62 10.15 19.70
C ARG B 658 40.84 9.66 21.12
N VAL B 659 40.87 8.34 21.32
CA VAL B 659 41.18 7.79 22.64
C VAL B 659 42.63 8.09 23.01
N LEU B 660 43.55 7.85 22.07
CA LEU B 660 44.96 8.14 22.33
C LEU B 660 45.19 9.62 22.56
N ARG B 661 44.46 10.47 21.84
CA ARG B 661 44.62 11.92 22.01
C ARG B 661 44.10 12.36 23.38
N LYS B 662 42.95 11.84 23.80
CA LYS B 662 42.39 12.24 25.08
C LYS B 662 43.24 11.73 26.25
N ILE B 663 43.84 10.54 26.11
CA ILE B 663 44.68 10.00 27.17
C ILE B 663 45.90 10.89 27.37
N VAL B 664 46.71 11.04 26.31
CA VAL B 664 47.91 11.88 26.39
C VAL B 664 47.55 13.27 26.91
N ALA B 665 46.35 13.75 26.58
CA ALA B 665 45.87 15.05 27.05
C ALA B 665 45.40 15.02 28.49
N GLY B 666 45.50 13.88 29.17
CA GLY B 666 45.03 13.76 30.54
C GLY B 666 43.53 13.63 30.63
N PRO B 680 38.96 -4.47 24.36
CA PRO B 680 38.77 -3.33 25.27
C PRO B 680 39.79 -3.29 26.41
N GLN B 681 40.51 -4.39 26.63
CA GLN B 681 41.53 -4.43 27.67
C GLN B 681 42.78 -3.65 27.29
N ILE B 682 42.87 -3.14 26.06
CA ILE B 682 44.07 -2.42 25.61
C ILE B 682 44.06 -0.96 26.00
N VAL B 683 43.00 -0.47 26.65
CA VAL B 683 42.93 0.93 27.05
C VAL B 683 43.64 1.16 28.38
N GLU B 684 43.54 0.21 29.31
CA GLU B 684 44.30 0.32 30.55
C GLU B 684 45.80 0.25 30.28
N GLU B 685 46.22 -0.55 29.29
CA GLU B 685 47.63 -0.62 28.94
C GLU B 685 48.14 0.73 28.47
N VAL B 686 47.33 1.46 27.68
CA VAL B 686 47.75 2.76 27.19
C VAL B 686 47.74 3.78 28.32
N LYS B 687 46.62 3.89 29.04
CA LYS B 687 46.53 4.83 30.15
C LYS B 687 47.67 4.62 31.14
N GLN B 688 48.15 3.39 31.27
CA GLN B 688 49.26 3.10 32.18
C GLN B 688 50.59 3.55 31.58
N LYS B 689 50.93 3.02 30.40
CA LYS B 689 52.20 3.34 29.77
C LYS B 689 52.42 4.84 29.61
N VAL B 690 51.36 5.63 29.60
CA VAL B 690 51.47 7.08 29.51
C VAL B 690 51.55 7.68 30.91
N HIS C 25 -9.06 -57.33 -19.17
CA HIS C 25 -8.70 -56.03 -18.59
C HIS C 25 -8.53 -56.15 -17.08
N HIS C 26 -7.39 -55.67 -16.58
CA HIS C 26 -7.15 -55.69 -15.15
C HIS C 26 -8.05 -54.70 -14.43
N VAL C 27 -8.28 -53.53 -15.03
CA VAL C 27 -9.10 -52.48 -14.44
C VAL C 27 -10.51 -52.60 -15.00
N HIS C 28 -11.50 -52.71 -14.10
CA HIS C 28 -12.90 -52.84 -14.48
C HIS C 28 -13.69 -51.61 -14.04
N PRO C 29 -14.65 -51.15 -14.86
CA PRO C 29 -15.48 -50.01 -14.45
C PRO C 29 -16.28 -50.35 -13.19
N LEU C 30 -16.86 -49.30 -12.61
CA LEU C 30 -17.63 -49.48 -11.38
C LEU C 30 -18.88 -50.32 -11.67
N PRO C 31 -19.23 -51.26 -10.78
CA PRO C 31 -20.37 -52.14 -11.04
C PRO C 31 -21.61 -51.42 -11.54
N ASP C 32 -22.12 -51.85 -12.70
CA ASP C 32 -23.31 -51.25 -13.30
C ASP C 32 -24.15 -52.35 -13.92
N SER C 33 -25.46 -52.14 -13.92
CA SER C 33 -26.39 -53.11 -14.50
C SER C 33 -26.46 -53.02 -16.02
N VAL C 34 -25.64 -52.19 -16.64
CA VAL C 34 -25.63 -52.03 -18.10
C VAL C 34 -24.35 -52.67 -18.63
N PRO C 35 -24.39 -53.42 -19.73
CA PRO C 35 -23.14 -53.89 -20.34
C PRO C 35 -22.28 -52.72 -20.78
N GLU C 36 -20.97 -52.87 -20.61
CA GLU C 36 -20.06 -51.77 -20.92
C GLU C 36 -20.18 -51.35 -22.38
N SER C 37 -20.56 -52.26 -23.27
CA SER C 37 -20.69 -51.92 -24.67
C SER C 37 -21.76 -50.85 -24.89
N GLU C 38 -22.78 -50.82 -24.03
CA GLU C 38 -23.87 -49.86 -24.14
C GLU C 38 -23.83 -48.82 -23.01
N ASP C 39 -22.63 -48.50 -22.52
CA ASP C 39 -22.46 -47.62 -21.37
C ASP C 39 -21.58 -46.41 -21.70
N LEU C 40 -21.41 -46.10 -22.98
CA LEU C 40 -20.61 -44.95 -23.42
C LEU C 40 -21.55 -43.92 -24.04
N PHE C 41 -21.51 -42.70 -23.53
CA PHE C 41 -22.47 -41.66 -23.88
C PHE C 41 -21.72 -40.47 -24.46
N ALA C 42 -21.81 -40.30 -25.78
CA ALA C 42 -21.15 -39.19 -26.46
C ALA C 42 -21.92 -37.90 -26.27
N PRO C 43 -21.28 -36.76 -26.48
CA PRO C 43 -21.95 -35.46 -26.27
C PRO C 43 -23.31 -35.44 -26.94
N PRO C 44 -24.37 -35.15 -26.18
CA PRO C 44 -25.73 -35.21 -26.75
C PRO C 44 -26.06 -33.95 -27.54
N PRO C 45 -27.20 -33.93 -28.22
CA PRO C 45 -27.51 -32.81 -29.13
C PRO C 45 -27.37 -31.43 -28.49
N ARG C 46 -27.88 -31.24 -27.28
CA ARG C 46 -27.81 -29.92 -26.65
C ARG C 46 -26.38 -29.41 -26.52
N MET C 47 -25.39 -30.31 -26.54
CA MET C 47 -23.98 -29.92 -26.44
C MET C 47 -23.24 -30.09 -27.76
N GLN C 48 -23.96 -30.17 -28.88
CA GLN C 48 -23.34 -30.42 -30.17
C GLN C 48 -23.26 -29.17 -31.05
N GLY C 49 -23.91 -28.08 -30.67
CA GLY C 49 -23.82 -26.85 -31.43
C GLY C 49 -24.71 -26.84 -32.66
N LYS C 50 -25.90 -26.26 -32.52
CA LYS C 50 -26.85 -26.14 -33.61
C LYS C 50 -26.93 -24.69 -34.08
N GLU C 51 -27.48 -24.51 -35.28
CA GLU C 51 -27.66 -23.17 -35.81
C GLU C 51 -28.53 -22.35 -34.87
N GLY C 52 -28.00 -21.19 -34.45
CA GLY C 52 -28.68 -20.32 -33.53
C GLY C 52 -28.17 -20.38 -32.10
N ARG C 53 -27.35 -21.38 -31.77
CA ARG C 53 -26.76 -21.51 -30.44
C ARG C 53 -25.24 -21.34 -30.52
N PRO C 54 -24.60 -20.93 -29.42
CA PRO C 54 -23.14 -20.80 -29.45
C PRO C 54 -22.47 -22.17 -29.35
N LYS C 55 -21.49 -22.40 -30.22
CA LYS C 55 -20.81 -23.68 -30.24
C LYS C 55 -20.05 -23.88 -28.93
N PRO C 56 -19.85 -25.13 -28.49
CA PRO C 56 -19.06 -25.37 -27.29
C PRO C 56 -17.63 -24.89 -27.47
N HIS C 57 -16.99 -24.56 -26.35
CA HIS C 57 -15.63 -24.03 -26.41
C HIS C 57 -14.63 -25.09 -26.86
N ILE C 58 -14.87 -26.36 -26.51
CA ILE C 58 -14.03 -27.47 -26.93
C ILE C 58 -14.93 -28.55 -27.49
N GLY C 59 -14.56 -29.09 -28.65
CA GLY C 59 -15.32 -30.14 -29.28
C GLY C 59 -14.85 -30.43 -30.69
N PRO C 60 -15.48 -31.41 -31.35
CA PRO C 60 -16.60 -32.24 -30.88
C PRO C 60 -16.17 -33.59 -30.34
N ASN C 61 -14.87 -33.83 -30.15
CA ASN C 61 -14.39 -35.17 -29.87
C ASN C 61 -13.20 -35.12 -28.92
N TYR C 62 -12.79 -36.31 -28.48
CA TYR C 62 -11.70 -36.41 -27.52
C TYR C 62 -10.43 -35.73 -28.02
N GLU C 63 -10.18 -35.79 -29.32
CA GLU C 63 -8.95 -35.20 -29.86
C GLU C 63 -8.94 -33.69 -29.67
N SER C 64 -10.07 -33.03 -29.89
CA SER C 64 -10.13 -31.58 -29.67
C SER C 64 -9.76 -31.23 -28.23
N TYR C 65 -10.08 -32.11 -27.28
CA TYR C 65 -9.69 -31.88 -25.90
C TYR C 65 -8.19 -32.02 -25.72
N VAL C 66 -7.59 -33.06 -26.32
CA VAL C 66 -6.17 -33.31 -26.12
C VAL C 66 -5.33 -32.28 -26.85
N LYS C 67 -5.77 -31.87 -28.05
CA LYS C 67 -5.04 -30.84 -28.78
C LYS C 67 -4.86 -29.59 -27.92
N GLU C 68 -5.92 -29.17 -27.23
CA GLU C 68 -5.83 -28.01 -26.35
C GLU C 68 -5.13 -28.37 -25.04
N TRP C 69 -5.49 -29.50 -24.44
CA TRP C 69 -4.88 -29.90 -23.17
C TRP C 69 -3.36 -29.93 -23.27
N ALA C 70 -2.83 -30.42 -24.40
CA ALA C 70 -1.38 -30.49 -24.55
C ALA C 70 -0.72 -29.13 -24.39
N LYS C 71 -1.40 -28.06 -24.82
CA LYS C 71 -0.83 -26.72 -24.69
C LYS C 71 -0.68 -26.32 -23.23
N THR C 72 -1.48 -26.90 -22.34
CA THR C 72 -1.60 -26.44 -20.97
C THR C 72 -0.72 -27.23 -20.00
N VAL C 73 0.13 -28.12 -20.50
CA VAL C 73 1.03 -28.91 -19.66
C VAL C 73 2.37 -29.02 -20.35
N GLY C 74 3.34 -29.57 -19.63
CA GLY C 74 4.68 -29.75 -20.15
C GLY C 74 5.54 -28.52 -19.92
N PRO C 75 6.70 -28.49 -20.59
CA PRO C 75 7.66 -27.39 -20.36
C PRO C 75 7.37 -26.14 -21.18
N ASN C 76 6.43 -26.19 -22.11
CA ASN C 76 6.14 -25.05 -22.99
C ASN C 76 4.77 -24.45 -22.75
N SER C 77 4.11 -24.82 -21.65
CA SER C 77 2.75 -24.35 -21.40
C SER C 77 2.69 -22.91 -20.91
N ASP C 78 3.82 -22.27 -20.66
CA ASP C 78 3.79 -20.89 -20.17
C ASP C 78 3.07 -19.97 -21.15
N GLU C 79 3.28 -20.17 -22.44
CA GLU C 79 2.63 -19.32 -23.43
C GLU C 79 1.12 -19.39 -23.32
N TRP C 80 0.58 -20.58 -23.09
CA TRP C 80 -0.87 -20.74 -23.00
C TRP C 80 -1.43 -20.13 -21.73
N TRP C 81 -0.78 -20.37 -20.60
CA TRP C 81 -1.29 -19.86 -19.33
C TRP C 81 -1.12 -18.35 -19.21
N ALA C 82 -0.06 -17.79 -19.79
CA ALA C 82 0.11 -16.34 -19.74
C ALA C 82 -0.99 -15.63 -20.50
N ALA C 83 -1.40 -16.18 -21.65
CA ALA C 83 -2.47 -15.57 -22.43
C ALA C 83 -3.82 -15.71 -21.74
N LYS C 84 -4.14 -16.94 -21.31
CA LYS C 84 -5.40 -17.15 -20.59
C LYS C 84 -5.48 -16.27 -19.34
N ALA C 85 -4.35 -16.01 -18.70
CA ALA C 85 -4.37 -15.18 -17.50
C ALA C 85 -4.72 -13.73 -17.84
N ARG C 86 -4.15 -13.21 -18.94
CA ARG C 86 -4.41 -11.83 -19.33
C ARG C 86 -5.76 -11.69 -20.04
N GLU C 87 -6.22 -12.74 -20.71
CA GLU C 87 -7.49 -12.68 -21.42
C GLU C 87 -8.69 -12.86 -20.49
N THR C 88 -8.49 -13.50 -19.33
CA THR C 88 -9.58 -13.87 -18.44
C THR C 88 -9.82 -12.86 -17.34
N LEU C 89 -8.75 -12.33 -16.75
CA LEU C 89 -8.85 -11.42 -15.61
C LEU C 89 -8.41 -10.02 -16.00
N ASP C 90 -8.96 -9.03 -15.30
CA ASP C 90 -8.50 -7.65 -15.39
C ASP C 90 -7.40 -7.44 -14.36
N TRP C 91 -6.27 -6.91 -14.81
CA TRP C 91 -5.09 -6.74 -13.98
C TRP C 91 -4.82 -5.26 -13.71
N TYR C 92 -4.34 -4.97 -12.49
CA TYR C 92 -3.86 -3.63 -12.19
C TYR C 92 -2.41 -3.46 -12.67
N ASP C 93 -1.54 -4.40 -12.29
CA ASP C 93 -0.17 -4.44 -12.77
C ASP C 93 0.09 -5.79 -13.42
N ASP C 94 0.64 -5.77 -14.62
CA ASP C 94 0.90 -7.00 -15.34
C ASP C 94 1.96 -7.83 -14.62
N PHE C 95 1.96 -9.13 -14.90
CA PHE C 95 2.97 -10.03 -14.38
C PHE C 95 4.09 -10.20 -15.41
N LYS C 96 5.27 -10.54 -14.91
CA LYS C 96 6.44 -10.81 -15.75
C LYS C 96 6.75 -12.30 -15.81
N THR C 97 6.79 -12.97 -14.67
CA THR C 97 7.02 -14.41 -14.60
C THR C 97 5.69 -15.14 -14.56
N VAL C 98 5.58 -16.23 -15.32
CA VAL C 98 4.35 -17.01 -15.34
C VAL C 98 4.27 -17.89 -14.11
N ARG C 99 5.26 -18.75 -13.89
CA ARG C 99 5.24 -19.70 -12.79
C ARG C 99 6.64 -19.85 -12.20
N ALA C 100 6.69 -20.36 -10.98
CA ALA C 100 7.94 -20.68 -10.30
C ALA C 100 7.61 -21.44 -9.03
N GLY C 101 8.63 -22.09 -8.47
CA GLY C 101 8.46 -22.86 -7.26
C GLY C 101 8.09 -24.30 -7.54
N GLY C 102 7.78 -25.01 -6.46
CA GLY C 102 7.46 -26.43 -6.59
C GLY C 102 6.91 -27.00 -5.30
N PHE C 103 6.82 -28.33 -5.28
CA PHE C 103 6.22 -29.05 -4.16
C PHE C 103 7.18 -29.21 -2.99
N GLU C 104 8.49 -29.37 -3.26
CA GLU C 104 9.42 -29.76 -2.23
C GLU C 104 9.33 -28.86 -1.00
N HIS C 105 9.41 -27.55 -1.21
CA HIS C 105 9.43 -26.59 -0.11
C HIS C 105 8.13 -25.81 0.04
N GLY C 106 7.23 -25.88 -0.93
CA GLY C 106 5.98 -25.15 -0.85
C GLY C 106 6.15 -23.68 -1.16
N ASP C 107 6.73 -23.39 -2.32
CA ASP C 107 6.97 -22.02 -2.78
C ASP C 107 6.31 -21.79 -4.13
N VAL C 108 5.09 -22.28 -4.30
CA VAL C 108 4.42 -22.22 -5.59
C VAL C 108 4.10 -20.76 -5.94
N GLN C 109 4.50 -20.35 -7.13
CA GLN C 109 4.31 -18.98 -7.60
C GLN C 109 3.65 -18.99 -8.97
N TRP C 110 2.58 -18.22 -9.12
CA TRP C 110 1.93 -18.00 -10.41
C TRP C 110 1.67 -16.52 -10.57
N PHE C 111 2.30 -15.92 -11.58
CA PHE C 111 2.09 -14.51 -11.91
C PHE C 111 2.50 -13.60 -10.75
N PRO C 112 3.66 -13.82 -10.14
CA PRO C 112 3.96 -13.10 -8.88
C PRO C 112 4.05 -11.59 -9.03
N GLU C 113 4.71 -11.09 -10.08
CA GLU C 113 4.85 -9.64 -10.22
C GLU C 113 3.51 -8.95 -10.39
N GLY C 114 2.48 -9.66 -10.86
CA GLY C 114 1.23 -9.03 -11.19
C GLY C 114 0.42 -8.65 -9.95
N THR C 115 -0.55 -7.77 -10.18
CA THR C 115 -1.48 -7.36 -9.14
C THR C 115 -2.89 -7.30 -9.72
N LEU C 116 -3.88 -7.48 -8.85
CA LEU C 116 -5.28 -7.48 -9.25
C LEU C 116 -6.11 -7.49 -7.97
N ASN C 117 -7.43 -7.51 -8.14
CA ASN C 117 -8.36 -7.63 -7.02
C ASN C 117 -9.47 -8.59 -7.41
N ALA C 118 -9.79 -9.53 -6.51
CA ALA C 118 -10.79 -10.55 -6.82
C ALA C 118 -12.18 -9.93 -6.95
N ALA C 119 -12.51 -8.96 -6.10
CA ALA C 119 -13.82 -8.34 -6.17
C ALA C 119 -13.98 -7.54 -7.47
N TYR C 120 -12.92 -6.88 -7.92
CA TYR C 120 -13.01 -6.12 -9.15
C TYR C 120 -13.37 -7.00 -10.34
N ASN C 121 -12.80 -8.20 -10.40
CA ASN C 121 -13.05 -9.10 -11.52
C ASN C 121 -14.40 -9.81 -11.42
N CYS C 122 -15.00 -9.85 -10.23
CA CYS C 122 -16.26 -10.54 -10.02
C CYS C 122 -17.44 -9.59 -9.88
N LEU C 123 -17.20 -8.29 -9.69
CA LEU C 123 -18.29 -7.33 -9.55
C LEU C 123 -18.08 -6.13 -10.45
N ASP C 124 -17.10 -5.28 -10.10
CA ASP C 124 -16.94 -3.99 -10.73
C ASP C 124 -16.99 -4.06 -12.25
N ARG C 125 -16.10 -4.86 -12.84
CA ARG C 125 -15.96 -4.84 -14.30
C ARG C 125 -17.24 -5.32 -14.99
N HIS C 126 -18.04 -6.15 -14.31
CA HIS C 126 -19.33 -6.53 -14.86
C HIS C 126 -20.38 -5.47 -14.58
N TYR C 127 -20.33 -4.85 -13.39
CA TYR C 127 -21.22 -3.73 -13.10
C TYR C 127 -21.05 -2.61 -14.11
N TYR C 128 -19.84 -2.40 -14.62
CA TYR C 128 -19.61 -1.32 -15.58
C TYR C 128 -20.17 -1.66 -16.96
N LYS C 129 -20.30 -2.94 -17.29
CA LYS C 129 -20.79 -3.34 -18.60
C LYS C 129 -22.31 -3.44 -18.63
N ASN C 130 -22.89 -4.18 -17.69
CA ASN C 130 -24.34 -4.37 -17.62
C ASN C 130 -24.74 -4.39 -16.15
N PRO C 131 -24.83 -3.22 -15.52
CA PRO C 131 -25.14 -3.20 -14.08
C PRO C 131 -26.47 -3.87 -13.74
N LYS C 132 -27.43 -3.87 -14.66
CA LYS C 132 -28.75 -4.44 -14.38
C LYS C 132 -28.82 -5.94 -14.62
N LYS C 133 -27.78 -6.53 -15.19
CA LYS C 133 -27.75 -7.98 -15.35
C LYS C 133 -27.82 -8.66 -13.98
N THR C 134 -28.44 -9.84 -13.96
CA THR C 134 -28.61 -10.57 -12.69
C THR C 134 -27.34 -11.33 -12.34
N ALA C 135 -26.85 -11.11 -11.13
CA ALA C 135 -25.67 -11.82 -10.63
C ALA C 135 -26.04 -13.06 -9.84
N ILE C 136 -27.03 -12.95 -8.94
CA ILE C 136 -27.41 -14.02 -8.03
C ILE C 136 -28.90 -14.28 -8.18
N ILE C 137 -29.27 -15.55 -8.37
CA ILE C 137 -30.64 -15.99 -8.24
C ILE C 137 -30.79 -16.51 -6.81
N TYR C 138 -31.35 -15.68 -5.94
CA TYR C 138 -31.51 -16.04 -4.53
C TYR C 138 -32.78 -16.87 -4.38
N GLU C 139 -32.60 -18.18 -4.31
CA GLU C 139 -33.71 -19.12 -4.07
C GLU C 139 -33.83 -19.31 -2.56
N ALA C 140 -34.82 -18.66 -1.95
CA ALA C 140 -34.98 -18.71 -0.51
C ALA C 140 -35.48 -20.08 -0.07
N ASP C 141 -35.41 -20.30 1.25
CA ASP C 141 -35.92 -21.55 1.82
C ASP C 141 -37.39 -21.74 1.48
N GLU C 142 -38.18 -20.67 1.54
CA GLU C 142 -39.55 -20.68 1.04
C GLU C 142 -39.56 -20.25 -0.42
N PRO C 143 -40.15 -21.03 -1.34
CA PRO C 143 -40.05 -20.66 -2.77
C PRO C 143 -40.61 -19.29 -3.09
N SER C 144 -41.60 -18.80 -2.35
CA SER C 144 -42.26 -17.55 -2.67
C SER C 144 -41.47 -16.33 -2.26
N GLU C 145 -40.33 -16.49 -1.60
CA GLU C 145 -39.49 -15.38 -1.16
C GLU C 145 -38.23 -15.23 -2.01
N SER C 146 -38.14 -15.96 -3.11
CA SER C 146 -36.97 -15.89 -3.98
C SER C 146 -37.01 -14.61 -4.81
N ARG C 147 -35.83 -14.18 -5.27
CA ARG C 147 -35.71 -13.00 -6.11
C ARG C 147 -34.33 -12.98 -6.75
N GLU C 148 -34.17 -12.11 -7.73
CA GLU C 148 -32.89 -11.89 -8.38
C GLU C 148 -32.15 -10.75 -7.70
N VAL C 149 -30.83 -10.74 -7.86
CA VAL C 149 -29.95 -9.72 -7.30
C VAL C 149 -28.95 -9.34 -8.38
N SER C 150 -29.02 -8.11 -8.87
CA SER C 150 -28.18 -7.67 -9.97
C SER C 150 -26.77 -7.39 -9.49
N TYR C 151 -25.87 -7.17 -10.46
CA TYR C 151 -24.50 -6.81 -10.14
C TYR C 151 -24.43 -5.44 -9.48
N GLU C 152 -25.38 -4.55 -9.79
CA GLU C 152 -25.41 -3.26 -9.11
C GLU C 152 -25.73 -3.43 -7.63
N GLU C 153 -26.78 -4.19 -7.32
CA GLU C 153 -27.17 -4.36 -5.92
C GLU C 153 -26.11 -5.14 -5.15
N LEU C 154 -25.48 -6.13 -5.80
CA LEU C 154 -24.47 -6.92 -5.12
C LEU C 154 -23.16 -6.15 -4.96
N MET C 155 -22.89 -5.20 -5.85
CA MET C 155 -21.69 -4.38 -5.69
C MET C 155 -21.90 -3.29 -4.64
N GLN C 156 -23.11 -2.73 -4.57
CA GLN C 156 -23.41 -1.75 -3.54
C GLN C 156 -23.33 -2.39 -2.15
N GLU C 157 -24.01 -3.53 -1.97
CA GLU C 157 -23.97 -4.21 -0.68
C GLU C 157 -22.56 -4.63 -0.31
N THR C 158 -21.80 -5.11 -1.30
CA THR C 158 -20.42 -5.52 -1.02
C THR C 158 -19.56 -4.34 -0.58
N CYS C 159 -19.71 -3.20 -1.24
CA CYS C 159 -18.91 -2.03 -0.86
C CYS C 159 -19.30 -1.51 0.51
N ARG C 160 -20.58 -1.60 0.89
CA ARG C 160 -20.98 -1.16 2.22
C ARG C 160 -20.32 -2.01 3.29
N VAL C 161 -20.35 -3.34 3.13
CA VAL C 161 -19.71 -4.22 4.10
C VAL C 161 -18.22 -3.92 4.18
N ALA C 162 -17.58 -3.71 3.02
CA ALA C 162 -16.15 -3.41 3.01
C ALA C 162 -15.84 -2.16 3.82
N ASN C 163 -16.67 -1.12 3.68
CA ASN C 163 -16.46 0.10 4.46
C ASN C 163 -16.63 -0.17 5.95
N VAL C 164 -17.56 -1.07 6.32
CA VAL C 164 -17.74 -1.39 7.73
C VAL C 164 -16.52 -2.14 8.26
N LEU C 165 -16.02 -3.10 7.49
CA LEU C 165 -14.80 -3.82 7.92
C LEU C 165 -13.64 -2.86 8.07
N LYS C 166 -13.49 -1.91 7.14
CA LYS C 166 -12.42 -0.92 7.26
C LYS C 166 -12.61 -0.05 8.49
N SER C 167 -13.86 0.25 8.85
CA SER C 167 -14.11 1.04 10.05
C SER C 167 -13.76 0.27 11.32
N TYR C 168 -13.81 -1.06 11.27
CA TYR C 168 -13.42 -1.89 12.39
C TYR C 168 -11.91 -2.05 12.51
N GLY C 169 -11.14 -1.43 11.61
CA GLY C 169 -9.70 -1.56 11.63
C GLY C 169 -9.16 -2.75 10.89
N VAL C 170 -10.00 -3.49 10.17
CA VAL C 170 -9.53 -4.65 9.40
C VAL C 170 -8.62 -4.15 8.29
N LYS C 171 -7.37 -4.58 8.32
CA LYS C 171 -6.37 -4.20 7.34
C LYS C 171 -6.08 -5.37 6.41
N LYS C 172 -5.35 -5.07 5.34
CA LYS C 172 -4.89 -6.10 4.42
C LYS C 172 -4.11 -7.17 5.17
N GLY C 173 -4.49 -8.43 4.95
CA GLY C 173 -3.84 -9.56 5.57
C GLY C 173 -4.51 -10.09 6.82
N ASP C 174 -5.47 -9.35 7.38
CA ASP C 174 -6.16 -9.81 8.58
C ASP C 174 -7.22 -10.84 8.21
N ALA C 175 -7.52 -11.72 9.16
CA ALA C 175 -8.52 -12.76 8.96
C ALA C 175 -9.89 -12.28 9.42
N VAL C 176 -10.92 -12.76 8.73
CA VAL C 176 -12.31 -12.46 9.06
C VAL C 176 -13.12 -13.74 8.92
N SER C 177 -13.81 -14.14 9.99
CA SER C 177 -14.62 -15.34 9.96
C SER C 177 -16.02 -15.02 9.45
N ILE C 178 -16.57 -15.94 8.65
CA ILE C 178 -17.93 -15.81 8.13
C ILE C 178 -18.71 -17.04 8.55
N TYR C 179 -19.76 -16.83 9.32
CA TYR C 179 -20.65 -17.89 9.78
C TYR C 179 -22.06 -17.55 9.30
N LEU C 180 -22.26 -17.59 7.98
CA LEU C 180 -23.49 -17.17 7.34
C LEU C 180 -24.19 -18.35 6.67
N PRO C 181 -25.53 -18.43 6.75
CA PRO C 181 -26.25 -19.45 5.98
C PRO C 181 -26.32 -19.09 4.51
N MET C 182 -27.06 -19.87 3.72
CA MET C 182 -27.07 -19.71 2.27
C MET C 182 -28.09 -18.64 1.84
N THR C 183 -27.82 -17.41 2.27
CA THR C 183 -28.50 -16.24 1.75
C THR C 183 -27.53 -15.47 0.85
N TRP C 184 -28.08 -14.62 -0.02
CA TRP C 184 -27.27 -14.01 -1.06
C TRP C 184 -26.22 -13.07 -0.50
N GLN C 185 -26.44 -12.50 0.70
CA GLN C 185 -25.44 -11.62 1.28
C GLN C 185 -24.13 -12.34 1.55
N ALA C 186 -24.16 -13.67 1.66
CA ALA C 186 -22.92 -14.41 1.94
C ALA C 186 -21.86 -14.12 0.90
N ALA C 187 -22.24 -13.91 -0.35
CA ALA C 187 -21.28 -13.56 -1.39
C ALA C 187 -20.77 -12.14 -1.21
N ALA C 188 -21.62 -11.24 -0.72
CA ALA C 188 -21.17 -9.88 -0.43
C ALA C 188 -20.16 -9.87 0.70
N ALA C 189 -20.31 -10.76 1.69
CA ALA C 189 -19.35 -10.84 2.77
C ALA C 189 -18.01 -11.36 2.26
N PHE C 190 -18.03 -12.46 1.51
CA PHE C 190 -16.81 -12.96 0.88
C PHE C 190 -16.09 -11.85 0.13
N LEU C 191 -16.80 -11.22 -0.81
CA LEU C 191 -16.15 -10.25 -1.70
C LEU C 191 -15.75 -8.99 -0.96
N ALA C 192 -16.50 -8.62 0.09
CA ALA C 192 -16.07 -7.48 0.91
C ALA C 192 -14.66 -7.71 1.45
N CYS C 193 -14.41 -8.90 1.98
CA CYS C 193 -13.07 -9.23 2.45
C CYS C 193 -12.06 -9.19 1.31
N ALA C 194 -12.38 -9.86 0.20
CA ALA C 194 -11.47 -9.90 -0.93
C ALA C 194 -11.20 -8.51 -1.48
N ARG C 195 -12.16 -7.59 -1.31
CA ARG C 195 -12.00 -6.25 -1.87
C ARG C 195 -10.97 -5.42 -1.11
N ILE C 196 -10.88 -5.60 0.20
CA ILE C 196 -9.97 -4.82 1.03
C ILE C 196 -8.69 -5.59 1.34
N GLY C 197 -8.47 -6.74 0.71
CA GLY C 197 -7.29 -7.53 0.96
C GLY C 197 -7.33 -8.39 2.20
N ALA C 198 -8.49 -8.47 2.86
CA ALA C 198 -8.62 -9.33 4.03
C ALA C 198 -8.81 -10.78 3.61
N ILE C 199 -8.58 -11.68 4.56
CA ILE C 199 -8.64 -13.12 4.33
C ILE C 199 -9.89 -13.63 5.03
N HIS C 200 -10.88 -14.06 4.25
CA HIS C 200 -12.11 -14.57 4.85
C HIS C 200 -12.01 -16.06 5.11
N SER C 201 -12.69 -16.52 6.17
CA SER C 201 -12.68 -17.92 6.57
C SER C 201 -14.13 -18.31 6.90
N ALA C 202 -14.80 -18.94 5.93
CA ALA C 202 -16.20 -19.28 6.07
C ALA C 202 -16.36 -20.62 6.77
N VAL C 203 -17.34 -20.69 7.67
CA VAL C 203 -17.64 -21.89 8.44
C VAL C 203 -19.09 -22.27 8.19
N PHE C 204 -19.32 -23.52 7.79
CA PHE C 204 -20.67 -24.05 7.59
C PHE C 204 -21.64 -23.53 8.65
N ALA C 205 -22.74 -22.94 8.20
CA ALA C 205 -23.77 -22.45 9.10
C ALA C 205 -24.53 -23.66 9.65
N GLY C 206 -24.24 -24.02 10.90
CA GLY C 206 -24.85 -25.19 11.50
C GLY C 206 -23.87 -26.01 12.32
N PHE C 207 -22.57 -25.83 12.05
CA PHE C 207 -21.55 -26.48 12.87
C PHE C 207 -21.76 -26.13 14.34
N SER C 208 -21.41 -27.08 15.20
CA SER C 208 -21.54 -26.86 16.63
C SER C 208 -20.76 -25.63 17.07
N ALA C 209 -21.04 -25.17 18.29
CA ALA C 209 -20.27 -24.08 18.86
C ALA C 209 -18.81 -24.47 19.05
N GLU C 210 -18.54 -25.77 19.23
CA GLU C 210 -17.17 -26.22 19.40
C GLU C 210 -16.42 -26.26 18.08
N SER C 211 -17.08 -26.71 17.01
CA SER C 211 -16.43 -26.73 15.70
C SER C 211 -16.14 -25.32 15.20
N LEU C 212 -17.02 -24.36 15.52
CA LEU C 212 -16.79 -22.98 15.12
C LEU C 212 -15.64 -22.36 15.91
N ARG C 213 -15.62 -22.60 17.22
CA ARG C 213 -14.55 -22.08 18.07
C ARG C 213 -13.18 -22.45 17.54
N ASP C 214 -12.99 -23.72 17.16
CA ASP C 214 -11.69 -24.18 16.71
C ASP C 214 -11.22 -23.38 15.50
N ARG C 215 -12.15 -22.99 14.63
CA ARG C 215 -11.78 -22.34 13.39
C ARG C 215 -11.59 -20.84 13.57
N VAL C 216 -12.42 -20.20 14.39
CA VAL C 216 -12.22 -18.79 14.71
C VAL C 216 -10.87 -18.58 15.38
N ASN C 217 -10.49 -19.50 16.28
CA ASN C 217 -9.25 -19.31 17.03
C ASN C 217 -8.03 -19.61 16.17
N ASP C 218 -8.07 -20.65 15.34
CA ASP C 218 -6.90 -20.99 14.53
C ASP C 218 -6.56 -19.85 13.58
N CYS C 219 -7.56 -19.19 13.00
CA CYS C 219 -7.30 -18.10 12.06
C CYS C 219 -7.06 -16.76 12.76
N GLU C 220 -7.21 -16.70 14.09
CA GLU C 220 -6.86 -15.52 14.86
C GLU C 220 -7.55 -14.26 14.34
N CYS C 221 -8.72 -14.43 13.72
CA CYS C 221 -9.47 -13.30 13.21
C CYS C 221 -9.96 -12.41 14.36
N LYS C 222 -10.23 -11.16 14.04
CA LYS C 222 -10.74 -10.20 14.99
C LYS C 222 -12.17 -9.74 14.69
N VAL C 223 -12.73 -10.12 13.55
CA VAL C 223 -14.10 -9.76 13.18
C VAL C 223 -14.81 -11.02 12.69
N LEU C 224 -16.10 -11.11 12.99
CA LEU C 224 -16.91 -12.27 12.64
C LEU C 224 -18.25 -11.80 12.10
N ILE C 225 -18.67 -12.39 10.98
CA ILE C 225 -19.93 -12.07 10.32
C ILE C 225 -20.85 -13.28 10.42
N THR C 226 -22.08 -13.05 10.89
CA THR C 226 -23.05 -14.12 11.03
C THR C 226 -24.45 -13.54 10.90
N THR C 227 -25.45 -14.40 11.01
CA THR C 227 -26.85 -14.04 10.98
C THR C 227 -27.45 -14.14 12.38
N ASP C 228 -28.64 -13.58 12.54
CA ASP C 228 -29.43 -13.85 13.74
C ASP C 228 -29.89 -15.30 13.75
N GLU C 229 -30.44 -15.77 12.64
CA GLU C 229 -30.86 -17.16 12.49
C GLU C 229 -30.77 -17.52 11.01
N GLY C 230 -30.71 -18.82 10.74
CA GLY C 230 -30.76 -19.33 9.38
C GLY C 230 -32.04 -20.10 9.14
N ARG C 231 -32.36 -20.34 7.87
CA ARG C 231 -33.55 -21.10 7.48
C ARG C 231 -33.14 -22.12 6.44
N ARG C 232 -33.37 -23.40 6.74
CA ARG C 232 -33.11 -24.48 5.80
C ARG C 232 -34.10 -25.60 6.05
N GLY C 233 -34.71 -26.10 4.97
CA GLY C 233 -35.62 -27.23 5.08
C GLY C 233 -36.79 -26.99 6.02
N GLY C 234 -37.19 -25.74 6.21
CA GLY C 234 -38.27 -25.43 7.12
C GLY C 234 -37.87 -25.35 8.58
N LYS C 235 -36.62 -25.65 8.92
CA LYS C 235 -36.13 -25.58 10.29
C LYS C 235 -35.25 -24.34 10.46
N THR C 236 -35.14 -23.90 11.71
CA THR C 236 -34.36 -22.72 12.06
C THR C 236 -32.97 -23.11 12.54
N ILE C 237 -31.98 -22.29 12.17
CA ILE C 237 -30.61 -22.45 12.63
C ILE C 237 -30.30 -21.31 13.58
N ALA C 238 -30.00 -21.63 14.84
CA ALA C 238 -29.73 -20.62 15.85
C ALA C 238 -28.26 -20.18 15.75
N THR C 239 -27.97 -19.47 14.67
CA THR C 239 -26.59 -19.08 14.38
C THR C 239 -26.04 -18.16 15.46
N LYS C 240 -26.74 -17.07 15.77
CA LYS C 240 -26.26 -16.16 16.79
C LYS C 240 -26.23 -16.83 18.16
N GLN C 241 -27.16 -17.74 18.42
CA GLN C 241 -27.12 -18.48 19.68
C GLN C 241 -25.87 -19.36 19.76
N ILE C 242 -25.47 -19.94 18.64
CA ILE C 242 -24.26 -20.76 18.61
C ILE C 242 -23.02 -19.87 18.67
N VAL C 243 -23.06 -18.73 17.98
CA VAL C 243 -21.92 -17.82 17.98
C VAL C 243 -21.63 -17.34 19.40
N ASP C 244 -22.68 -16.95 20.14
CA ASP C 244 -22.48 -16.50 21.51
C ASP C 244 -21.81 -17.57 22.35
N ALA C 245 -22.17 -18.84 22.15
CA ALA C 245 -21.57 -19.91 22.92
C ALA C 245 -20.09 -20.06 22.58
N ALA C 246 -19.74 -20.02 21.30
CA ALA C 246 -18.36 -20.25 20.91
C ALA C 246 -17.48 -19.05 21.23
N LEU C 247 -18.02 -17.83 21.19
CA LEU C 247 -17.21 -16.66 21.45
C LEU C 247 -16.77 -16.54 22.90
N GLN C 248 -17.38 -17.30 23.81
CA GLN C 248 -16.88 -17.36 25.17
C GLN C 248 -15.53 -18.07 25.26
N GLN C 249 -15.11 -18.75 24.18
CA GLN C 249 -13.80 -19.37 24.10
C GLN C 249 -13.00 -18.85 22.90
N CYS C 250 -13.35 -17.65 22.41
CA CYS C 250 -12.66 -17.02 21.29
C CYS C 250 -12.32 -15.60 21.72
N PRO C 251 -11.17 -15.40 22.40
CA PRO C 251 -10.90 -14.09 23.00
C PRO C 251 -10.53 -13.01 22.00
N LEU C 252 -10.05 -13.37 20.81
CA LEU C 252 -9.56 -12.38 19.87
C LEU C 252 -10.67 -11.68 19.09
N VAL C 253 -11.91 -12.15 19.18
CA VAL C 253 -13.00 -11.58 18.42
C VAL C 253 -13.48 -10.31 19.11
N GLU C 254 -13.37 -9.17 18.42
CA GLU C 254 -13.77 -7.88 18.96
C GLU C 254 -15.10 -7.38 18.39
N ASN C 255 -15.37 -7.65 17.12
CA ASN C 255 -16.55 -7.14 16.44
C ASN C 255 -17.32 -8.26 15.79
N VAL C 256 -18.64 -8.25 15.95
CA VAL C 256 -19.52 -9.22 15.32
C VAL C 256 -20.57 -8.45 14.53
N LEU C 257 -20.65 -8.73 13.23
CA LEU C 257 -21.65 -8.13 12.36
C LEU C 257 -22.77 -9.15 12.15
N VAL C 258 -24.00 -8.77 12.52
CA VAL C 258 -25.13 -9.68 12.54
C VAL C 258 -26.12 -9.26 11.46
N LEU C 259 -26.36 -10.15 10.51
CA LEU C 259 -27.34 -9.92 9.46
C LEU C 259 -28.72 -10.35 9.94
N ARG C 260 -29.71 -9.49 9.73
CA ARG C 260 -31.08 -9.74 10.19
C ARG C 260 -31.80 -10.60 9.15
N ARG C 261 -31.57 -11.91 9.26
CA ARG C 261 -32.14 -12.85 8.29
C ARG C 261 -33.60 -13.18 8.60
N THR C 262 -33.88 -13.55 9.84
CA THR C 262 -35.23 -13.92 10.24
C THR C 262 -35.96 -12.85 11.02
N GLY C 263 -35.24 -11.98 11.72
CA GLY C 263 -35.86 -10.94 12.52
C GLY C 263 -36.32 -11.38 13.89
N ASN C 264 -36.20 -12.66 14.23
CA ASN C 264 -36.58 -13.13 15.55
C ASN C 264 -35.61 -12.62 16.60
N LYS C 265 -36.11 -12.46 17.82
CA LYS C 265 -35.29 -11.93 18.90
C LYS C 265 -34.08 -12.84 19.14
N VAL C 266 -32.90 -12.26 19.10
CA VAL C 266 -31.66 -12.97 19.43
C VAL C 266 -30.86 -12.10 20.39
N PRO C 267 -30.02 -12.68 21.24
CA PRO C 267 -29.20 -11.85 22.13
C PRO C 267 -28.16 -11.07 21.35
N MET C 268 -27.88 -9.86 21.84
CA MET C 268 -26.87 -8.99 21.26
C MET C 268 -26.04 -8.39 22.39
N THR C 269 -24.73 -8.58 22.32
CA THR C 269 -23.81 -8.04 23.32
C THR C 269 -23.46 -6.60 22.97
N GLU C 270 -23.82 -5.66 23.83
CA GLU C 270 -23.52 -4.26 23.61
C GLU C 270 -22.03 -4.08 23.31
N GLY C 271 -21.75 -3.29 22.28
CA GLY C 271 -20.37 -3.02 21.89
C GLY C 271 -19.77 -4.02 20.93
N ARG C 272 -19.85 -5.31 21.28
CA ARG C 272 -19.27 -6.34 20.43
C ARG C 272 -20.11 -6.60 19.19
N ASP C 273 -21.44 -6.49 19.30
CA ASP C 273 -22.37 -6.89 18.26
C ASP C 273 -23.05 -5.67 17.65
N LYS C 274 -23.03 -5.57 16.33
CA LYS C 274 -23.71 -4.53 15.59
C LYS C 274 -24.53 -5.16 14.46
N TRP C 275 -25.66 -4.54 14.15
CA TRP C 275 -26.55 -5.06 13.11
C TRP C 275 -26.02 -4.70 11.73
N TRP C 276 -26.00 -5.70 10.85
CA TRP C 276 -25.60 -5.50 9.46
C TRP C 276 -26.26 -4.27 8.84
N ASP C 277 -27.59 -4.21 8.91
CA ASP C 277 -28.31 -3.12 8.25
C ASP C 277 -28.00 -1.77 8.89
N GLU C 278 -27.80 -1.74 10.21
CA GLU C 278 -27.54 -0.47 10.87
C GLU C 278 -26.14 0.05 10.55
N GLU C 279 -25.15 -0.85 10.46
CA GLU C 279 -23.79 -0.42 10.15
C GLU C 279 -23.68 0.06 8.71
N CYS C 280 -24.20 -0.73 7.75
CA CYS C 280 -24.06 -0.38 6.35
C CYS C 280 -24.79 0.90 5.98
N ALA C 281 -25.76 1.33 6.80
CA ALA C 281 -26.49 2.56 6.50
C ALA C 281 -25.63 3.80 6.68
N LYS C 282 -24.52 3.69 7.42
CA LYS C 282 -23.63 4.82 7.66
C LYS C 282 -22.54 4.95 6.61
N MET C 283 -22.34 3.94 5.77
CA MET C 283 -21.20 3.91 4.87
C MET C 283 -21.62 4.17 3.43
N PRO C 284 -20.73 4.73 2.61
CA PRO C 284 -21.05 4.91 1.19
C PRO C 284 -21.26 3.56 0.52
N ALA C 285 -21.89 3.62 -0.66
CA ALA C 285 -22.17 2.43 -1.45
C ALA C 285 -21.06 2.13 -2.45
N TYR C 286 -19.87 2.72 -2.25
CA TYR C 286 -18.68 2.36 -3.01
C TYR C 286 -17.49 2.36 -2.08
N CYS C 287 -16.47 1.57 -2.45
CA CYS C 287 -15.26 1.42 -1.67
C CYS C 287 -14.13 1.09 -2.64
N PRO C 288 -13.00 1.79 -2.58
CA PRO C 288 -11.90 1.47 -3.51
C PRO C 288 -11.41 0.05 -3.32
N CYS C 289 -10.77 -0.49 -4.35
CA CYS C 289 -10.25 -1.85 -4.33
C CYS C 289 -8.79 -1.84 -3.91
N GLU C 290 -8.45 -2.66 -2.92
CA GLU C 290 -7.05 -2.83 -2.53
C GLU C 290 -6.31 -3.58 -3.63
N ARG C 291 -5.12 -3.08 -3.97
CA ARG C 291 -4.32 -3.68 -5.04
C ARG C 291 -3.53 -4.86 -4.48
N MET C 292 -3.97 -6.07 -4.81
CA MET C 292 -3.43 -7.28 -4.22
C MET C 292 -2.43 -7.94 -5.17
N ALA C 293 -1.31 -8.41 -4.60
CA ALA C 293 -0.38 -9.21 -5.37
C ALA C 293 -1.00 -10.58 -5.66
N SER C 294 -0.55 -11.18 -6.76
CA SER C 294 -1.09 -12.48 -7.15
C SER C 294 -1.06 -13.47 -6.00
N GLU C 295 0.04 -13.50 -5.24
CA GLU C 295 0.24 -14.49 -4.19
C GLU C 295 -0.22 -14.03 -2.82
N ASP C 296 -0.82 -12.85 -2.71
CA ASP C 296 -1.47 -12.50 -1.45
C ASP C 296 -2.58 -13.52 -1.15
N PRO C 297 -2.71 -13.98 0.09
CA PRO C 297 -3.77 -14.95 0.39
C PRO C 297 -5.14 -14.35 0.14
N LEU C 298 -6.03 -15.17 -0.42
CA LEU C 298 -7.41 -14.77 -0.67
C LEU C 298 -8.37 -15.24 0.41
N PHE C 299 -8.23 -16.47 0.88
CA PHE C 299 -9.11 -16.96 1.94
C PHE C 299 -8.47 -18.16 2.61
N ILE C 300 -9.01 -18.51 3.78
CA ILE C 300 -8.71 -19.75 4.48
C ILE C 300 -10.01 -20.55 4.54
N LEU C 301 -9.96 -21.80 4.10
CA LEU C 301 -11.11 -22.71 4.22
C LEU C 301 -10.66 -23.91 5.04
N TYR C 302 -11.24 -24.06 6.22
CA TYR C 302 -10.92 -25.19 7.08
C TYR C 302 -11.70 -26.42 6.65
N THR C 303 -11.02 -27.56 6.63
CA THR C 303 -11.64 -28.83 6.28
C THR C 303 -12.13 -29.55 7.53
N SER C 304 -13.12 -30.42 7.34
CA SER C 304 -13.67 -31.20 8.44
C SER C 304 -12.58 -32.04 9.10
N LYS C 309 -6.98 -32.54 14.31
CA LYS C 309 -7.09 -31.09 14.40
C LYS C 309 -7.57 -30.50 13.08
N PRO C 310 -8.10 -29.28 13.12
CA PRO C 310 -8.64 -28.67 11.89
C PRO C 310 -7.55 -28.09 11.01
N LYS C 311 -7.75 -28.23 9.69
CA LYS C 311 -6.74 -27.90 8.70
C LYS C 311 -7.23 -26.73 7.86
N GLY C 312 -6.59 -25.57 8.04
CA GLY C 312 -6.96 -24.37 7.31
C GLY C 312 -6.23 -24.24 5.99
N VAL C 313 -6.89 -24.62 4.89
CA VAL C 313 -6.26 -24.59 3.57
C VAL C 313 -6.30 -23.17 3.03
N VAL C 314 -5.15 -22.68 2.57
CA VAL C 314 -4.97 -21.30 2.17
C VAL C 314 -4.81 -21.25 0.66
N HIS C 315 -5.56 -20.35 0.01
CA HIS C 315 -5.43 -20.10 -1.42
C HIS C 315 -5.00 -18.67 -1.66
N SER C 316 -4.18 -18.47 -2.68
CA SER C 316 -3.78 -17.13 -3.08
C SER C 316 -4.84 -16.57 -4.02
N THR C 317 -4.53 -15.46 -4.70
CA THR C 317 -5.54 -14.72 -5.45
C THR C 317 -5.57 -15.08 -6.92
N ALA C 318 -4.53 -14.71 -7.66
CA ALA C 318 -4.55 -14.82 -9.11
C ALA C 318 -4.71 -16.27 -9.56
N GLY C 319 -3.91 -17.17 -8.99
CA GLY C 319 -3.95 -18.56 -9.43
C GLY C 319 -5.30 -19.21 -9.19
N TYR C 320 -5.85 -19.01 -7.98
CA TYR C 320 -7.14 -19.61 -7.66
C TYR C 320 -8.24 -19.04 -8.54
N LEU C 321 -8.29 -17.72 -8.66
CA LEU C 321 -9.37 -17.07 -9.41
C LEU C 321 -9.38 -17.54 -10.86
N LEU C 322 -8.20 -17.63 -11.48
CA LEU C 322 -8.13 -18.10 -12.85
C LEU C 322 -8.60 -19.54 -12.97
N GLY C 323 -8.20 -20.39 -12.02
CA GLY C 323 -8.64 -21.78 -12.06
C GLY C 323 -10.14 -21.90 -12.03
N THR C 324 -10.78 -21.21 -11.09
CA THR C 324 -12.24 -21.27 -10.98
C THR C 324 -12.91 -20.71 -12.23
N ALA C 325 -12.29 -19.71 -12.87
CA ALA C 325 -12.89 -19.10 -14.05
C ALA C 325 -12.80 -20.04 -15.26
N LEU C 326 -11.62 -20.62 -15.49
CA LEU C 326 -11.44 -21.48 -16.65
C LEU C 326 -12.26 -22.76 -16.52
N THR C 327 -12.17 -23.43 -15.37
CA THR C 327 -12.88 -24.70 -15.20
C THR C 327 -14.38 -24.51 -15.40
N LEU C 328 -14.94 -23.44 -14.83
CA LEU C 328 -16.36 -23.17 -15.05
C LEU C 328 -16.63 -22.98 -16.54
N LYS C 329 -15.78 -22.22 -17.22
CA LYS C 329 -16.00 -21.92 -18.63
C LYS C 329 -16.00 -23.20 -19.46
N TYR C 330 -15.05 -24.09 -19.23
CA TYR C 330 -14.86 -25.27 -20.07
C TYR C 330 -15.54 -26.52 -19.53
N VAL C 331 -15.52 -26.76 -18.22
CA VAL C 331 -16.11 -27.97 -17.69
C VAL C 331 -17.63 -27.92 -17.77
N PHE C 332 -18.22 -26.73 -17.70
CA PHE C 332 -19.66 -26.57 -17.80
C PHE C 332 -20.07 -25.79 -19.05
N ASP C 333 -19.15 -25.60 -19.99
CA ASP C 333 -19.39 -24.89 -21.24
C ASP C 333 -20.25 -23.65 -21.01
N ALA C 334 -19.76 -22.79 -20.12
CA ALA C 334 -20.51 -21.60 -19.74
C ALA C 334 -20.46 -20.55 -20.85
N HIS C 335 -21.58 -19.85 -21.01
CA HIS C 335 -21.71 -18.78 -21.99
C HIS C 335 -22.39 -17.59 -21.34
N PRO C 336 -22.23 -16.40 -21.92
CA PRO C 336 -22.60 -15.16 -21.20
C PRO C 336 -23.99 -15.18 -20.57
N ASP C 337 -25.00 -15.73 -21.24
CA ASP C 337 -26.37 -15.65 -20.78
C ASP C 337 -26.78 -16.81 -19.87
N ASP C 338 -25.88 -17.75 -19.60
CA ASP C 338 -26.24 -18.91 -18.80
C ASP C 338 -26.61 -18.52 -17.37
N ARG C 339 -27.32 -19.44 -16.70
CA ARG C 339 -27.71 -19.29 -15.30
C ARG C 339 -27.22 -20.53 -14.56
N PHE C 340 -26.01 -20.45 -14.01
CA PHE C 340 -25.40 -21.58 -13.34
C PHE C 340 -26.07 -21.83 -11.99
N ALA C 341 -26.34 -23.10 -11.70
CA ALA C 341 -27.06 -23.51 -10.48
C ALA C 341 -26.27 -24.57 -9.74
N CYS C 342 -25.39 -24.14 -8.84
CA CYS C 342 -24.66 -25.03 -7.94
C CYS C 342 -25.38 -25.05 -6.61
N MET C 343 -25.93 -26.21 -6.24
CA MET C 343 -26.76 -26.35 -5.06
C MET C 343 -25.95 -26.62 -3.80
N ALA C 344 -24.64 -26.40 -3.85
CA ALA C 344 -23.78 -26.66 -2.71
C ALA C 344 -23.92 -25.53 -1.68
N ASP C 345 -23.09 -25.56 -0.65
CA ASP C 345 -23.08 -24.55 0.40
C ASP C 345 -21.76 -23.80 0.37
N ILE C 346 -21.83 -22.48 0.59
CA ILE C 346 -20.63 -21.66 0.52
C ILE C 346 -19.60 -22.05 1.57
N GLY C 347 -20.00 -22.80 2.60
CA GLY C 347 -19.03 -23.35 3.53
C GLY C 347 -18.18 -24.46 2.95
N TRP C 348 -18.53 -24.96 1.77
CA TRP C 348 -17.79 -26.00 1.08
C TRP C 348 -17.00 -25.37 -0.06
N ILE C 349 -15.83 -25.92 -0.35
CA ILE C 349 -15.01 -25.37 -1.43
C ILE C 349 -15.80 -25.36 -2.72
N THR C 350 -16.73 -26.31 -2.89
CA THR C 350 -17.61 -26.30 -4.06
C THR C 350 -18.38 -24.98 -4.13
N GLY C 351 -18.75 -24.41 -2.99
CA GLY C 351 -19.43 -23.14 -2.95
C GLY C 351 -18.50 -21.97 -3.21
N HIS C 352 -17.27 -22.06 -2.72
CA HIS C 352 -16.30 -21.01 -2.98
C HIS C 352 -16.06 -20.84 -4.47
N SER C 353 -15.88 -21.96 -5.17
CA SER C 353 -15.36 -21.92 -6.53
C SER C 353 -16.44 -21.88 -7.60
N TYR C 354 -17.63 -22.44 -7.34
CA TYR C 354 -18.63 -22.61 -8.38
C TYR C 354 -20.01 -22.08 -7.99
N ILE C 355 -20.12 -21.37 -6.87
CA ILE C 355 -21.23 -20.48 -6.61
C ILE C 355 -20.81 -19.02 -6.74
N ILE C 356 -19.66 -18.67 -6.17
CA ILE C 356 -19.27 -17.27 -6.03
C ILE C 356 -18.17 -16.91 -7.03
N TYR C 357 -16.94 -17.35 -6.77
CA TYR C 357 -15.79 -16.83 -7.51
C TYR C 357 -15.83 -17.24 -8.97
N GLY C 358 -16.14 -18.50 -9.26
CA GLY C 358 -16.13 -18.98 -10.63
C GLY C 358 -17.15 -18.30 -11.51
N PRO C 359 -18.43 -18.45 -11.18
CA PRO C 359 -19.47 -17.82 -12.02
C PRO C 359 -19.39 -16.31 -12.08
N LEU C 360 -19.18 -15.65 -10.94
CA LEU C 360 -19.13 -14.19 -10.95
C LEU C 360 -17.89 -13.66 -11.68
N ALA C 361 -16.78 -14.42 -11.64
CA ALA C 361 -15.63 -14.04 -12.45
C ALA C 361 -16.01 -13.96 -13.92
N ASN C 362 -16.73 -14.96 -14.42
CA ASN C 362 -17.19 -14.97 -15.80
C ASN C 362 -18.32 -13.99 -16.07
N GLY C 363 -18.85 -13.35 -15.02
CA GLY C 363 -19.89 -12.35 -15.21
C GLY C 363 -21.24 -12.91 -15.62
N ILE C 364 -21.56 -14.13 -15.18
CA ILE C 364 -22.86 -14.73 -15.50
C ILE C 364 -23.75 -14.68 -14.26
N THR C 365 -24.86 -15.42 -14.32
CA THR C 365 -25.78 -15.55 -13.20
C THR C 365 -25.48 -16.85 -12.46
N THR C 366 -25.54 -16.78 -11.13
CA THR C 366 -25.29 -17.94 -10.28
C THR C 366 -26.43 -18.06 -9.27
N ALA C 367 -26.68 -19.29 -8.83
CA ALA C 367 -27.76 -19.59 -7.90
C ALA C 367 -27.23 -19.71 -6.48
N VAL C 368 -28.01 -19.17 -5.54
CA VAL C 368 -27.75 -19.36 -4.11
C VAL C 368 -28.98 -20.08 -3.56
N PHE C 369 -28.86 -21.39 -3.38
CA PHE C 369 -29.97 -22.24 -2.95
C PHE C 369 -29.93 -22.38 -1.44
N GLU C 370 -30.95 -21.87 -0.76
CA GLU C 370 -30.99 -21.85 0.70
C GLU C 370 -31.70 -23.05 1.30
N SER C 371 -32.47 -23.78 0.51
CA SER C 371 -33.32 -24.84 1.03
C SER C 371 -32.58 -26.18 0.93
N THR C 372 -33.31 -27.28 1.00
CA THR C 372 -32.81 -28.62 0.80
C THR C 372 -33.35 -29.20 -0.49
N PRO C 373 -32.79 -30.31 -0.96
CA PRO C 373 -33.34 -30.96 -2.17
C PRO C 373 -34.75 -31.54 -1.96
N VAL C 374 -35.29 -31.54 -0.75
CA VAL C 374 -36.57 -32.20 -0.50
C VAL C 374 -37.51 -31.29 0.28
N TYR C 375 -37.26 -29.99 0.27
CA TYR C 375 -38.18 -29.05 0.90
C TYR C 375 -38.74 -28.10 -0.15
N PRO C 376 -40.07 -27.91 -0.20
CA PRO C 376 -41.12 -28.56 0.62
C PRO C 376 -41.32 -30.01 0.21
N THR C 377 -40.87 -30.41 -0.98
CA THR C 377 -41.00 -31.79 -1.45
C THR C 377 -39.76 -32.19 -2.23
N PRO C 378 -39.64 -33.47 -2.61
CA PRO C 378 -38.47 -33.89 -3.41
C PRO C 378 -38.47 -33.40 -4.85
N SER C 379 -39.38 -32.49 -5.19
CA SER C 379 -39.41 -31.87 -6.51
C SER C 379 -38.83 -30.48 -6.51
N ARG C 380 -38.17 -30.07 -5.42
CA ARG C 380 -37.71 -28.69 -5.31
C ARG C 380 -36.69 -28.37 -6.40
N TYR C 381 -35.63 -29.17 -6.51
CA TYR C 381 -34.63 -28.96 -7.56
C TYR C 381 -35.28 -28.67 -8.90
N TRP C 382 -36.28 -29.46 -9.26
CA TRP C 382 -36.85 -29.38 -10.60
C TRP C 382 -37.81 -28.21 -10.72
N ASP C 383 -38.64 -27.99 -9.71
CA ASP C 383 -39.41 -26.75 -9.65
C ASP C 383 -38.49 -25.54 -9.81
N PHE C 384 -37.29 -25.62 -9.21
CA PHE C 384 -36.34 -24.51 -9.31
C PHE C 384 -35.79 -24.36 -10.72
N VAL C 385 -35.42 -25.48 -11.37
CA VAL C 385 -34.83 -25.40 -12.70
C VAL C 385 -35.81 -24.80 -13.68
N ASP C 386 -37.08 -25.20 -13.62
CA ASP C 386 -38.08 -24.70 -14.55
C ASP C 386 -38.52 -23.27 -14.22
N LYS C 387 -38.40 -22.84 -12.97
CA LYS C 387 -38.79 -21.47 -12.63
C LYS C 387 -37.79 -20.47 -13.18
N TRP C 388 -36.49 -20.77 -13.09
CA TRP C 388 -35.45 -19.86 -13.53
C TRP C 388 -34.83 -20.26 -14.86
N LYS C 389 -35.24 -21.39 -15.44
CA LYS C 389 -34.63 -21.89 -16.67
C LYS C 389 -33.13 -22.07 -16.49
N ALA C 390 -32.76 -22.78 -15.43
CA ALA C 390 -31.35 -23.04 -15.16
C ALA C 390 -30.72 -23.81 -16.32
N THR C 391 -29.53 -23.38 -16.73
CA THR C 391 -28.84 -23.98 -17.87
C THR C 391 -27.79 -25.00 -17.45
N GLN C 392 -27.37 -24.98 -16.19
CA GLN C 392 -26.53 -26.03 -15.64
C GLN C 392 -26.95 -26.27 -14.19
N LEU C 393 -26.78 -27.51 -13.74
CA LEU C 393 -27.02 -27.89 -12.35
C LEU C 393 -25.81 -28.64 -11.83
N TYR C 394 -25.45 -28.39 -10.59
CA TYR C 394 -24.21 -28.89 -10.01
C TYR C 394 -24.50 -29.27 -8.55
N THR C 395 -24.56 -30.57 -8.27
CA THR C 395 -24.89 -31.07 -6.94
C THR C 395 -24.00 -32.27 -6.64
N ALA C 396 -24.27 -32.94 -5.53
CA ALA C 396 -23.43 -34.01 -5.03
C ALA C 396 -24.13 -35.37 -5.15
N PRO C 397 -23.37 -36.46 -5.23
CA PRO C 397 -23.99 -37.80 -5.28
C PRO C 397 -24.95 -38.07 -4.14
N THR C 398 -24.62 -37.60 -2.92
CA THR C 398 -25.51 -37.81 -1.79
C THR C 398 -26.91 -37.31 -2.10
N ALA C 399 -27.01 -36.08 -2.62
CA ALA C 399 -28.32 -35.52 -2.96
C ALA C 399 -29.00 -36.33 -4.06
N ILE C 400 -28.22 -36.84 -5.00
CA ILE C 400 -28.80 -37.61 -6.11
C ILE C 400 -29.34 -38.94 -5.59
N ARG C 401 -28.59 -39.60 -4.72
CA ARG C 401 -29.09 -40.84 -4.11
C ARG C 401 -30.29 -40.57 -3.20
N LEU C 402 -30.42 -39.34 -2.69
CA LEU C 402 -31.61 -39.00 -1.89
C LEU C 402 -32.83 -38.90 -2.78
N LEU C 403 -32.71 -38.22 -3.93
CA LEU C 403 -33.87 -38.04 -4.80
C LEU C 403 -34.26 -39.34 -5.48
N ARG C 404 -33.27 -40.16 -5.85
CA ARG C 404 -33.59 -41.49 -6.34
C ARG C 404 -34.41 -42.28 -5.32
N ARG C 405 -34.12 -42.06 -4.04
CA ARG C 405 -34.86 -42.77 -2.98
C ARG C 405 -36.31 -42.31 -2.89
N MET C 406 -36.59 -41.06 -3.25
CA MET C 406 -37.93 -40.50 -3.10
C MET C 406 -38.83 -40.76 -4.30
N GLY C 407 -38.35 -41.50 -5.30
CA GLY C 407 -39.16 -41.85 -6.44
C GLY C 407 -39.05 -40.85 -7.58
N GLU C 408 -39.48 -41.29 -8.76
CA GLU C 408 -39.39 -40.49 -9.97
C GLU C 408 -40.69 -39.75 -10.28
N ASP C 409 -41.68 -39.81 -9.39
CA ASP C 409 -42.90 -39.03 -9.60
C ASP C 409 -42.63 -37.53 -9.45
N HIS C 410 -41.65 -37.17 -8.60
CA HIS C 410 -41.37 -35.77 -8.32
C HIS C 410 -40.57 -35.08 -9.42
N VAL C 411 -40.14 -35.81 -10.45
CA VAL C 411 -39.31 -35.22 -11.50
C VAL C 411 -39.85 -35.54 -12.88
N LYS C 412 -40.53 -36.69 -13.00
CA LYS C 412 -40.98 -37.15 -14.31
C LYS C 412 -41.79 -36.08 -15.04
N ASN C 413 -42.58 -35.30 -14.30
CA ASN C 413 -43.53 -34.36 -14.89
C ASN C 413 -42.99 -32.93 -14.93
N HIS C 414 -41.71 -32.76 -15.29
CA HIS C 414 -41.12 -31.44 -15.43
C HIS C 414 -40.52 -31.31 -16.83
N ASP C 415 -40.26 -30.06 -17.22
CA ASP C 415 -39.64 -29.78 -18.51
C ASP C 415 -38.13 -30.02 -18.44
N LEU C 416 -37.41 -29.15 -17.75
CA LEU C 416 -35.97 -29.27 -17.54
C LEU C 416 -35.16 -29.18 -18.82
N SER C 417 -35.75 -28.67 -19.90
CA SER C 417 -35.04 -28.63 -21.18
C SER C 417 -34.05 -27.46 -21.28
N SER C 418 -34.11 -26.49 -20.36
CA SER C 418 -33.12 -25.42 -20.36
C SER C 418 -31.75 -25.93 -19.96
N LEU C 419 -31.66 -27.11 -19.35
CA LEU C 419 -30.39 -27.66 -18.92
C LEU C 419 -29.61 -28.24 -20.09
N ARG C 420 -28.29 -28.03 -20.08
CA ARG C 420 -27.39 -28.66 -21.03
C ARG C 420 -26.34 -29.53 -20.37
N VAL C 421 -25.99 -29.27 -19.12
CA VAL C 421 -24.94 -30.00 -18.42
C VAL C 421 -25.37 -30.24 -16.98
N LEU C 422 -25.15 -31.46 -16.50
CA LEU C 422 -25.41 -31.84 -15.12
C LEU C 422 -24.09 -32.29 -14.49
N GLY C 423 -23.81 -31.80 -13.29
CA GLY C 423 -22.54 -32.05 -12.63
C GLY C 423 -22.71 -32.77 -11.31
N SER C 424 -21.73 -33.62 -10.99
CA SER C 424 -21.66 -34.32 -9.72
C SER C 424 -20.30 -34.07 -9.08
N VAL C 425 -20.28 -33.92 -7.76
CA VAL C 425 -19.07 -33.53 -7.04
C VAL C 425 -19.16 -34.03 -5.61
N GLY C 426 -18.00 -34.35 -5.04
CA GLY C 426 -17.91 -34.66 -3.62
C GLY C 426 -17.45 -36.07 -3.32
N GLU C 427 -17.90 -37.04 -4.12
CA GLU C 427 -17.57 -38.43 -3.90
C GLU C 427 -17.75 -39.17 -5.22
N PRO C 428 -17.29 -40.41 -5.31
CA PRO C 428 -17.59 -41.22 -6.50
C PRO C 428 -19.10 -41.41 -6.62
N ILE C 429 -19.61 -41.14 -7.82
CA ILE C 429 -21.04 -41.34 -8.11
C ILE C 429 -21.22 -42.76 -8.63
N ASN C 430 -22.12 -43.51 -7.99
CA ASN C 430 -22.38 -44.87 -8.42
C ASN C 430 -23.08 -44.85 -9.78
N PRO C 431 -22.71 -45.75 -10.69
CA PRO C 431 -23.43 -45.81 -11.98
C PRO C 431 -24.94 -45.92 -11.82
N GLU C 432 -25.41 -46.59 -10.76
CA GLU C 432 -26.85 -46.65 -10.51
C GLU C 432 -27.43 -45.26 -10.36
N ALA C 433 -26.78 -44.39 -9.57
CA ALA C 433 -27.24 -43.03 -9.41
C ALA C 433 -26.94 -42.19 -10.65
N TRP C 434 -25.79 -42.44 -11.29
CA TRP C 434 -25.45 -41.74 -12.51
C TRP C 434 -26.55 -41.87 -13.55
N HIS C 435 -27.13 -43.06 -13.69
CA HIS C 435 -28.19 -43.26 -14.68
C HIS C 435 -29.48 -42.56 -14.25
N TRP C 436 -29.87 -42.69 -13.00
CA TRP C 436 -31.02 -41.94 -12.51
C TRP C 436 -30.84 -40.45 -12.78
N TYR C 437 -29.65 -39.93 -12.51
CA TYR C 437 -29.33 -38.54 -12.85
C TYR C 437 -29.47 -38.30 -14.35
N ASN C 438 -28.89 -39.20 -15.15
CA ASN C 438 -28.89 -39.04 -16.61
C ASN C 438 -30.24 -39.36 -17.23
N ASP C 439 -31.07 -40.18 -16.57
CA ASP C 439 -32.34 -40.56 -17.16
C ASP C 439 -33.44 -39.53 -16.89
N PHE C 440 -33.52 -39.03 -15.65
CA PHE C 440 -34.64 -38.18 -15.25
C PHE C 440 -34.30 -36.70 -15.21
N ALA C 441 -33.16 -36.33 -14.61
CA ALA C 441 -32.82 -34.92 -14.51
C ALA C 441 -32.53 -34.33 -15.88
N GLY C 442 -31.74 -35.02 -16.69
CA GLY C 442 -31.38 -34.59 -18.02
C GLY C 442 -32.23 -35.15 -19.14
N LYS C 443 -33.17 -36.05 -18.83
CA LYS C 443 -34.00 -36.69 -19.84
C LYS C 443 -33.16 -37.22 -20.99
N ASN C 444 -31.96 -37.70 -20.66
CA ASN C 444 -31.04 -38.26 -21.65
C ASN C 444 -30.65 -37.23 -22.71
N GLN C 445 -30.61 -35.96 -22.34
CA GLN C 445 -30.23 -34.90 -23.27
C GLN C 445 -29.19 -33.95 -22.71
N CYS C 446 -28.67 -34.20 -21.51
CA CYS C 446 -27.61 -33.37 -20.93
C CYS C 446 -26.36 -34.21 -20.76
N ALA C 447 -25.21 -33.56 -20.84
CA ALA C 447 -23.94 -34.21 -20.53
C ALA C 447 -23.76 -34.27 -19.01
N ILE C 448 -23.32 -35.43 -18.53
CA ILE C 448 -23.03 -35.63 -17.11
C ILE C 448 -21.53 -35.47 -16.91
N VAL C 449 -21.14 -34.48 -16.11
CA VAL C 449 -19.74 -34.22 -15.80
C VAL C 449 -19.49 -34.63 -14.37
N ASP C 450 -18.64 -35.65 -14.18
CA ASP C 450 -18.23 -36.12 -12.86
C ASP C 450 -16.93 -35.41 -12.52
N THR C 451 -17.02 -34.37 -11.68
CA THR C 451 -15.91 -33.44 -11.45
C THR C 451 -15.14 -33.86 -10.21
N TYR C 452 -13.96 -34.42 -10.40
CA TYR C 452 -13.09 -34.80 -9.30
C TYR C 452 -12.13 -33.66 -8.97
N TRP C 453 -12.07 -33.30 -7.69
CA TRP C 453 -11.11 -32.32 -7.17
C TRP C 453 -11.23 -32.24 -5.66
N MET C 454 -10.36 -31.44 -5.03
CA MET C 454 -10.35 -31.33 -3.57
C MET C 454 -10.27 -29.86 -3.18
N THR C 455 -10.55 -29.60 -1.91
CA THR C 455 -10.34 -28.26 -1.36
C THR C 455 -8.92 -27.79 -1.65
N GLU C 456 -7.94 -28.69 -1.57
CA GLU C 456 -6.55 -28.31 -1.78
C GLU C 456 -6.21 -28.05 -3.24
N THR C 457 -7.03 -28.50 -4.18
CA THR C 457 -6.77 -28.23 -5.59
C THR C 457 -7.40 -26.92 -6.05
N GLY C 458 -8.40 -26.42 -5.33
CA GLY C 458 -8.99 -25.13 -5.63
C GLY C 458 -10.03 -25.19 -6.74
N SER C 459 -9.74 -25.93 -7.80
CA SER C 459 -10.61 -26.01 -8.96
C SER C 459 -10.63 -27.44 -9.49
N ILE C 460 -11.58 -27.70 -10.39
CA ILE C 460 -11.78 -29.03 -10.92
C ILE C 460 -10.47 -29.56 -11.50
N SER C 461 -10.12 -30.79 -11.12
CA SER C 461 -8.86 -31.42 -11.52
C SER C 461 -9.03 -32.43 -12.64
N ILE C 462 -10.00 -33.34 -12.50
CA ILE C 462 -10.31 -34.34 -13.51
C ILE C 462 -11.81 -34.30 -13.77
N ALA C 463 -12.18 -34.20 -15.05
CA ALA C 463 -13.59 -34.12 -15.41
C ALA C 463 -13.71 -34.11 -16.94
N PRO C 464 -14.86 -34.52 -17.48
CA PRO C 464 -15.04 -34.46 -18.94
C PRO C 464 -15.48 -33.07 -19.39
N LEU C 465 -14.95 -32.65 -20.53
CA LEU C 465 -15.43 -31.43 -21.17
C LEU C 465 -16.73 -31.76 -21.88
N PRO C 466 -17.85 -31.11 -21.53
CA PRO C 466 -19.17 -31.64 -21.90
C PRO C 466 -19.49 -31.58 -23.39
N GLY C 467 -18.60 -31.03 -24.22
CA GLY C 467 -18.85 -30.96 -25.65
C GLY C 467 -17.82 -31.70 -26.47
N ALA C 468 -17.10 -32.62 -25.84
CA ALA C 468 -16.03 -33.32 -26.53
C ALA C 468 -15.86 -34.76 -26.04
N ILE C 469 -16.16 -35.02 -24.77
CA ILE C 469 -15.84 -36.28 -24.12
C ILE C 469 -17.10 -37.14 -24.04
N SER C 470 -16.97 -38.40 -24.45
CA SER C 470 -18.01 -39.41 -24.22
C SER C 470 -17.80 -40.02 -22.84
N THR C 471 -18.86 -40.06 -22.04
CA THR C 471 -18.73 -40.36 -20.62
C THR C 471 -18.97 -41.83 -20.33
N LYS C 472 -18.37 -42.30 -19.24
CA LYS C 472 -18.62 -43.62 -18.68
C LYS C 472 -19.17 -43.44 -17.26
N PRO C 473 -20.33 -44.00 -16.92
CA PRO C 473 -20.89 -43.78 -15.57
C PRO C 473 -19.89 -44.06 -14.45
N GLY C 474 -19.63 -43.06 -13.62
CA GLY C 474 -18.74 -43.21 -12.50
C GLY C 474 -17.29 -42.88 -12.76
N SER C 475 -16.98 -42.26 -13.90
CA SER C 475 -15.62 -41.96 -14.30
C SER C 475 -15.45 -40.46 -14.51
N ALA C 476 -14.46 -39.88 -13.82
CA ALA C 476 -14.12 -38.48 -14.06
C ALA C 476 -13.48 -38.25 -15.42
N THR C 477 -13.03 -39.33 -16.13
CA THR C 477 -12.48 -39.27 -17.48
C THR C 477 -11.07 -38.69 -17.48
N PHE C 478 -10.92 -37.44 -17.93
CA PHE C 478 -9.59 -36.94 -18.26
C PHE C 478 -9.26 -35.68 -17.46
N PRO C 479 -7.97 -35.42 -17.24
CA PRO C 479 -7.59 -34.28 -16.40
C PRO C 479 -7.89 -32.95 -17.08
N PHE C 480 -8.07 -31.92 -16.26
CA PHE C 480 -8.32 -30.59 -16.78
C PHE C 480 -7.01 -29.91 -17.16
N PHE C 481 -7.12 -28.87 -17.99
CA PHE C 481 -5.99 -28.04 -18.37
C PHE C 481 -5.10 -27.76 -17.17
N GLY C 482 -3.80 -27.97 -17.34
CA GLY C 482 -2.84 -27.73 -16.29
C GLY C 482 -2.69 -28.86 -15.29
N MET C 483 -3.35 -30.00 -15.50
CA MET C 483 -3.24 -31.15 -14.61
C MET C 483 -2.62 -32.30 -15.38
N ASP C 484 -1.46 -32.76 -14.92
CA ASP C 484 -0.77 -33.92 -15.48
C ASP C 484 -0.65 -34.94 -14.35
N VAL C 485 -1.60 -35.87 -14.30
CA VAL C 485 -1.69 -36.83 -13.21
C VAL C 485 -1.09 -38.16 -13.66
N ASP C 486 -0.50 -38.86 -12.69
CA ASP C 486 0.05 -40.20 -12.90
C ASP C 486 -0.49 -41.12 -11.82
N ILE C 487 -0.38 -42.41 -12.07
CA ILE C 487 -0.71 -43.44 -11.09
C ILE C 487 0.60 -44.03 -10.57
N ILE C 488 0.75 -44.04 -9.25
CA ILE C 488 1.93 -44.57 -8.60
C ILE C 488 1.55 -45.81 -7.81
N ASP C 489 2.46 -46.77 -7.74
CA ASP C 489 2.25 -47.94 -6.91
C ASP C 489 2.47 -47.56 -5.45
N PRO C 490 1.46 -47.69 -4.58
CA PRO C 490 1.66 -47.25 -3.19
C PRO C 490 2.78 -47.97 -2.48
N GLN C 491 3.24 -49.10 -3.00
CA GLN C 491 4.27 -49.90 -2.37
C GLN C 491 5.66 -49.54 -2.90
N THR C 492 5.89 -49.77 -4.20
CA THR C 492 7.19 -49.46 -4.78
C THR C 492 7.46 -47.97 -4.83
N GLY C 493 6.42 -47.14 -4.83
CA GLY C 493 6.57 -45.71 -5.04
C GLY C 493 6.82 -45.31 -6.47
N GLN C 494 6.98 -46.27 -7.38
CA GLN C 494 7.29 -45.98 -8.77
C GLN C 494 6.01 -45.72 -9.56
N VAL C 495 6.14 -44.96 -10.63
CA VAL C 495 5.00 -44.63 -11.48
C VAL C 495 4.62 -45.82 -12.33
N LEU C 496 3.33 -45.95 -12.62
CA LEU C 496 2.79 -46.99 -13.49
C LEU C 496 2.44 -46.37 -14.82
N GLU C 497 3.36 -46.44 -15.78
CA GLU C 497 3.14 -45.86 -17.09
C GLU C 497 2.17 -46.71 -17.90
N GLY C 498 1.40 -46.04 -18.75
CA GLY C 498 0.48 -46.71 -19.64
C GLY C 498 -0.95 -46.72 -19.11
N ASN C 499 -1.71 -47.69 -19.60
CA ASN C 499 -3.13 -47.83 -19.27
C ASN C 499 -3.37 -49.17 -18.57
N ASP C 500 -4.62 -49.34 -18.13
CA ASP C 500 -5.03 -50.55 -17.41
C ASP C 500 -4.20 -50.75 -16.15
N VAL C 501 -3.95 -49.65 -15.44
CA VAL C 501 -3.16 -49.67 -14.21
C VAL C 501 -4.00 -49.05 -13.09
N GLU C 502 -3.63 -49.37 -11.86
CA GLU C 502 -4.34 -48.83 -10.70
C GLU C 502 -3.38 -48.67 -9.54
N GLY C 503 -3.58 -47.62 -8.75
CA GLY C 503 -2.73 -47.33 -7.61
C GLY C 503 -3.21 -46.12 -6.83
N VAL C 504 -2.34 -45.14 -6.66
CA VAL C 504 -2.68 -43.89 -5.97
C VAL C 504 -2.47 -42.72 -6.94
N LEU C 505 -3.40 -41.77 -6.90
CA LEU C 505 -3.32 -40.61 -7.77
C LEU C 505 -2.30 -39.62 -7.24
N VAL C 506 -1.50 -39.06 -8.15
CA VAL C 506 -0.54 -38.02 -7.83
C VAL C 506 -0.46 -37.05 -9.00
N ALA C 507 -0.05 -35.82 -8.71
CA ALA C 507 0.13 -34.79 -9.72
C ALA C 507 1.62 -34.55 -9.94
N ARG C 508 1.99 -34.33 -11.20
CA ARG C 508 3.39 -34.25 -11.58
C ARG C 508 3.98 -32.85 -11.48
N ARG C 509 3.16 -31.81 -11.53
CA ARG C 509 3.65 -30.45 -11.43
C ARG C 509 2.55 -29.58 -10.83
N PRO C 510 2.90 -28.41 -10.31
CA PRO C 510 1.88 -27.52 -9.76
C PRO C 510 0.95 -26.99 -10.84
N TRP C 511 -0.22 -26.53 -10.40
CA TRP C 511 -1.21 -25.86 -11.23
C TRP C 511 -1.60 -24.56 -10.56
N PRO C 512 -2.16 -23.62 -11.33
CA PRO C 512 -2.34 -22.26 -10.78
C PRO C 512 -3.18 -22.21 -9.51
N SER C 513 -4.25 -23.00 -9.42
CA SER C 513 -5.19 -22.90 -8.31
C SER C 513 -4.79 -23.73 -7.11
N ILE C 514 -3.61 -24.33 -7.11
CA ILE C 514 -3.22 -25.24 -6.04
C ILE C 514 -3.09 -24.47 -4.72
N ALA C 515 -3.52 -25.11 -3.64
CA ALA C 515 -3.33 -24.52 -2.32
C ALA C 515 -1.85 -24.25 -2.08
N ARG C 516 -1.57 -23.17 -1.34
CA ARG C 516 -0.21 -22.72 -1.14
C ARG C 516 0.37 -23.13 0.21
N THR C 517 -0.47 -23.29 1.23
CA THR C 517 0.00 -23.68 2.55
C THR C 517 -1.20 -24.03 3.42
N VAL C 518 -0.91 -24.48 4.63
CA VAL C 518 -1.90 -24.60 5.70
C VAL C 518 -1.62 -23.50 6.70
N TYR C 519 -2.66 -22.78 7.10
CA TYR C 519 -2.48 -21.54 7.84
C TYR C 519 -1.62 -21.76 9.09
N ARG C 520 -0.46 -21.11 9.11
CA ARG C 520 0.46 -21.17 10.24
C ARG C 520 0.82 -22.62 10.59
N ASP C 521 0.84 -23.48 9.57
CA ASP C 521 1.23 -24.87 9.75
C ASP C 521 1.75 -25.43 8.43
N HIS C 522 2.77 -24.77 7.89
CA HIS C 522 3.33 -25.19 6.60
C HIS C 522 3.93 -26.59 6.68
N LYS C 523 4.35 -27.02 7.88
CA LYS C 523 4.89 -28.37 8.00
C LYS C 523 3.82 -29.41 7.71
N ARG C 524 2.64 -29.27 8.32
CA ARG C 524 1.53 -30.18 8.04
C ARG C 524 1.18 -30.17 6.57
N TYR C 525 1.38 -29.03 5.90
CA TYR C 525 1.11 -28.93 4.46
C TYR C 525 2.09 -29.79 3.67
N LEU C 526 3.37 -29.76 4.03
CA LEU C 526 4.36 -30.54 3.30
C LEU C 526 4.28 -32.01 3.62
N GLU C 527 3.99 -32.36 4.88
CA GLU C 527 3.95 -33.75 5.28
C GLU C 527 2.70 -34.46 4.78
N THR C 528 1.63 -33.71 4.47
CA THR C 528 0.37 -34.32 4.05
C THR C 528 0.25 -34.47 2.54
N TYR C 529 0.99 -33.68 1.76
CA TYR C 529 0.81 -33.69 0.31
C TYR C 529 2.10 -33.81 -0.48
N MET C 530 3.24 -33.43 0.09
CA MET C 530 4.48 -33.32 -0.68
C MET C 530 5.53 -34.35 -0.29
N LYS C 531 5.53 -34.83 0.95
CA LYS C 531 6.57 -35.73 1.43
C LYS C 531 6.24 -37.20 1.23
N PRO C 532 4.97 -37.63 1.24
CA PRO C 532 4.70 -39.06 1.05
C PRO C 532 5.34 -39.64 -0.20
N TYR C 533 5.19 -38.97 -1.34
CA TYR C 533 5.79 -39.38 -2.61
C TYR C 533 6.60 -38.21 -3.14
N PRO C 534 7.84 -38.05 -2.65
CA PRO C 534 8.63 -36.87 -3.03
C PRO C 534 8.70 -36.68 -4.54
N GLY C 535 8.37 -35.46 -4.98
CA GLY C 535 8.34 -35.12 -6.39
C GLY C 535 6.95 -34.93 -6.94
N TYR C 536 5.91 -35.33 -6.22
CA TYR C 536 4.53 -35.22 -6.67
C TYR C 536 3.68 -34.61 -5.57
N PHE C 537 2.44 -34.30 -5.94
CA PHE C 537 1.39 -33.93 -5.00
C PHE C 537 0.52 -35.16 -4.76
N PHE C 538 0.23 -35.45 -3.50
CA PHE C 538 -0.48 -36.66 -3.10
C PHE C 538 -1.91 -36.30 -2.72
N PHE C 539 -2.85 -36.56 -3.63
CA PHE C 539 -4.26 -36.29 -3.36
C PHE C 539 -4.75 -37.04 -2.12
N GLY C 540 -4.35 -38.31 -1.99
CA GLY C 540 -4.91 -39.19 -0.98
C GLY C 540 -6.03 -40.07 -1.45
N ASP C 541 -6.16 -40.29 -2.76
CA ASP C 541 -7.25 -41.08 -3.34
C ASP C 541 -6.68 -42.28 -4.08
N GLY C 542 -7.47 -43.36 -4.10
CA GLY C 542 -7.18 -44.48 -4.98
C GLY C 542 -7.78 -44.20 -6.35
N ALA C 543 -6.99 -44.43 -7.39
CA ALA C 543 -7.41 -44.14 -8.75
C ALA C 543 -6.93 -45.24 -9.68
N ALA C 544 -7.56 -45.31 -10.85
CA ALA C 544 -7.20 -46.31 -11.85
C ALA C 544 -7.42 -45.72 -13.24
N ARG C 545 -6.56 -46.10 -14.17
CA ARG C 545 -6.64 -45.67 -15.56
C ARG C 545 -6.90 -46.90 -16.42
N ASP C 546 -8.10 -46.99 -16.98
CA ASP C 546 -8.52 -48.18 -17.71
C ASP C 546 -7.89 -48.21 -19.10
N TYR C 547 -8.29 -49.21 -19.88
CA TYR C 547 -7.64 -49.44 -21.18
C TYR C 547 -7.81 -48.26 -22.12
N ASP C 548 -8.93 -47.54 -22.04
CA ASP C 548 -9.18 -46.39 -22.90
C ASP C 548 -8.51 -45.12 -22.41
N GLY C 549 -7.80 -45.17 -21.28
CA GLY C 549 -7.18 -43.99 -20.71
C GLY C 549 -8.05 -43.22 -19.74
N TYR C 550 -9.31 -43.62 -19.56
CA TYR C 550 -10.18 -42.95 -18.61
C TYR C 550 -9.67 -43.15 -17.19
N MET C 551 -9.83 -42.12 -16.37
CA MET C 551 -9.48 -42.19 -14.96
C MET C 551 -10.70 -42.56 -14.13
N TRP C 552 -10.46 -43.33 -13.07
CA TRP C 552 -11.52 -43.77 -12.15
C TRP C 552 -11.06 -43.50 -10.73
N ILE C 553 -11.71 -42.55 -10.07
CA ILE C 553 -11.42 -42.23 -8.67
C ILE C 553 -12.29 -43.11 -7.79
N LYS C 554 -11.68 -44.04 -7.08
CA LYS C 554 -12.41 -45.09 -6.37
C LYS C 554 -12.37 -44.93 -4.85
N GLY C 555 -12.07 -43.75 -4.35
CA GLY C 555 -12.20 -43.45 -2.94
C GLY C 555 -10.87 -43.19 -2.26
N ARG C 556 -10.96 -42.81 -1.00
CA ARG C 556 -9.79 -42.44 -0.22
C ARG C 556 -8.88 -43.64 0.01
N VAL C 557 -7.57 -43.39 -0.01
CA VAL C 557 -6.60 -44.45 0.25
C VAL C 557 -6.82 -45.02 1.65
N ASP C 558 -7.07 -44.14 2.63
CA ASP C 558 -7.33 -44.61 3.99
C ASP C 558 -8.49 -45.59 4.05
N ASP C 559 -9.40 -45.55 3.08
CA ASP C 559 -10.56 -46.43 3.07
C ASP C 559 -10.31 -47.73 2.31
N VAL C 560 -9.14 -47.89 1.68
CA VAL C 560 -8.85 -49.11 0.97
C VAL C 560 -8.82 -50.28 1.95
N ILE C 561 -9.36 -51.42 1.52
CA ILE C 561 -9.38 -52.65 2.31
C ILE C 561 -8.48 -53.65 1.62
N ASN C 562 -7.68 -54.37 2.41
CA ASN C 562 -6.70 -55.33 1.88
C ASN C 562 -7.11 -56.73 2.34
N VAL C 563 -7.89 -57.41 1.51
CA VAL C 563 -8.39 -58.75 1.80
C VAL C 563 -7.50 -59.75 1.08
N SER C 564 -6.67 -60.48 1.83
CA SER C 564 -5.85 -61.56 1.29
C SER C 564 -4.97 -61.07 0.15
N GLY C 565 -4.38 -59.88 0.31
CA GLY C 565 -3.46 -59.34 -0.66
C GLY C 565 -4.10 -58.54 -1.77
N HIS C 566 -5.42 -58.54 -1.89
CA HIS C 566 -6.12 -57.77 -2.90
C HIS C 566 -6.65 -56.48 -2.29
N ARG C 567 -6.50 -55.38 -3.02
CA ARG C 567 -6.87 -54.06 -2.55
C ARG C 567 -8.27 -53.72 -3.06
N LEU C 568 -9.22 -53.57 -2.14
CA LEU C 568 -10.58 -53.20 -2.48
C LEU C 568 -10.79 -51.71 -2.25
N SER C 569 -11.44 -51.07 -3.23
CA SER C 569 -11.84 -49.68 -3.12
C SER C 569 -13.29 -49.60 -2.67
N THR C 570 -13.61 -48.60 -1.86
CA THR C 570 -14.96 -48.49 -1.31
C THR C 570 -15.98 -48.25 -2.43
N ALA C 571 -15.60 -47.48 -3.45
CA ALA C 571 -16.52 -47.23 -4.55
C ALA C 571 -16.90 -48.52 -5.26
N GLU C 572 -15.97 -49.48 -5.36
CA GLU C 572 -16.26 -50.74 -6.01
C GLU C 572 -17.38 -51.49 -5.29
N VAL C 573 -17.22 -51.73 -4.00
CA VAL C 573 -18.18 -52.55 -3.26
C VAL C 573 -19.50 -51.80 -3.09
N GLU C 574 -19.43 -50.52 -2.72
CA GLU C 574 -20.64 -49.75 -2.52
C GLU C 574 -21.48 -49.67 -3.78
N SER C 575 -20.83 -49.60 -4.95
CA SER C 575 -21.57 -49.57 -6.20
C SER C 575 -22.22 -50.92 -6.50
N ALA C 576 -21.62 -52.01 -6.02
CA ALA C 576 -22.24 -53.32 -6.20
C ALA C 576 -23.45 -53.49 -5.29
N LEU C 577 -23.33 -53.03 -4.04
CA LEU C 577 -24.44 -53.19 -3.09
C LEU C 577 -25.65 -52.38 -3.53
N ILE C 578 -25.45 -51.18 -4.07
CA ILE C 578 -26.58 -50.37 -4.50
C ILE C 578 -27.28 -50.97 -5.72
N LEU C 579 -26.61 -51.88 -6.45
CA LEU C 579 -27.25 -52.52 -7.58
C LEU C 579 -28.42 -53.40 -7.15
N HIS C 580 -28.48 -53.79 -5.88
CA HIS C 580 -29.58 -54.60 -5.37
C HIS C 580 -30.78 -53.71 -5.12
N LYS C 581 -31.93 -54.11 -5.64
CA LYS C 581 -33.15 -53.34 -5.46
C LYS C 581 -33.40 -53.05 -3.98
N GLY C 582 -33.83 -51.83 -3.69
CA GLY C 582 -34.14 -51.42 -2.33
C GLY C 582 -32.99 -50.79 -1.58
N VAL C 583 -31.76 -50.95 -2.05
CA VAL C 583 -30.60 -50.39 -1.36
C VAL C 583 -30.55 -48.90 -1.61
N ALA C 584 -30.62 -48.10 -0.55
CA ALA C 584 -30.60 -46.65 -0.67
C ALA C 584 -29.18 -46.09 -0.60
N GLU C 585 -28.36 -46.56 0.34
CA GLU C 585 -27.03 -46.02 0.52
C GLU C 585 -26.23 -46.98 1.39
N THR C 586 -25.00 -47.28 0.98
CA THR C 586 -24.14 -48.21 1.69
C THR C 586 -22.78 -47.57 1.94
N ALA C 587 -22.06 -48.14 2.91
CA ALA C 587 -20.71 -47.72 3.22
C ALA C 587 -19.95 -48.92 3.77
N VAL C 588 -18.82 -49.25 3.15
CA VAL C 588 -18.02 -50.41 3.53
C VAL C 588 -16.72 -49.95 4.15
N VAL C 589 -16.25 -50.72 5.13
CA VAL C 589 -15.01 -50.44 5.83
C VAL C 589 -14.30 -51.76 6.10
N GLY C 590 -13.02 -51.66 6.44
CA GLY C 590 -12.23 -52.83 6.75
C GLY C 590 -11.91 -52.95 8.22
N CYS C 591 -11.50 -54.14 8.65
CA CYS C 591 -11.06 -54.36 10.02
C CYS C 591 -10.21 -55.61 10.07
N ALA C 592 -9.43 -55.73 11.14
CA ALA C 592 -8.45 -56.80 11.24
C ALA C 592 -9.13 -58.17 11.22
N ASP C 593 -8.65 -59.04 10.34
CA ASP C 593 -9.07 -60.43 10.29
C ASP C 593 -7.81 -61.30 10.30
N ASP C 594 -7.88 -62.43 11.00
CA ASP C 594 -6.70 -63.26 11.20
C ASP C 594 -6.36 -64.07 9.95
N LEU C 595 -7.37 -64.59 9.25
CA LEU C 595 -7.12 -65.40 8.06
C LEU C 595 -6.80 -64.53 6.85
N THR C 596 -7.70 -63.61 6.51
CA THR C 596 -7.57 -62.77 5.32
C THR C 596 -6.83 -61.46 5.59
N GLY C 597 -6.33 -61.24 6.80
CA GLY C 597 -5.69 -59.98 7.13
C GLY C 597 -6.71 -58.90 7.47
N GLN C 598 -7.54 -58.53 6.51
CA GLN C 598 -8.65 -57.63 6.73
C GLN C 598 -9.93 -58.28 6.22
N ALA C 599 -11.04 -57.97 6.88
CA ALA C 599 -12.35 -58.45 6.49
C ALA C 599 -13.24 -57.26 6.15
N VAL C 600 -14.07 -57.41 5.13
CA VAL C 600 -14.96 -56.35 4.69
C VAL C 600 -16.21 -56.35 5.56
N TYR C 601 -16.62 -55.15 5.98
CA TYR C 601 -17.86 -54.95 6.71
C TYR C 601 -18.66 -53.87 5.99
N ALA C 602 -19.97 -54.07 5.90
CA ALA C 602 -20.84 -53.19 5.13
C ALA C 602 -21.99 -52.69 6.00
N PHE C 603 -22.29 -51.40 5.86
CA PHE C 603 -23.44 -50.77 6.51
C PHE C 603 -24.39 -50.31 5.42
N VAL C 604 -25.56 -50.93 5.36
CA VAL C 604 -26.49 -50.75 4.25
C VAL C 604 -27.75 -50.08 4.76
N THR C 605 -28.17 -49.01 4.08
CA THR C 605 -29.40 -48.31 4.37
C THR C 605 -30.44 -48.68 3.31
N MET C 606 -31.53 -49.30 3.73
CA MET C 606 -32.61 -49.65 2.82
C MET C 606 -33.61 -48.49 2.74
N LYS C 607 -34.24 -48.38 1.57
CA LYS C 607 -35.28 -47.38 1.36
C LYS C 607 -36.45 -47.66 2.30
N PRO C 608 -37.43 -46.74 2.40
CA PRO C 608 -38.61 -47.05 3.22
C PRO C 608 -39.53 -48.09 2.61
N GLU C 609 -39.62 -48.17 1.28
CA GLU C 609 -40.52 -49.13 0.66
C GLU C 609 -40.13 -50.58 0.95
N PHE C 610 -38.94 -50.82 1.49
CA PHE C 610 -38.49 -52.17 1.80
C PHE C 610 -38.98 -52.53 3.20
N ASP C 611 -40.00 -53.39 3.27
CA ASP C 611 -40.54 -53.84 4.55
C ASP C 611 -39.57 -54.83 5.17
N LEU C 612 -38.81 -54.37 6.16
CA LEU C 612 -37.84 -55.23 6.82
C LEU C 612 -38.49 -56.21 7.79
N LYS C 613 -39.76 -56.01 8.13
CA LYS C 613 -40.47 -56.99 8.95
C LYS C 613 -40.88 -58.21 8.12
N ALA C 614 -41.34 -57.97 6.89
CA ALA C 614 -41.72 -59.08 6.02
C ALA C 614 -40.50 -59.88 5.60
N THR C 615 -39.42 -59.21 5.24
CA THR C 615 -38.19 -59.87 4.81
C THR C 615 -37.24 -60.04 5.99
N LYS C 616 -36.64 -61.22 6.09
CA LYS C 616 -35.65 -61.48 7.12
C LYS C 616 -34.38 -60.68 6.83
N GLU C 617 -33.85 -60.01 7.85
CA GLU C 617 -32.56 -59.34 7.67
C GLU C 617 -31.47 -60.34 7.34
N ALA C 618 -31.57 -61.56 7.87
CA ALA C 618 -30.57 -62.59 7.57
C ALA C 618 -30.58 -62.94 6.08
N ASP C 619 -31.78 -62.99 5.48
CA ASP C 619 -31.87 -63.31 4.06
C ASP C 619 -31.42 -62.16 3.18
N LEU C 620 -31.66 -60.92 3.61
CA LEU C 620 -31.26 -59.77 2.81
C LEU C 620 -29.73 -59.66 2.74
N SER C 621 -29.04 -59.98 3.82
CA SER C 621 -27.58 -59.83 3.83
C SER C 621 -26.90 -60.89 2.97
N LYS C 622 -27.52 -62.07 2.84
CA LYS C 622 -26.93 -63.11 1.99
C LYS C 622 -27.06 -62.75 0.52
N GLU C 623 -28.22 -62.23 0.12
CA GLU C 623 -28.38 -61.78 -1.27
C GLU C 623 -27.44 -60.64 -1.60
N LEU C 624 -27.14 -59.79 -0.63
CA LEU C 624 -26.19 -58.70 -0.87
C LEU C 624 -24.77 -59.22 -1.01
N ALA C 625 -24.42 -60.23 -0.21
CA ALA C 625 -23.09 -60.83 -0.33
C ALA C 625 -22.88 -61.46 -1.70
N ILE C 626 -23.88 -62.21 -2.18
CA ILE C 626 -23.79 -62.81 -3.51
C ILE C 626 -23.57 -61.74 -4.56
N GLN C 627 -24.35 -60.65 -4.48
CA GLN C 627 -24.21 -59.56 -5.44
C GLN C 627 -22.77 -59.06 -5.48
N VAL C 628 -22.07 -59.07 -4.36
CA VAL C 628 -20.66 -58.68 -4.35
C VAL C 628 -19.79 -59.78 -4.95
N ARG C 629 -20.08 -61.04 -4.63
CA ARG C 629 -19.31 -62.14 -5.21
C ARG C 629 -19.51 -62.22 -6.73
N LYS C 630 -20.66 -61.78 -7.22
CA LYS C 630 -20.97 -61.93 -8.63
C LYS C 630 -20.21 -60.93 -9.49
N VAL C 631 -20.25 -59.65 -9.11
CA VAL C 631 -19.71 -58.59 -9.97
C VAL C 631 -18.31 -58.14 -9.57
N ILE C 632 -17.80 -58.58 -8.42
CA ILE C 632 -16.47 -58.17 -7.97
C ILE C 632 -15.59 -59.39 -7.80
N GLY C 633 -15.93 -60.23 -6.82
CA GLY C 633 -15.17 -61.43 -6.57
C GLY C 633 -15.49 -62.03 -5.22
N PRO C 634 -15.18 -63.32 -5.04
CA PRO C 634 -15.49 -63.97 -3.75
C PRO C 634 -14.66 -63.45 -2.58
N PHE C 635 -13.64 -62.62 -2.83
CA PHE C 635 -12.86 -62.04 -1.75
C PHE C 635 -13.48 -60.75 -1.21
N ALA C 636 -14.34 -60.10 -1.98
CA ALA C 636 -14.91 -58.82 -1.60
C ALA C 636 -16.22 -58.94 -0.82
N ALA C 637 -16.75 -60.15 -0.67
CA ALA C 637 -18.00 -60.31 0.04
C ALA C 637 -17.85 -59.82 1.48
N PRO C 638 -18.85 -59.12 2.03
CA PRO C 638 -18.75 -58.68 3.43
C PRO C 638 -18.83 -59.88 4.38
N LYS C 639 -17.90 -59.91 5.34
CA LYS C 639 -17.98 -60.91 6.40
C LYS C 639 -19.18 -60.65 7.30
N LYS C 640 -19.60 -59.40 7.42
CA LYS C 640 -20.78 -59.05 8.21
C LYS C 640 -21.42 -57.82 7.59
N ILE C 641 -22.75 -57.78 7.61
CA ILE C 641 -23.52 -56.66 7.06
C ILE C 641 -24.45 -56.14 8.16
N TYR C 642 -24.56 -54.82 8.24
CA TYR C 642 -25.34 -54.16 9.27
C TYR C 642 -26.35 -53.23 8.62
N LEU C 643 -27.63 -53.50 8.84
CA LEU C 643 -28.71 -52.68 8.30
C LEU C 643 -29.00 -51.53 9.25
N VAL C 644 -28.82 -50.30 8.76
CA VAL C 644 -28.95 -49.11 9.60
C VAL C 644 -29.85 -48.10 8.89
N SER C 645 -30.51 -47.26 9.70
CA SER C 645 -31.42 -46.26 9.14
C SER C 645 -30.66 -45.21 8.34
N ASP C 646 -29.49 -44.79 8.83
CA ASP C 646 -28.71 -43.76 8.16
C ASP C 646 -27.25 -43.97 8.50
N LEU C 647 -26.37 -43.37 7.66
CA LEU C 647 -24.93 -43.42 7.87
C LEU C 647 -24.43 -42.09 8.40
N PRO C 648 -23.39 -42.08 9.24
CA PRO C 648 -22.81 -40.81 9.69
C PRO C 648 -22.15 -40.07 8.54
N LYS C 649 -22.68 -38.90 8.22
CA LYS C 649 -22.20 -38.08 7.12
C LYS C 649 -21.82 -36.69 7.64
N THR C 650 -21.09 -35.95 6.81
CA THR C 650 -20.74 -34.57 7.11
C THR C 650 -21.72 -33.61 6.44
N ARG C 651 -21.55 -32.33 6.75
CA ARG C 651 -22.42 -31.30 6.21
C ARG C 651 -22.22 -31.17 4.71
N ILE C 655 -19.45 -39.14 3.59
CA ILE C 655 -19.68 -40.24 4.50
C ILE C 655 -18.44 -40.48 5.35
N MET C 656 -18.63 -40.57 6.67
CA MET C 656 -17.52 -40.71 7.61
C MET C 656 -17.24 -42.20 7.84
N ARG C 657 -16.56 -42.80 6.86
CA ARG C 657 -16.22 -44.22 6.97
C ARG C 657 -15.24 -44.47 8.12
N ARG C 658 -14.46 -43.46 8.50
CA ARG C 658 -13.52 -43.65 9.59
C ARG C 658 -14.24 -43.97 10.89
N VAL C 659 -15.38 -43.31 11.14
CA VAL C 659 -16.17 -43.61 12.33
C VAL C 659 -16.56 -45.09 12.35
N LEU C 660 -17.17 -45.55 11.25
CA LEU C 660 -17.61 -46.95 11.19
C LEU C 660 -16.46 -47.90 11.45
N ARG C 661 -15.27 -47.59 10.90
CA ARG C 661 -14.13 -48.49 11.05
C ARG C 661 -13.70 -48.58 12.50
N LYS C 662 -13.58 -47.43 13.18
CA LYS C 662 -13.20 -47.45 14.59
C LYS C 662 -14.23 -48.20 15.43
N ILE C 663 -15.51 -48.02 15.12
CA ILE C 663 -16.56 -48.70 15.89
C ILE C 663 -16.42 -50.21 15.77
N VAL C 664 -16.31 -50.70 14.53
CA VAL C 664 -16.16 -52.14 14.32
C VAL C 664 -14.91 -52.65 15.03
N ALA C 665 -13.82 -51.89 14.97
CA ALA C 665 -12.57 -52.31 15.58
C ALA C 665 -12.63 -52.34 17.10
N GLY C 666 -13.68 -51.79 17.71
CA GLY C 666 -13.78 -51.73 19.15
C GLY C 666 -13.05 -50.56 19.76
N GLU C 667 -13.19 -49.38 19.16
CA GLU C 667 -12.51 -48.17 19.61
C GLU C 667 -13.49 -47.01 19.71
N GLY C 668 -14.73 -47.30 20.11
CA GLY C 668 -15.76 -46.29 20.21
C GLY C 668 -15.42 -45.17 21.18
N ILE C 682 -27.04 -40.49 14.44
CA ILE C 682 -27.03 -41.80 13.83
C ILE C 682 -25.91 -42.66 14.41
N VAL C 683 -25.00 -42.02 15.16
CA VAL C 683 -23.87 -42.75 15.70
C VAL C 683 -24.29 -43.62 16.87
N GLU C 684 -25.20 -43.12 17.71
CA GLU C 684 -25.75 -43.95 18.79
C GLU C 684 -26.40 -45.21 18.24
N GLU C 685 -26.96 -45.13 17.02
CA GLU C 685 -27.59 -46.30 16.42
C GLU C 685 -26.55 -47.32 15.96
N VAL C 686 -25.55 -46.87 15.20
CA VAL C 686 -24.54 -47.79 14.68
C VAL C 686 -23.81 -48.46 15.83
N LYS C 687 -23.53 -47.71 16.90
CA LYS C 687 -22.84 -48.31 18.05
C LYS C 687 -23.64 -49.46 18.65
N GLN C 688 -24.96 -49.42 18.54
CA GLN C 688 -25.82 -50.43 19.16
C GLN C 688 -26.03 -51.63 18.25
N LYS C 689 -26.29 -51.41 16.96
CA LYS C 689 -26.57 -52.52 16.05
C LYS C 689 -25.39 -53.47 15.91
N VAL C 690 -24.18 -52.99 16.17
CA VAL C 690 -23.00 -53.85 16.02
C VAL C 690 -22.77 -54.70 17.26
N THR C 691 -23.21 -54.23 18.42
CA THR C 691 -23.02 -54.96 19.67
C THR C 691 -24.09 -56.03 19.86
O2' WPO D . -27.16 29.28 -0.46
C2' WPO D . -26.12 29.28 -1.43
C1' WPO D . -25.04 30.28 -1.04
O4' WPO D . -24.09 29.57 -0.23
C4' WPO D . -24.53 28.21 -0.10
C5' WPO D . -23.36 27.29 0.11
O5' WPO D . -22.79 27.51 1.41
P WPO D . -21.29 26.97 1.55
O1P WPO D . -20.74 27.43 2.85
O2P WPO D . -21.26 25.53 1.19
O3P WPO D . -20.68 27.81 0.34
C1P WPO D . -19.40 27.45 -0.20
C2P WPO D . -19.37 27.93 -1.61
C3P WPO D . -19.58 29.17 -1.96
C3' WPO D . -25.34 27.97 -1.37
O3' WPO D . -26.10 26.78 -1.25
N9 WPO D . -24.33 30.85 -2.19
C8 WPO D . -23.02 30.61 -2.54
N7 WPO D . -22.64 31.26 -3.62
C5 WPO D . -23.77 31.97 -4.00
C4 WPO D . -24.82 31.73 -3.12
N3 WPO D . -26.05 32.25 -3.20
C2 WPO D . -26.17 33.06 -4.24
N1 WPO D . -25.26 33.38 -5.16
C6 WPO D . -24.02 32.85 -5.07
N6 WPO D . -23.11 33.18 -5.99
O2' WPO E . 38.31 8.81 7.27
C2' WPO E . 37.98 8.05 6.13
C1' WPO E . 38.36 6.59 6.34
O4' WPO E . 37.23 5.95 6.94
C4' WPO E . 36.14 6.88 7.01
C5' WPO E . 34.82 6.17 6.80
O5' WPO E . 34.56 5.28 7.91
P WPO E . 33.34 4.27 7.64
O1P WPO E . 33.23 3.35 8.79
O2P WPO E . 32.16 5.07 7.21
O3P WPO E . 33.93 3.52 6.35
C1P WPO E . 33.04 2.74 5.55
C2P WPO E . 33.71 2.38 4.28
C3P WPO E . 34.92 2.73 3.95
C3' WPO E . 36.47 7.94 5.95
O3' WPO E . 35.72 9.12 6.20
N9 WPO E . 38.66 5.86 5.10
C8 WPO E . 37.92 4.85 4.54
N7 WPO E . 38.44 4.38 3.42
C5 WPO E . 39.60 5.12 3.25
C4 WPO E . 39.74 6.04 4.27
N3 WPO E . 40.75 6.92 4.41
C2 WPO E . 41.62 6.81 3.41
N1 WPO E . 41.60 5.98 2.36
C6 WPO E . 40.58 5.10 2.25
N6 WPO E . 40.56 4.28 1.21
O2' WPO F . -11.68 -38.34 -2.18
C2' WPO F . -11.99 -37.41 -3.19
C1' WPO F . -13.46 -37.00 -3.08
O4' WPO F . -13.51 -35.87 -2.23
C4' WPO F . -12.17 -35.53 -1.81
C5' WPO F . -12.06 -34.04 -1.56
O5' WPO F . -12.95 -33.66 -0.49
P WPO F . -13.26 -32.10 -0.46
O1P WPO F . -11.97 -31.36 -0.46
O2P WPO F . -14.27 -31.82 0.60
O3P WPO F . -13.92 -31.97 -1.91
C1P WPO F . -14.07 -30.69 -2.50
C2P WPO F . -14.22 -30.84 -3.98
C3P WPO F . -15.11 -31.57 -4.56
C3' WPO F . -11.30 -36.07 -2.94
O3' WPO F . -9.94 -36.14 -2.54
N9 WPO F . -14.08 -36.63 -4.36
C8 WPO F . -14.50 -35.38 -4.75
N7 WPO F . -15.01 -35.34 -5.95
C5 WPO F . -14.93 -36.66 -6.39
C4 WPO F . -14.35 -37.46 -5.42
N3 WPO F . -14.11 -38.77 -5.51
C2 WPO F . -14.52 -39.25 -6.69
N1 WPO F . -15.08 -38.61 -7.71
C6 WPO F . -15.31 -37.27 -7.60
N6 WPO F . -15.87 -36.63 -8.61
#